data_2LPE
#
_entry.id   2LPE
#
_entity_poly.entity_id   1
_entity_poly.type   'polypeptide(L)'
_entity_poly.pdbx_seq_one_letter_code
;GHMDGGAGAAVSRALQQCGQLQKLIDISIGSLRGLRTKCSVSNDLTQQEIRTLEAKLVKYICKQQQSKLSVTPSDRTAEL
NSYPRFSDWLYIFNVRPEVVQEIPQELTLDALLEMDEAKAKEMLRRWGASTEECSRLQQALTCLRKVTG
;
_entity_poly.pdbx_strand_id   A
#
# COMPACT_ATOMS: atom_id res chain seq x y z
N GLY A 1 20.65 3.92 -4.18
CA GLY A 1 22.07 4.25 -4.28
C GLY A 1 22.29 5.75 -4.41
N HIS A 2 21.57 6.53 -3.64
CA HIS A 2 21.67 7.98 -3.67
C HIS A 2 21.37 8.55 -2.30
N MET A 3 22.38 8.50 -1.44
CA MET A 3 22.35 8.96 -0.03
C MET A 3 21.86 7.87 0.92
N ASP A 4 21.34 6.82 0.36
CA ASP A 4 20.95 5.66 1.13
C ASP A 4 22.16 4.80 1.37
N GLY A 5 22.15 4.12 2.47
CA GLY A 5 23.31 3.34 2.85
C GLY A 5 23.44 3.34 4.33
N GLY A 6 22.85 4.34 4.94
CA GLY A 6 22.80 4.41 6.36
C GLY A 6 21.55 5.09 6.82
N ALA A 7 20.61 4.33 7.31
CA ALA A 7 19.40 4.90 7.83
C ALA A 7 19.57 5.36 9.28
N GLY A 8 20.28 6.45 9.43
CA GLY A 8 20.45 7.05 10.73
C GLY A 8 19.50 8.20 10.90
N ALA A 9 20.00 9.40 10.72
CA ALA A 9 19.20 10.62 10.84
C ALA A 9 18.31 10.82 9.62
N ALA A 10 18.29 9.84 8.76
CA ALA A 10 17.47 9.87 7.59
C ALA A 10 16.21 9.04 7.77
N VAL A 11 16.25 8.08 8.70
CA VAL A 11 15.13 7.14 8.90
C VAL A 11 13.88 7.86 9.43
N SER A 12 14.07 8.97 10.10
CA SER A 12 12.99 9.71 10.73
C SER A 12 11.89 10.11 9.73
N ARG A 13 12.27 10.32 8.50
CA ARG A 13 11.34 10.79 7.48
C ARG A 13 10.53 9.62 6.94
N ALA A 14 10.88 8.44 7.33
CA ALA A 14 10.14 7.30 6.92
C ALA A 14 9.53 6.61 8.13
N LEU A 15 10.00 6.97 9.31
CA LEU A 15 9.67 6.24 10.53
C LEU A 15 8.66 7.02 11.37
N GLN A 16 8.79 8.34 11.40
CA GLN A 16 7.79 9.15 12.13
C GLN A 16 6.41 8.96 11.50
N GLN A 17 6.45 8.74 10.24
CA GLN A 17 5.31 8.61 9.39
C GLN A 17 4.96 7.16 9.22
N CYS A 18 5.59 6.35 9.98
CA CYS A 18 5.36 4.94 9.96
C CYS A 18 4.34 4.60 11.02
N GLY A 19 4.26 5.46 12.04
CA GLY A 19 3.38 5.15 13.14
C GLY A 19 3.16 6.31 14.06
N GLN A 20 4.24 6.99 14.41
CA GLN A 20 4.23 8.11 15.33
C GLN A 20 3.20 9.16 14.96
N LEU A 21 3.22 9.61 13.72
CA LEU A 21 2.25 10.63 13.31
C LEU A 21 0.85 10.06 13.17
N GLN A 22 0.75 9.01 12.37
CA GLN A 22 -0.50 8.25 12.07
C GLN A 22 -1.69 9.10 11.70
N LYS A 23 -1.42 10.17 11.11
CA LYS A 23 -2.47 11.02 10.63
C LYS A 23 -2.58 10.85 9.14
N LEU A 24 -1.47 10.76 8.55
CA LEU A 24 -1.33 10.74 7.13
C LEU A 24 -1.91 9.47 6.53
N ILE A 25 -1.66 8.36 7.16
CA ILE A 25 -2.14 7.10 6.66
C ILE A 25 -3.53 6.81 7.19
N ASP A 26 -3.71 7.04 8.45
CA ASP A 26 -4.94 6.59 9.14
C ASP A 26 -6.07 7.53 8.93
N ILE A 27 -5.80 8.77 9.13
CA ILE A 27 -6.80 9.81 9.02
C ILE A 27 -7.24 9.94 7.57
N SER A 28 -6.28 9.85 6.64
CA SER A 28 -6.62 9.88 5.24
C SER A 28 -7.42 8.62 4.88
N ILE A 29 -7.03 7.48 5.45
CA ILE A 29 -7.66 6.22 5.11
C ILE A 29 -9.00 6.10 5.79
N GLY A 30 -9.19 6.81 6.89
CA GLY A 30 -10.44 6.80 7.63
C GLY A 30 -11.58 7.26 6.77
N SER A 31 -11.29 8.19 5.91
CA SER A 31 -12.24 8.74 4.99
C SER A 31 -12.73 7.65 4.01
N LEU A 32 -11.79 6.89 3.43
CA LEU A 32 -12.15 5.80 2.56
C LEU A 32 -12.66 4.61 3.34
N ARG A 33 -12.17 4.45 4.55
CA ARG A 33 -12.59 3.39 5.45
C ARG A 33 -14.09 3.50 5.69
N GLY A 34 -14.55 4.74 5.80
CA GLY A 34 -15.96 4.99 5.88
C GLY A 34 -16.62 4.70 4.54
N LEU A 35 -16.05 5.24 3.48
CA LEU A 35 -16.60 5.13 2.10
C LEU A 35 -16.74 3.68 1.61
N ARG A 36 -15.83 2.78 2.03
CA ARG A 36 -15.87 1.37 1.63
C ARG A 36 -17.21 0.72 2.09
N THR A 37 -17.71 1.18 3.22
CA THR A 37 -18.93 0.66 3.79
C THR A 37 -20.12 1.62 3.58
N LYS A 38 -19.91 2.88 3.85
CA LYS A 38 -20.94 3.89 3.77
C LYS A 38 -20.69 4.73 2.53
N CYS A 39 -21.39 4.45 1.46
CA CYS A 39 -21.18 5.16 0.23
C CYS A 39 -22.23 6.24 -0.03
N SER A 40 -23.13 6.44 0.91
CA SER A 40 -24.10 7.49 0.78
C SER A 40 -23.53 8.76 1.43
N VAL A 41 -23.03 9.66 0.63
CA VAL A 41 -22.44 10.88 1.11
C VAL A 41 -23.07 12.04 0.36
N SER A 42 -23.43 13.06 1.06
CA SER A 42 -24.04 14.22 0.45
C SER A 42 -23.00 15.26 0.02
N ASN A 43 -21.74 14.94 0.26
CA ASN A 43 -20.66 15.87 -0.01
C ASN A 43 -19.77 15.35 -1.12
N ASP A 44 -20.08 15.82 -2.32
CA ASP A 44 -19.42 15.45 -3.59
C ASP A 44 -17.97 15.75 -3.55
N LEU A 45 -17.63 16.91 -3.04
CA LEU A 45 -16.26 17.37 -3.07
C LEU A 45 -15.39 16.50 -2.19
N THR A 46 -16.00 15.85 -1.22
CA THR A 46 -15.33 14.97 -0.33
C THR A 46 -15.06 13.65 -1.01
N GLN A 47 -15.92 13.28 -1.96
CA GLN A 47 -15.70 12.09 -2.77
C GLN A 47 -14.41 12.27 -3.54
N GLN A 48 -14.17 13.52 -3.90
CA GLN A 48 -12.98 13.90 -4.63
C GLN A 48 -11.80 14.03 -3.67
N GLU A 49 -12.06 14.53 -2.46
CA GLU A 49 -11.03 14.60 -1.42
C GLU A 49 -10.55 13.20 -1.12
N ILE A 50 -11.50 12.28 -0.88
CA ILE A 50 -11.21 10.89 -0.62
C ILE A 50 -10.42 10.28 -1.76
N ARG A 51 -10.81 10.62 -2.99
CA ARG A 51 -10.13 10.15 -4.20
C ARG A 51 -8.65 10.54 -4.15
N THR A 52 -8.41 11.72 -3.61
CA THR A 52 -7.06 12.22 -3.45
C THR A 52 -6.38 11.46 -2.31
N LEU A 53 -7.10 11.30 -1.20
CA LEU A 53 -6.58 10.66 0.00
C LEU A 53 -6.10 9.27 -0.27
N GLU A 54 -6.84 8.55 -1.10
CA GLU A 54 -6.47 7.20 -1.52
C GLU A 54 -5.12 7.23 -2.23
N ALA A 55 -5.03 8.01 -3.29
CA ALA A 55 -3.81 8.12 -4.08
C ALA A 55 -2.65 8.63 -3.21
N LYS A 56 -2.98 9.55 -2.32
CA LYS A 56 -2.02 10.17 -1.41
C LYS A 56 -1.47 9.15 -0.41
N LEU A 57 -2.32 8.27 0.06
CA LEU A 57 -1.97 7.25 1.02
C LEU A 57 -0.89 6.31 0.51
N VAL A 58 -0.89 6.06 -0.78
CA VAL A 58 0.13 5.21 -1.40
C VAL A 58 1.53 5.83 -1.17
N LYS A 59 1.56 7.15 -1.11
CA LYS A 59 2.82 7.89 -0.89
C LYS A 59 3.26 7.76 0.55
N TYR A 60 2.42 7.21 1.39
CA TYR A 60 2.74 7.09 2.76
C TYR A 60 3.07 5.69 3.09
N ILE A 61 2.42 4.77 2.44
CA ILE A 61 2.67 3.39 2.71
C ILE A 61 3.82 2.85 1.86
N CYS A 62 3.91 3.30 0.63
CA CYS A 62 4.93 2.81 -0.27
C CYS A 62 6.13 3.76 -0.30
N LYS A 63 6.16 4.70 0.63
CA LYS A 63 7.27 5.64 0.70
C LYS A 63 8.54 4.97 1.14
N GLN A 64 8.44 3.80 1.66
CA GLN A 64 9.59 3.13 2.19
C GLN A 64 10.32 2.31 1.12
N GLN A 65 9.80 2.35 -0.08
CA GLN A 65 10.43 1.75 -1.23
C GLN A 65 10.69 2.84 -2.27
N GLN A 66 10.25 4.04 -1.93
CA GLN A 66 10.42 5.23 -2.78
C GLN A 66 11.42 6.17 -2.13
N SER A 67 11.20 6.43 -0.88
CA SER A 67 12.03 7.28 -0.08
C SER A 67 13.09 6.43 0.63
N LYS A 68 13.20 5.17 0.17
CA LYS A 68 14.28 4.26 0.59
C LYS A 68 15.62 4.78 0.03
N LEU A 69 15.53 5.80 -0.79
CA LEU A 69 16.66 6.48 -1.34
C LEU A 69 17.36 7.30 -0.26
N SER A 70 16.70 7.53 0.85
CA SER A 70 17.35 8.21 1.93
C SER A 70 17.49 7.25 3.10
N VAL A 71 16.63 6.28 3.16
CA VAL A 71 16.60 5.30 4.23
C VAL A 71 16.85 3.97 3.61
N THR A 72 17.95 3.35 3.94
CA THR A 72 18.36 2.15 3.29
C THR A 72 17.30 1.05 3.41
N PRO A 73 16.90 0.42 2.29
CA PRO A 73 15.93 -0.68 2.29
C PRO A 73 16.45 -1.88 3.08
N SER A 74 17.75 -1.91 3.25
CA SER A 74 18.42 -2.97 3.96
C SER A 74 18.50 -2.64 5.44
N ASP A 75 18.06 -1.45 5.80
CA ASP A 75 18.08 -1.03 7.17
C ASP A 75 16.69 -0.86 7.67
N ARG A 76 16.06 0.25 7.20
CA ARG A 76 14.80 0.76 7.62
C ARG A 76 14.38 0.40 9.05
N THR A 77 13.74 -0.70 9.15
CA THR A 77 13.36 -1.40 10.42
C THR A 77 12.57 -2.60 10.01
N ALA A 78 12.33 -3.52 10.92
CA ALA A 78 11.50 -4.67 10.61
C ALA A 78 10.11 -4.18 10.26
N GLU A 79 9.66 -3.15 10.96
CA GLU A 79 8.37 -2.54 10.73
C GLU A 79 8.33 -1.89 9.35
N LEU A 80 9.35 -1.10 9.02
CA LEU A 80 9.41 -0.46 7.70
C LEU A 80 9.48 -1.51 6.59
N ASN A 81 10.18 -2.62 6.84
CA ASN A 81 10.22 -3.76 5.90
C ASN A 81 8.89 -4.52 5.83
N SER A 82 7.98 -4.20 6.74
CA SER A 82 6.68 -4.84 6.74
C SER A 82 5.70 -3.99 5.91
N TYR A 83 6.12 -2.80 5.58
CA TYR A 83 5.33 -1.96 4.74
C TYR A 83 5.64 -2.15 3.27
N PRO A 84 4.69 -1.78 2.40
CA PRO A 84 3.38 -1.36 2.81
C PRO A 84 2.57 -2.55 3.27
N ARG A 85 1.79 -2.35 4.29
CA ARG A 85 1.05 -3.43 4.82
C ARG A 85 -0.05 -3.77 3.91
N PHE A 86 -0.20 -5.04 3.58
CA PHE A 86 -1.16 -5.50 2.60
C PHE A 86 -2.55 -5.02 3.01
N SER A 87 -2.84 -5.16 4.29
CA SER A 87 -4.09 -4.74 4.89
C SER A 87 -4.32 -3.24 4.71
N ASP A 88 -3.25 -2.48 4.82
CA ASP A 88 -3.33 -1.02 4.71
C ASP A 88 -2.99 -0.56 3.30
N TRP A 89 -2.89 -1.51 2.40
CA TRP A 89 -2.52 -1.25 1.02
C TRP A 89 -3.65 -1.60 0.10
N LEU A 90 -4.18 -2.81 0.22
CA LEU A 90 -5.24 -3.21 -0.64
C LEU A 90 -6.53 -2.47 -0.35
N TYR A 91 -6.54 -1.78 0.74
CA TYR A 91 -7.71 -1.08 1.19
C TYR A 91 -7.78 0.27 0.47
N ILE A 92 -6.63 0.69 -0.05
CA ILE A 92 -6.48 1.96 -0.72
C ILE A 92 -7.19 1.92 -2.09
N PHE A 93 -7.05 0.80 -2.79
CA PHE A 93 -7.64 0.68 -4.13
C PHE A 93 -8.75 -0.36 -4.15
N ASN A 94 -8.89 -1.08 -3.05
CA ASN A 94 -9.77 -2.25 -2.96
C ASN A 94 -9.29 -3.38 -3.84
N VAL A 95 -8.43 -4.20 -3.29
CA VAL A 95 -7.89 -5.34 -4.01
C VAL A 95 -8.56 -6.60 -3.49
N ARG A 96 -9.84 -6.45 -3.24
CA ARG A 96 -10.68 -7.51 -2.74
C ARG A 96 -10.08 -8.14 -1.46
N PRO A 97 -10.34 -7.54 -0.29
CA PRO A 97 -9.80 -8.09 0.97
C PRO A 97 -10.42 -9.47 1.25
N GLU A 98 -11.53 -9.71 0.56
CA GLU A 98 -12.28 -10.96 0.55
C GLU A 98 -11.36 -12.07 -0.01
N VAL A 99 -10.52 -11.68 -0.94
CA VAL A 99 -9.62 -12.55 -1.66
C VAL A 99 -8.32 -12.72 -0.90
N VAL A 100 -7.85 -11.63 -0.34
CA VAL A 100 -6.64 -11.64 0.44
C VAL A 100 -6.75 -12.49 1.72
N GLN A 101 -7.94 -12.64 2.21
CA GLN A 101 -8.19 -13.50 3.36
C GLN A 101 -8.06 -14.98 3.00
N GLU A 102 -7.96 -15.28 1.73
CA GLU A 102 -7.78 -16.64 1.28
C GLU A 102 -6.28 -16.94 1.14
N ILE A 103 -5.48 -15.89 1.14
CA ILE A 103 -4.04 -16.02 0.97
C ILE A 103 -3.44 -16.62 2.27
N PRO A 104 -2.46 -17.54 2.18
CA PRO A 104 -1.77 -18.05 3.34
C PRO A 104 -1.01 -16.91 4.01
N GLN A 105 -0.95 -16.92 5.32
CA GLN A 105 -0.36 -15.83 6.12
C GLN A 105 1.12 -15.54 5.79
N GLU A 106 1.83 -16.54 5.31
CA GLU A 106 3.22 -16.37 4.92
C GLU A 106 3.32 -15.51 3.66
N LEU A 107 2.29 -15.53 2.86
CA LEU A 107 2.28 -14.79 1.65
C LEU A 107 1.50 -13.54 1.90
N THR A 108 2.12 -12.46 1.72
CA THR A 108 1.51 -11.20 1.95
C THR A 108 1.97 -10.30 0.81
N LEU A 109 1.73 -9.00 0.93
CA LEU A 109 2.14 -8.04 -0.10
C LEU A 109 3.64 -8.07 -0.27
N ASP A 110 4.28 -8.41 0.83
CA ASP A 110 5.71 -8.63 0.98
C ASP A 110 6.20 -9.55 -0.16
N ALA A 111 5.40 -10.56 -0.44
CA ALA A 111 5.71 -11.57 -1.44
C ALA A 111 5.03 -11.26 -2.76
N LEU A 112 3.98 -10.48 -2.69
CA LEU A 112 3.24 -10.09 -3.87
C LEU A 112 4.05 -9.11 -4.72
N LEU A 113 4.74 -8.19 -4.04
CA LEU A 113 5.60 -7.22 -4.72
C LEU A 113 6.86 -7.91 -5.23
N GLU A 114 7.13 -9.05 -4.64
CA GLU A 114 8.23 -9.86 -4.97
C GLU A 114 7.95 -10.75 -6.20
N MET A 115 6.68 -11.02 -6.47
CA MET A 115 6.34 -11.90 -7.57
C MET A 115 6.12 -11.15 -8.85
N ASP A 116 6.17 -11.90 -9.93
CA ASP A 116 5.95 -11.39 -11.27
C ASP A 116 4.51 -11.00 -11.41
N GLU A 117 4.27 -10.03 -12.24
CA GLU A 117 2.93 -9.52 -12.49
C GLU A 117 2.03 -10.60 -13.11
N ALA A 118 2.60 -11.38 -14.01
CA ALA A 118 1.89 -12.46 -14.67
C ALA A 118 1.58 -13.57 -13.67
N LYS A 119 2.49 -13.72 -12.73
CA LYS A 119 2.43 -14.76 -11.73
C LYS A 119 1.46 -14.36 -10.64
N ALA A 120 1.33 -13.09 -10.45
CA ALA A 120 0.53 -12.54 -9.39
C ALA A 120 -0.90 -12.58 -9.81
N LYS A 121 -1.10 -12.36 -11.09
CA LYS A 121 -2.38 -12.44 -11.71
C LYS A 121 -2.98 -13.83 -11.55
N GLU A 122 -2.16 -14.84 -11.72
CA GLU A 122 -2.65 -16.18 -11.58
C GLU A 122 -2.81 -16.57 -10.10
N MET A 123 -2.07 -15.91 -9.21
CA MET A 123 -2.19 -16.18 -7.76
C MET A 123 -3.48 -15.64 -7.26
N LEU A 124 -3.73 -14.39 -7.59
CA LEU A 124 -4.93 -13.68 -7.21
C LEU A 124 -6.18 -14.40 -7.73
N ARG A 125 -6.08 -14.89 -8.95
CA ARG A 125 -7.17 -15.56 -9.61
C ARG A 125 -7.51 -16.90 -8.89
N ARG A 126 -6.53 -17.42 -8.14
CA ARG A 126 -6.69 -18.66 -7.39
C ARG A 126 -7.22 -18.39 -5.99
N TRP A 127 -7.43 -17.13 -5.66
CA TRP A 127 -7.91 -16.77 -4.34
C TRP A 127 -9.28 -16.15 -4.38
N GLY A 128 -9.86 -16.10 -5.55
CA GLY A 128 -11.19 -15.56 -5.63
C GLY A 128 -11.29 -14.39 -6.56
N ALA A 129 -10.16 -13.86 -6.99
CA ALA A 129 -10.19 -12.79 -7.95
C ALA A 129 -10.66 -13.37 -9.26
N SER A 130 -11.80 -12.96 -9.69
CA SER A 130 -12.44 -13.57 -10.79
C SER A 130 -12.02 -12.92 -12.07
N THR A 131 -10.99 -13.52 -12.69
CA THR A 131 -10.39 -13.16 -13.98
C THR A 131 -10.24 -11.63 -14.26
N GLU A 132 -11.35 -10.96 -14.49
CA GLU A 132 -11.39 -9.58 -14.87
C GLU A 132 -11.15 -8.74 -13.64
N GLU A 133 -11.55 -9.27 -12.51
CA GLU A 133 -11.34 -8.64 -11.25
C GLU A 133 -9.85 -8.56 -11.00
N CYS A 134 -9.15 -9.66 -11.29
CA CYS A 134 -7.72 -9.71 -11.14
C CYS A 134 -7.05 -8.63 -11.99
N SER A 135 -7.46 -8.52 -13.26
CA SER A 135 -6.92 -7.53 -14.18
C SER A 135 -7.11 -6.10 -13.66
N ARG A 136 -8.27 -5.84 -13.04
CA ARG A 136 -8.56 -4.53 -12.45
C ARG A 136 -7.55 -4.27 -11.31
N LEU A 137 -7.22 -5.33 -10.60
CA LEU A 137 -6.33 -5.25 -9.47
C LEU A 137 -4.92 -5.05 -9.92
N GLN A 138 -4.48 -5.89 -10.84
CA GLN A 138 -3.12 -5.87 -11.40
C GLN A 138 -2.68 -4.48 -11.81
N GLN A 139 -3.57 -3.75 -12.42
CA GLN A 139 -3.31 -2.38 -12.86
C GLN A 139 -3.05 -1.45 -11.65
N ALA A 140 -3.65 -1.76 -10.53
CA ALA A 140 -3.47 -0.98 -9.32
C ALA A 140 -2.28 -1.49 -8.52
N LEU A 141 -2.02 -2.79 -8.59
CA LEU A 141 -0.90 -3.40 -7.83
C LEU A 141 0.43 -2.94 -8.45
N THR A 142 0.39 -2.69 -9.74
CA THR A 142 1.53 -2.21 -10.49
C THR A 142 1.98 -0.80 -10.01
N CYS A 143 1.06 -0.07 -9.40
CA CYS A 143 1.35 1.28 -8.89
C CYS A 143 2.46 1.22 -7.83
N LEU A 144 2.52 0.11 -7.11
CA LEU A 144 3.50 -0.17 -6.09
C LEU A 144 4.90 -0.21 -6.68
N ARG A 145 5.05 -0.91 -7.77
CA ARG A 145 6.33 -1.04 -8.42
C ARG A 145 6.60 0.13 -9.37
N LYS A 146 5.71 1.12 -9.34
CA LYS A 146 5.82 2.29 -10.14
C LYS A 146 5.79 3.53 -9.27
N VAL A 147 6.01 3.36 -7.99
CA VAL A 147 5.95 4.49 -7.04
C VAL A 147 7.30 5.19 -6.95
N THR A 148 8.13 4.87 -7.89
CA THR A 148 9.51 5.35 -7.96
C THR A 148 10.36 4.76 -6.80
N GLY A 149 11.64 4.88 -6.93
CA GLY A 149 12.57 4.41 -5.97
C GLY A 149 13.66 3.76 -6.73
N GLY A 1 29.75 7.53 -1.55
CA GLY A 1 29.10 7.67 -0.25
C GLY A 1 28.20 6.49 0.03
N HIS A 2 27.40 6.57 1.07
CA HIS A 2 26.52 5.47 1.38
C HIS A 2 25.15 5.58 0.72
N MET A 3 24.46 6.70 0.93
CA MET A 3 23.08 6.93 0.45
C MET A 3 22.16 5.82 0.89
N ASP A 4 22.03 4.87 0.00
CA ASP A 4 21.32 3.62 0.24
C ASP A 4 22.24 2.81 1.12
N GLY A 5 22.15 3.07 2.39
CA GLY A 5 23.08 2.52 3.31
C GLY A 5 23.03 3.26 4.60
N GLY A 6 22.60 4.50 4.54
CA GLY A 6 22.50 5.29 5.74
C GLY A 6 21.13 5.90 5.93
N ALA A 7 20.32 5.32 6.81
CA ALA A 7 18.98 5.83 7.11
C ALA A 7 18.96 6.57 8.43
N GLY A 8 20.12 6.72 9.03
CA GLY A 8 20.29 7.28 10.38
C GLY A 8 19.55 8.57 10.66
N ALA A 9 19.39 9.38 9.66
CA ALA A 9 18.70 10.63 9.82
C ALA A 9 17.48 10.74 8.91
N ALA A 10 17.32 9.77 8.04
CA ALA A 10 16.25 9.85 7.03
C ALA A 10 15.15 8.83 7.23
N VAL A 11 15.38 7.88 8.10
CA VAL A 11 14.39 6.83 8.40
C VAL A 11 13.09 7.44 8.92
N SER A 12 13.21 8.58 9.51
CA SER A 12 12.13 9.31 10.10
C SER A 12 11.01 9.61 9.09
N ARG A 13 11.39 9.96 7.89
CA ARG A 13 10.43 10.38 6.87
C ARG A 13 9.77 9.17 6.26
N ALA A 14 10.23 8.01 6.62
CA ALA A 14 9.68 6.81 6.11
C ALA A 14 9.16 5.93 7.23
N LEU A 15 9.22 6.43 8.47
CA LEU A 15 8.77 5.64 9.61
C LEU A 15 7.82 6.38 10.46
N GLN A 16 8.08 7.65 10.66
CA GLN A 16 7.29 8.42 11.59
C GLN A 16 5.85 8.50 11.17
N GLN A 17 5.60 8.36 9.93
CA GLN A 17 4.27 8.51 9.44
C GLN A 17 3.57 7.16 9.33
N CYS A 18 4.36 6.10 9.41
CA CYS A 18 3.86 4.73 9.30
C CYS A 18 3.11 4.28 10.55
N GLY A 19 3.44 4.84 11.70
CA GLY A 19 2.77 4.42 12.90
C GLY A 19 2.81 5.46 13.96
N GLN A 20 3.97 6.05 14.12
CA GLN A 20 4.21 7.06 15.13
C GLN A 20 3.24 8.24 15.01
N LEU A 21 3.15 8.81 13.82
CA LEU A 21 2.27 9.95 13.59
C LEU A 21 0.87 9.46 13.28
N GLN A 22 0.74 8.74 12.16
CA GLN A 22 -0.49 8.14 11.75
C GLN A 22 -1.65 9.09 11.65
N LYS A 23 -1.54 9.94 10.69
CA LYS A 23 -2.58 10.86 10.35
C LYS A 23 -2.78 10.84 8.86
N LEU A 24 -1.70 10.83 8.17
CA LEU A 24 -1.68 10.88 6.73
C LEU A 24 -2.23 9.64 6.10
N ILE A 25 -1.98 8.52 6.72
CA ILE A 25 -2.42 7.26 6.19
C ILE A 25 -3.74 6.85 6.82
N ASP A 26 -3.90 7.09 8.11
CA ASP A 26 -5.11 6.60 8.81
C ASP A 26 -6.24 7.54 8.66
N ILE A 27 -5.99 8.76 8.94
CA ILE A 27 -6.99 9.78 8.93
C ILE A 27 -7.47 10.02 7.49
N SER A 28 -6.53 10.00 6.54
CA SER A 28 -6.89 10.13 5.15
C SER A 28 -7.61 8.87 4.62
N ILE A 29 -7.34 7.73 5.24
CA ILE A 29 -7.99 6.50 4.83
C ILE A 29 -9.35 6.43 5.46
N GLY A 30 -9.52 7.14 6.58
CA GLY A 30 -10.77 7.17 7.33
C GLY A 30 -11.95 7.53 6.48
N SER A 31 -11.72 8.42 5.55
CA SER A 31 -12.73 8.85 4.63
C SER A 31 -13.18 7.69 3.71
N LEU A 32 -12.23 6.97 3.12
CA LEU A 32 -12.57 5.83 2.28
C LEU A 32 -12.98 4.65 3.12
N ARG A 33 -12.44 4.57 4.33
CA ARG A 33 -12.74 3.53 5.30
C ARG A 33 -14.21 3.58 5.65
N GLY A 34 -14.74 4.79 5.69
CA GLY A 34 -16.13 4.99 5.88
C GLY A 34 -16.91 4.41 4.73
N LEU A 35 -16.46 4.70 3.51
CA LEU A 35 -17.12 4.24 2.28
C LEU A 35 -17.12 2.72 2.15
N ARG A 36 -15.95 2.12 2.36
CA ARG A 36 -15.77 0.68 2.20
C ARG A 36 -16.69 -0.09 3.15
N THR A 37 -16.91 0.47 4.31
CA THR A 37 -17.65 -0.17 5.36
C THR A 37 -19.17 0.18 5.34
N LYS A 38 -19.50 1.46 5.28
CA LYS A 38 -20.89 1.89 5.44
C LYS A 38 -21.31 2.98 4.45
N CYS A 39 -20.36 3.83 4.09
CA CYS A 39 -20.56 4.97 3.19
C CYS A 39 -21.57 5.95 3.77
N SER A 40 -21.11 6.75 4.70
CA SER A 40 -21.97 7.66 5.37
C SER A 40 -21.34 9.04 5.42
N VAL A 41 -21.43 9.76 4.33
CA VAL A 41 -20.93 11.13 4.25
C VAL A 41 -22.01 11.94 3.58
N SER A 42 -22.15 13.17 3.96
CA SER A 42 -23.15 14.03 3.39
C SER A 42 -22.47 15.06 2.49
N ASN A 43 -21.30 14.72 1.99
CA ASN A 43 -20.55 15.66 1.22
C ASN A 43 -19.99 15.06 -0.03
N ASP A 44 -20.58 15.46 -1.13
CA ASP A 44 -20.24 14.98 -2.47
C ASP A 44 -18.85 15.41 -2.87
N LEU A 45 -18.47 16.60 -2.48
CA LEU A 45 -17.14 17.08 -2.81
C LEU A 45 -16.07 16.27 -2.07
N THR A 46 -16.47 15.68 -0.94
CA THR A 46 -15.60 14.85 -0.18
C THR A 46 -15.37 13.55 -0.90
N GLN A 47 -16.36 13.12 -1.67
CA GLN A 47 -16.20 11.91 -2.48
C GLN A 47 -15.10 12.11 -3.51
N GLN A 48 -14.94 13.35 -3.92
CA GLN A 48 -13.90 13.73 -4.84
C GLN A 48 -12.57 13.89 -4.13
N GLU A 49 -12.64 14.37 -2.88
CA GLU A 49 -11.45 14.45 -2.02
C GLU A 49 -10.93 13.05 -1.79
N ILE A 50 -11.85 12.14 -1.49
CA ILE A 50 -11.55 10.74 -1.24
C ILE A 50 -10.84 10.09 -2.42
N ARG A 51 -11.30 10.41 -3.63
CA ARG A 51 -10.69 9.85 -4.84
C ARG A 51 -9.25 10.35 -4.96
N THR A 52 -9.04 11.54 -4.47
CA THR A 52 -7.75 12.17 -4.47
C THR A 52 -6.89 11.59 -3.33
N LEU A 53 -7.54 11.28 -2.21
CA LEU A 53 -6.90 10.68 -1.05
C LEU A 53 -6.33 9.32 -1.42
N GLU A 54 -7.13 8.48 -2.08
CA GLU A 54 -6.73 7.10 -2.45
C GLU A 54 -5.36 7.11 -3.10
N ALA A 55 -5.22 7.84 -4.17
CA ALA A 55 -3.97 7.93 -4.89
C ALA A 55 -2.86 8.51 -4.00
N LYS A 56 -3.23 9.39 -3.10
CA LYS A 56 -2.29 10.10 -2.24
C LYS A 56 -1.70 9.22 -1.14
N LEU A 57 -2.50 8.37 -0.53
CA LEU A 57 -2.01 7.48 0.53
C LEU A 57 -0.97 6.51 -0.01
N VAL A 58 -1.08 6.20 -1.30
CA VAL A 58 -0.11 5.34 -1.96
C VAL A 58 1.28 5.98 -1.88
N LYS A 59 1.33 7.31 -1.94
CA LYS A 59 2.61 8.01 -1.87
C LYS A 59 3.14 8.06 -0.45
N TYR A 60 2.36 7.60 0.50
CA TYR A 60 2.81 7.62 1.85
C TYR A 60 3.28 6.25 2.22
N ILE A 61 2.63 5.26 1.65
CA ILE A 61 2.94 3.88 1.96
C ILE A 61 3.99 3.31 1.01
N CYS A 62 3.88 3.63 -0.26
CA CYS A 62 4.74 3.06 -1.27
C CYS A 62 5.98 3.89 -1.47
N LYS A 63 6.21 4.82 -0.60
CA LYS A 63 7.40 5.60 -0.69
C LYS A 63 8.52 4.95 0.11
N GLN A 64 8.29 3.77 0.66
CA GLN A 64 9.32 3.14 1.44
C GLN A 64 10.29 2.46 0.51
N GLN A 65 9.83 2.15 -0.70
CA GLN A 65 10.66 1.56 -1.73
C GLN A 65 11.25 2.65 -2.59
N GLN A 66 10.73 3.82 -2.41
CA GLN A 66 11.14 4.97 -3.17
C GLN A 66 12.14 5.78 -2.37
N SER A 67 11.81 6.05 -1.14
CA SER A 67 12.65 6.79 -0.26
C SER A 67 13.64 5.85 0.43
N LYS A 68 13.63 4.56 0.04
CA LYS A 68 14.61 3.59 0.57
C LYS A 68 16.04 3.96 0.11
N LEU A 69 16.11 4.88 -0.83
CA LEU A 69 17.37 5.44 -1.26
C LEU A 69 17.99 6.28 -0.15
N SER A 70 17.18 6.62 0.84
CA SER A 70 17.66 7.30 2.00
C SER A 70 17.43 6.44 3.25
N VAL A 71 16.72 5.34 3.06
CA VAL A 71 16.44 4.43 4.14
C VAL A 71 16.85 3.04 3.76
N THR A 72 17.94 2.62 4.31
CA THR A 72 18.55 1.36 4.05
C THR A 72 17.57 0.22 4.35
N PRO A 73 17.51 -0.80 3.47
CA PRO A 73 16.64 -1.97 3.67
C PRO A 73 16.84 -2.62 5.04
N SER A 74 18.05 -2.53 5.58
CA SER A 74 18.36 -3.13 6.85
C SER A 74 18.58 -2.06 7.96
N ASP A 75 18.34 -0.79 7.66
CA ASP A 75 18.54 0.25 8.69
C ASP A 75 17.20 0.82 9.14
N ARG A 76 16.15 0.33 8.51
CA ARG A 76 14.83 0.57 8.92
C ARG A 76 14.49 -0.49 9.96
N THR A 77 13.30 -0.90 10.01
CA THR A 77 12.91 -1.92 10.93
C THR A 77 12.31 -3.05 10.16
N ALA A 78 12.13 -4.19 10.79
CA ALA A 78 11.50 -5.32 10.16
C ALA A 78 10.06 -4.98 9.84
N GLU A 79 9.49 -4.11 10.67
CA GLU A 79 8.15 -3.61 10.49
C GLU A 79 8.12 -2.72 9.26
N LEU A 80 9.12 -1.83 9.14
CA LEU A 80 9.22 -0.92 8.02
C LEU A 80 9.37 -1.72 6.74
N ASN A 81 10.16 -2.78 6.82
CA ASN A 81 10.31 -3.74 5.69
C ASN A 81 9.00 -4.38 5.24
N SER A 82 7.99 -4.38 6.10
CA SER A 82 6.71 -4.94 5.76
C SER A 82 5.81 -3.91 5.06
N TYR A 83 6.33 -2.73 4.84
CA TYR A 83 5.61 -1.71 4.13
C TYR A 83 5.83 -1.78 2.64
N PRO A 84 4.83 -1.34 1.86
CA PRO A 84 3.55 -0.89 2.40
C PRO A 84 2.74 -2.04 3.02
N ARG A 85 2.03 -1.73 4.06
CA ARG A 85 1.23 -2.72 4.75
C ARG A 85 0.10 -3.15 3.89
N PHE A 86 0.07 -4.44 3.58
CA PHE A 86 -0.93 -5.03 2.69
C PHE A 86 -2.34 -4.64 3.14
N SER A 87 -2.58 -4.76 4.43
CA SER A 87 -3.83 -4.47 5.05
C SER A 87 -4.29 -3.03 4.83
N ASP A 88 -3.35 -2.11 4.85
CA ASP A 88 -3.69 -0.71 4.58
C ASP A 88 -3.75 -0.50 3.08
N TRP A 89 -2.76 -1.05 2.41
CA TRP A 89 -2.52 -0.93 0.98
C TRP A 89 -3.69 -1.36 0.15
N LEU A 90 -4.18 -2.57 0.35
CA LEU A 90 -5.27 -3.05 -0.47
C LEU A 90 -6.57 -2.31 -0.20
N TYR A 91 -6.61 -1.61 0.88
CA TYR A 91 -7.78 -0.93 1.30
C TYR A 91 -7.82 0.43 0.61
N ILE A 92 -6.63 0.92 0.26
CA ILE A 92 -6.45 2.20 -0.41
C ILE A 92 -7.21 2.21 -1.74
N PHE A 93 -6.91 1.23 -2.59
CA PHE A 93 -7.50 1.19 -3.92
C PHE A 93 -8.77 0.36 -3.92
N ASN A 94 -8.89 -0.50 -2.90
CA ASN A 94 -9.91 -1.54 -2.81
C ASN A 94 -9.52 -2.73 -3.69
N VAL A 95 -8.67 -3.55 -3.14
CA VAL A 95 -8.15 -4.71 -3.79
C VAL A 95 -8.57 -5.98 -3.07
N ARG A 96 -9.84 -6.32 -3.26
CA ARG A 96 -10.47 -7.58 -2.81
C ARG A 96 -9.97 -8.11 -1.49
N PRO A 97 -10.28 -7.44 -0.38
CA PRO A 97 -9.86 -7.89 0.93
C PRO A 97 -10.51 -9.23 1.29
N GLU A 98 -11.63 -9.55 0.64
CA GLU A 98 -12.28 -10.82 0.80
C GLU A 98 -11.43 -11.93 0.19
N VAL A 99 -10.69 -11.58 -0.84
CA VAL A 99 -9.86 -12.53 -1.56
C VAL A 99 -8.51 -12.64 -0.87
N VAL A 100 -8.03 -11.52 -0.40
CA VAL A 100 -6.79 -11.46 0.33
C VAL A 100 -6.86 -12.22 1.68
N GLN A 101 -8.05 -12.42 2.15
CA GLN A 101 -8.25 -13.17 3.37
C GLN A 101 -8.11 -14.69 3.12
N GLU A 102 -7.96 -15.06 1.84
CA GLU A 102 -7.71 -16.44 1.43
C GLU A 102 -6.22 -16.69 1.35
N ILE A 103 -5.45 -15.61 1.35
CA ILE A 103 -4.03 -15.72 1.25
C ILE A 103 -3.49 -16.26 2.56
N PRO A 104 -2.55 -17.22 2.52
CA PRO A 104 -1.94 -17.73 3.74
C PRO A 104 -1.17 -16.61 4.43
N GLN A 105 -1.17 -16.61 5.75
CA GLN A 105 -0.60 -15.52 6.54
C GLN A 105 0.90 -15.34 6.33
N GLU A 106 1.56 -16.34 5.76
CA GLU A 106 2.94 -16.23 5.40
C GLU A 106 3.13 -15.27 4.24
N LEU A 107 2.21 -15.32 3.33
CA LEU A 107 2.28 -14.53 2.13
C LEU A 107 1.53 -13.23 2.35
N THR A 108 2.18 -12.15 2.10
CA THR A 108 1.59 -10.86 2.29
C THR A 108 2.07 -9.98 1.13
N LEU A 109 1.87 -8.68 1.22
CA LEU A 109 2.28 -7.74 0.17
C LEU A 109 3.75 -7.80 -0.03
N ASP A 110 4.45 -8.12 1.05
CA ASP A 110 5.89 -8.29 1.11
C ASP A 110 6.34 -9.23 -0.01
N ALA A 111 5.55 -10.26 -0.25
CA ALA A 111 5.87 -11.26 -1.24
C ALA A 111 5.15 -10.98 -2.56
N LEU A 112 4.06 -10.26 -2.47
CA LEU A 112 3.28 -9.88 -3.63
C LEU A 112 4.03 -8.81 -4.45
N LEU A 113 4.74 -7.96 -3.75
CA LEU A 113 5.53 -6.92 -4.38
C LEU A 113 6.84 -7.47 -4.91
N GLU A 114 7.25 -8.59 -4.37
CA GLU A 114 8.51 -9.18 -4.75
C GLU A 114 8.34 -10.00 -6.03
N MET A 115 7.13 -10.47 -6.26
CA MET A 115 6.81 -11.27 -7.44
C MET A 115 6.43 -10.37 -8.60
N ASP A 116 6.45 -10.91 -9.80
CA ASP A 116 6.02 -10.16 -10.97
C ASP A 116 4.53 -10.19 -11.07
N GLU A 117 3.99 -9.21 -11.75
CA GLU A 117 2.56 -9.03 -11.93
C GLU A 117 1.94 -10.25 -12.62
N ALA A 118 2.68 -10.85 -13.52
CA ALA A 118 2.22 -11.97 -14.30
C ALA A 118 2.02 -13.19 -13.42
N LYS A 119 2.80 -13.30 -12.37
CA LYS A 119 2.67 -14.37 -11.42
C LYS A 119 1.62 -13.98 -10.38
N ALA A 120 1.56 -12.71 -10.09
CA ALA A 120 0.76 -12.18 -9.01
C ALA A 120 -0.70 -12.19 -9.39
N LYS A 121 -0.95 -11.98 -10.66
CA LYS A 121 -2.25 -12.06 -11.22
C LYS A 121 -2.82 -13.45 -11.10
N GLU A 122 -1.95 -14.43 -11.27
CA GLU A 122 -2.33 -15.82 -11.13
C GLU A 122 -2.65 -16.09 -9.70
N MET A 123 -1.78 -15.59 -8.83
CA MET A 123 -1.90 -15.77 -7.40
C MET A 123 -3.21 -15.21 -6.90
N LEU A 124 -3.45 -13.94 -7.17
CA LEU A 124 -4.63 -13.23 -6.72
C LEU A 124 -5.90 -13.88 -7.28
N ARG A 125 -5.84 -14.27 -8.55
CA ARG A 125 -6.97 -14.90 -9.20
C ARG A 125 -7.24 -16.29 -8.62
N ARG A 126 -6.19 -16.95 -8.18
CA ARG A 126 -6.29 -18.28 -7.59
C ARG A 126 -6.99 -18.22 -6.23
N TRP A 127 -7.04 -17.04 -5.64
CA TRP A 127 -7.61 -16.87 -4.35
C TRP A 127 -9.08 -16.49 -4.42
N GLY A 128 -9.63 -16.45 -5.61
CA GLY A 128 -11.03 -16.16 -5.73
C GLY A 128 -11.32 -14.97 -6.58
N ALA A 129 -10.30 -14.25 -6.95
CA ALA A 129 -10.46 -13.13 -7.82
C ALA A 129 -10.66 -13.66 -9.23
N SER A 130 -11.45 -13.01 -10.02
CA SER A 130 -11.70 -13.50 -11.34
C SER A 130 -10.78 -12.75 -12.32
N THR A 131 -10.96 -12.96 -13.60
CA THR A 131 -10.07 -12.43 -14.62
C THR A 131 -10.09 -10.88 -14.67
N GLU A 132 -11.27 -10.30 -14.68
CA GLU A 132 -11.42 -8.86 -14.85
C GLU A 132 -11.13 -8.22 -13.50
N GLU A 133 -11.54 -8.92 -12.46
CA GLU A 133 -11.27 -8.51 -11.09
C GLU A 133 -9.79 -8.35 -10.87
N CYS A 134 -9.05 -9.40 -11.16
CA CYS A 134 -7.63 -9.39 -10.93
C CYS A 134 -6.94 -8.33 -11.76
N SER A 135 -7.19 -8.31 -13.07
CA SER A 135 -6.56 -7.36 -13.97
C SER A 135 -6.86 -5.89 -13.60
N ARG A 136 -8.04 -5.64 -13.03
CA ARG A 136 -8.42 -4.31 -12.56
C ARG A 136 -7.46 -3.89 -11.45
N LEU A 137 -7.29 -4.80 -10.52
CA LEU A 137 -6.46 -4.62 -9.34
C LEU A 137 -5.02 -4.52 -9.73
N GLN A 138 -4.62 -5.38 -10.65
CA GLN A 138 -3.26 -5.42 -11.19
C GLN A 138 -2.78 -4.05 -11.61
N GLN A 139 -3.65 -3.27 -12.21
CA GLN A 139 -3.30 -1.93 -12.67
C GLN A 139 -2.84 -1.07 -11.49
N ALA A 140 -3.44 -1.28 -10.33
CA ALA A 140 -3.10 -0.55 -9.16
C ALA A 140 -1.90 -1.18 -8.44
N LEU A 141 -1.85 -2.52 -8.43
CA LEU A 141 -0.78 -3.24 -7.72
C LEU A 141 0.58 -3.00 -8.38
N THR A 142 0.54 -2.82 -9.68
CA THR A 142 1.73 -2.61 -10.53
C THR A 142 2.45 -1.31 -10.16
N CYS A 143 1.69 -0.34 -9.64
CA CYS A 143 2.21 0.97 -9.26
C CYS A 143 3.32 0.80 -8.21
N LEU A 144 3.21 -0.28 -7.43
CA LEU A 144 4.11 -0.64 -6.32
C LEU A 144 5.57 -0.51 -6.73
N ARG A 145 5.93 -1.23 -7.76
CA ARG A 145 7.30 -1.35 -8.16
C ARG A 145 7.71 -0.27 -9.14
N LYS A 146 6.75 0.59 -9.47
CA LYS A 146 6.99 1.70 -10.33
C LYS A 146 7.36 2.92 -9.51
N VAL A 147 7.16 2.84 -8.20
CA VAL A 147 7.47 3.94 -7.30
C VAL A 147 8.97 3.91 -7.06
N THR A 148 9.67 4.47 -7.98
CA THR A 148 11.09 4.54 -7.93
C THR A 148 11.53 5.91 -7.40
N GLY A 149 12.70 5.97 -6.82
CA GLY A 149 13.21 7.21 -6.33
C GLY A 149 14.03 7.91 -7.39
N GLY A 1 23.08 7.04 -6.58
CA GLY A 1 23.53 6.91 -5.21
C GLY A 1 23.34 8.19 -4.44
N HIS A 2 22.59 8.12 -3.37
CA HIS A 2 22.42 9.27 -2.51
C HIS A 2 23.08 9.00 -1.19
N MET A 3 22.40 8.28 -0.35
CA MET A 3 22.89 7.90 0.96
C MET A 3 22.04 6.79 1.47
N ASP A 4 22.42 5.61 1.11
CA ASP A 4 21.74 4.43 1.56
C ASP A 4 22.75 3.50 2.13
N GLY A 5 22.44 2.98 3.26
CA GLY A 5 23.33 2.13 3.97
C GLY A 5 23.18 2.40 5.44
N GLY A 6 22.71 3.60 5.72
CA GLY A 6 22.39 4.01 7.04
C GLY A 6 21.24 4.97 7.01
N ALA A 7 20.07 4.49 7.36
CA ALA A 7 18.85 5.29 7.35
C ALA A 7 18.67 6.06 8.64
N GLY A 8 19.75 6.21 9.35
CA GLY A 8 19.82 6.82 10.68
C GLY A 8 18.91 8.03 10.92
N ALA A 9 18.96 9.00 10.02
CA ALA A 9 18.13 10.18 10.18
C ALA A 9 17.15 10.32 9.01
N ALA A 10 17.27 9.44 8.05
CA ALA A 10 16.44 9.50 6.86
C ALA A 10 15.28 8.52 6.90
N VAL A 11 15.35 7.57 7.81
CA VAL A 11 14.31 6.56 8.01
C VAL A 11 13.05 7.21 8.46
N SER A 12 13.19 8.26 9.18
CA SER A 12 12.14 8.93 9.80
C SER A 12 11.11 9.44 8.79
N ARG A 13 11.54 9.80 7.62
CA ARG A 13 10.60 10.33 6.61
C ARG A 13 9.84 9.19 5.97
N ALA A 14 10.25 7.97 6.25
CA ALA A 14 9.61 6.81 5.70
C ALA A 14 9.04 5.93 6.82
N LEU A 15 9.20 6.37 8.06
CA LEU A 15 8.79 5.58 9.22
C LEU A 15 7.96 6.41 10.19
N GLN A 16 8.16 7.69 10.23
CA GLN A 16 7.39 8.51 11.14
C GLN A 16 5.92 8.49 10.79
N GLN A 17 5.62 8.35 9.52
CA GLN A 17 4.22 8.38 9.14
C GLN A 17 3.58 7.02 9.29
N CYS A 18 4.44 6.02 9.36
CA CYS A 18 4.09 4.61 9.48
C CYS A 18 3.13 4.36 10.65
N GLY A 19 3.44 4.94 11.79
CA GLY A 19 2.60 4.73 12.96
C GLY A 19 2.55 5.94 13.86
N GLN A 20 3.66 6.66 13.93
CA GLN A 20 3.79 7.82 14.78
C GLN A 20 2.86 8.97 14.37
N LEU A 21 3.01 9.48 13.17
CA LEU A 21 2.15 10.54 12.66
C LEU A 21 0.73 9.99 12.47
N GLN A 22 0.61 9.07 11.52
CA GLN A 22 -0.60 8.29 11.21
C GLN A 22 -1.82 9.14 10.78
N LYS A 23 -1.63 10.39 10.62
CA LYS A 23 -2.76 11.28 10.28
C LYS A 23 -2.96 11.28 8.77
N LEU A 24 -1.94 10.88 8.13
CA LEU A 24 -1.90 10.84 6.71
C LEU A 24 -2.32 9.49 6.18
N ILE A 25 -2.10 8.47 6.97
CA ILE A 25 -2.46 7.13 6.55
C ILE A 25 -3.80 6.72 7.18
N ASP A 26 -4.06 7.15 8.39
CA ASP A 26 -5.32 6.71 9.04
C ASP A 26 -6.39 7.69 8.80
N ILE A 27 -6.10 8.91 9.10
CA ILE A 27 -7.07 9.97 8.98
C ILE A 27 -7.49 10.17 7.52
N SER A 28 -6.54 10.06 6.59
CA SER A 28 -6.88 10.16 5.19
C SER A 28 -7.64 8.90 4.71
N ILE A 29 -7.40 7.76 5.37
CA ILE A 29 -8.11 6.51 5.02
C ILE A 29 -9.46 6.48 5.74
N GLY A 30 -9.58 7.34 6.75
CA GLY A 30 -10.78 7.47 7.55
C GLY A 30 -11.96 7.87 6.73
N SER A 31 -11.68 8.53 5.66
CA SER A 31 -12.66 8.94 4.74
C SER A 31 -13.08 7.75 3.87
N LEU A 32 -12.11 7.09 3.22
CA LEU A 32 -12.42 5.97 2.37
C LEU A 32 -12.94 4.77 3.12
N ARG A 33 -12.55 4.59 4.39
CA ARG A 33 -13.04 3.43 5.15
C ARG A 33 -14.54 3.41 5.21
N GLY A 34 -15.14 4.59 5.24
CA GLY A 34 -16.56 4.68 5.20
C GLY A 34 -17.09 4.20 3.87
N LEU A 35 -16.57 4.78 2.80
CA LEU A 35 -17.00 4.45 1.43
C LEU A 35 -16.68 3.02 1.01
N ARG A 36 -15.70 2.42 1.65
CA ARG A 36 -15.38 1.03 1.39
C ARG A 36 -16.44 0.13 1.98
N THR A 37 -16.78 0.41 3.22
CA THR A 37 -17.62 -0.47 3.98
C THR A 37 -19.12 -0.11 3.96
N LYS A 38 -19.48 1.06 4.48
CA LYS A 38 -20.89 1.33 4.81
C LYS A 38 -21.37 2.77 4.63
N CYS A 39 -20.53 3.65 4.21
CA CYS A 39 -20.88 5.05 4.21
C CYS A 39 -20.75 5.68 2.83
N SER A 40 -21.64 6.60 2.56
CA SER A 40 -21.65 7.40 1.38
C SER A 40 -22.22 8.76 1.77
N VAL A 41 -21.34 9.71 1.97
CA VAL A 41 -21.73 10.99 2.52
C VAL A 41 -22.20 11.93 1.42
N SER A 42 -23.11 12.81 1.76
CA SER A 42 -23.63 13.80 0.83
C SER A 42 -22.67 15.00 0.74
N ASN A 43 -21.55 14.89 1.43
CA ASN A 43 -20.52 15.90 1.44
C ASN A 43 -19.67 15.67 0.20
N ASP A 44 -20.23 16.12 -0.90
CA ASP A 44 -19.70 15.97 -2.27
C ASP A 44 -18.23 16.32 -2.39
N LEU A 45 -17.85 17.38 -1.73
CA LEU A 45 -16.49 17.88 -1.82
C LEU A 45 -15.53 16.90 -1.17
N THR A 46 -16.00 16.21 -0.15
CA THR A 46 -15.22 15.28 0.53
C THR A 46 -15.13 14.02 -0.30
N GLN A 47 -16.26 13.61 -0.85
CA GLN A 47 -16.33 12.38 -1.64
C GLN A 47 -15.44 12.49 -2.89
N GLN A 48 -15.26 13.71 -3.34
CA GLN A 48 -14.42 13.98 -4.48
C GLN A 48 -12.94 14.15 -4.11
N GLU A 49 -12.67 14.58 -2.87
CA GLU A 49 -11.27 14.68 -2.44
C GLU A 49 -10.79 13.31 -1.99
N ILE A 50 -11.74 12.42 -1.71
CA ILE A 50 -11.43 11.06 -1.32
C ILE A 50 -10.66 10.32 -2.42
N ARG A 51 -10.96 10.67 -3.67
CA ARG A 51 -10.25 10.06 -4.79
C ARG A 51 -8.79 10.58 -4.83
N THR A 52 -8.59 11.74 -4.23
CA THR A 52 -7.27 12.30 -4.06
C THR A 52 -6.58 11.54 -2.96
N LEU A 53 -7.32 11.35 -1.86
CA LEU A 53 -6.85 10.66 -0.68
C LEU A 53 -6.32 9.29 -1.04
N GLU A 54 -7.12 8.51 -1.75
CA GLU A 54 -6.74 7.14 -2.15
C GLU A 54 -5.34 7.10 -2.76
N ALA A 55 -5.15 7.85 -3.83
CA ALA A 55 -3.86 7.87 -4.50
C ALA A 55 -2.78 8.42 -3.57
N LYS A 56 -3.17 9.34 -2.71
CA LYS A 56 -2.27 10.04 -1.80
C LYS A 56 -1.72 9.13 -0.72
N LEU A 57 -2.55 8.26 -0.15
CA LEU A 57 -2.08 7.34 0.90
C LEU A 57 -1.03 6.40 0.41
N VAL A 58 -1.13 6.04 -0.86
CA VAL A 58 -0.15 5.15 -1.47
C VAL A 58 1.23 5.75 -1.33
N LYS A 59 1.33 7.06 -1.49
CA LYS A 59 2.62 7.74 -1.39
C LYS A 59 3.19 7.70 0.01
N TYR A 60 2.39 7.37 1.00
CA TYR A 60 2.86 7.36 2.36
C TYR A 60 3.34 6.00 2.73
N ILE A 61 2.85 5.04 2.00
CA ILE A 61 3.15 3.69 2.27
C ILE A 61 4.17 3.12 1.28
N CYS A 62 4.17 3.65 0.06
CA CYS A 62 5.05 3.17 -0.99
C CYS A 62 6.36 3.91 -0.95
N LYS A 63 6.42 4.97 -0.17
CA LYS A 63 7.62 5.76 -0.13
C LYS A 63 8.81 5.01 0.44
N GLN A 64 8.58 3.93 1.12
CA GLN A 64 9.69 3.18 1.66
C GLN A 64 10.35 2.29 0.60
N GLN A 65 9.81 2.33 -0.62
CA GLN A 65 10.38 1.59 -1.73
C GLN A 65 10.82 2.57 -2.83
N GLN A 66 10.56 3.85 -2.59
CA GLN A 66 11.00 4.92 -3.47
C GLN A 66 12.03 5.75 -2.75
N SER A 67 11.66 6.22 -1.60
CA SER A 67 12.49 7.01 -0.75
C SER A 67 13.44 6.09 0.05
N LYS A 68 13.41 4.77 -0.31
CA LYS A 68 14.33 3.77 0.22
C LYS A 68 15.77 4.11 -0.14
N LEU A 69 15.91 5.01 -1.08
CA LEU A 69 17.20 5.53 -1.53
C LEU A 69 17.97 6.20 -0.39
N SER A 70 17.31 6.41 0.74
CA SER A 70 17.94 6.93 1.91
C SER A 70 17.57 6.07 3.14
N VAL A 71 16.88 4.96 2.90
CA VAL A 71 16.44 4.10 3.97
C VAL A 71 16.76 2.66 3.64
N THR A 72 17.71 2.17 4.32
CA THR A 72 18.25 0.87 4.14
C THR A 72 17.27 -0.22 4.66
N PRO A 73 17.14 -1.36 3.94
CA PRO A 73 16.28 -2.49 4.35
C PRO A 73 16.67 -3.03 5.73
N SER A 74 17.94 -2.99 6.01
CA SER A 74 18.49 -3.53 7.24
C SER A 74 18.28 -2.55 8.40
N ASP A 75 17.95 -1.31 8.09
CA ASP A 75 17.90 -0.28 9.10
C ASP A 75 16.50 -0.05 9.62
N ARG A 76 15.56 0.04 8.67
CA ARG A 76 14.13 0.36 8.90
C ARG A 76 13.47 -0.37 10.12
N THR A 77 12.75 -1.41 9.86
CA THR A 77 12.12 -2.30 10.84
C THR A 77 11.65 -3.49 10.08
N ALA A 78 11.36 -4.57 10.75
CA ALA A 78 10.87 -5.77 10.11
C ALA A 78 9.56 -5.46 9.40
N GLU A 79 8.73 -4.63 10.03
CA GLU A 79 7.48 -4.27 9.44
C GLU A 79 7.68 -3.27 8.31
N LEU A 80 8.63 -2.34 8.46
CA LEU A 80 8.93 -1.35 7.39
C LEU A 80 9.43 -2.07 6.15
N ASN A 81 10.10 -3.20 6.34
CA ASN A 81 10.46 -4.06 5.21
C ASN A 81 9.22 -4.64 4.56
N SER A 82 8.28 -5.06 5.39
CA SER A 82 7.03 -5.63 4.92
C SER A 82 6.08 -4.57 4.34
N TYR A 83 6.37 -3.28 4.61
CA TYR A 83 5.63 -2.21 3.99
C TYR A 83 5.75 -2.20 2.47
N PRO A 84 4.76 -1.65 1.79
CA PRO A 84 3.57 -1.10 2.42
C PRO A 84 2.72 -2.15 3.09
N ARG A 85 2.07 -1.75 4.14
CA ARG A 85 1.25 -2.62 4.90
C ARG A 85 0.12 -3.07 4.05
N PHE A 86 0.12 -4.35 3.71
CA PHE A 86 -0.87 -4.95 2.82
C PHE A 86 -2.30 -4.59 3.27
N SER A 87 -2.52 -4.70 4.58
CA SER A 87 -3.78 -4.40 5.23
C SER A 87 -4.21 -2.93 5.06
N ASP A 88 -3.23 -2.08 4.94
CA ASP A 88 -3.43 -0.65 4.86
C ASP A 88 -3.02 -0.21 3.47
N TRP A 89 -3.00 -1.18 2.56
CA TRP A 89 -2.64 -0.97 1.18
C TRP A 89 -3.76 -1.41 0.29
N LEU A 90 -4.24 -2.63 0.48
CA LEU A 90 -5.32 -3.13 -0.34
C LEU A 90 -6.63 -2.41 -0.05
N TYR A 91 -6.63 -1.67 1.02
CA TYR A 91 -7.80 -0.98 1.47
C TYR A 91 -7.85 0.37 0.77
N ILE A 92 -6.68 0.82 0.31
CA ILE A 92 -6.52 2.11 -0.32
C ILE A 92 -7.27 2.13 -1.65
N PHE A 93 -7.09 1.09 -2.43
CA PHE A 93 -7.72 1.03 -3.75
C PHE A 93 -8.94 0.15 -3.68
N ASN A 94 -9.06 -0.63 -2.60
CA ASN A 94 -10.06 -1.68 -2.47
C ASN A 94 -9.74 -2.83 -3.40
N VAL A 95 -8.90 -3.70 -2.92
CA VAL A 95 -8.45 -4.85 -3.65
C VAL A 95 -8.77 -6.12 -2.91
N ARG A 96 -10.05 -6.54 -3.02
CA ARG A 96 -10.54 -7.84 -2.53
C ARG A 96 -9.91 -8.30 -1.22
N PRO A 97 -10.21 -7.63 -0.11
CA PRO A 97 -9.68 -8.02 1.18
C PRO A 97 -10.14 -9.42 1.58
N GLU A 98 -11.31 -9.83 1.07
CA GLU A 98 -11.82 -11.17 1.31
C GLU A 98 -10.92 -12.22 0.65
N VAL A 99 -10.25 -11.82 -0.41
CA VAL A 99 -9.38 -12.70 -1.16
C VAL A 99 -7.99 -12.68 -0.55
N VAL A 100 -7.58 -11.52 -0.12
CA VAL A 100 -6.31 -11.37 0.52
C VAL A 100 -6.30 -12.04 1.90
N GLN A 101 -7.44 -12.15 2.54
CA GLN A 101 -7.55 -12.89 3.79
C GLN A 101 -7.40 -14.41 3.57
N GLU A 102 -7.36 -14.84 2.32
CA GLU A 102 -7.14 -16.24 1.96
C GLU A 102 -5.65 -16.52 1.83
N ILE A 103 -4.87 -15.46 1.66
CA ILE A 103 -3.42 -15.59 1.44
C ILE A 103 -2.75 -16.13 2.71
N PRO A 104 -1.82 -17.11 2.58
CA PRO A 104 -1.09 -17.64 3.72
C PRO A 104 -0.27 -16.54 4.35
N GLN A 105 -0.15 -16.55 5.65
CA GLN A 105 0.54 -15.49 6.38
C GLN A 105 2.03 -15.33 5.99
N GLU A 106 2.63 -16.40 5.48
CA GLU A 106 4.00 -16.36 4.99
C GLU A 106 4.11 -15.44 3.76
N LEU A 107 3.00 -15.28 3.06
CA LEU A 107 2.97 -14.45 1.89
C LEU A 107 2.21 -13.18 2.26
N THR A 108 2.79 -12.08 1.97
CA THR A 108 2.17 -10.81 2.26
C THR A 108 2.53 -9.89 1.10
N LEU A 109 2.29 -8.60 1.24
CA LEU A 109 2.57 -7.63 0.18
C LEU A 109 4.04 -7.66 -0.20
N ASP A 110 4.87 -7.95 0.79
CA ASP A 110 6.32 -8.10 0.61
C ASP A 110 6.62 -9.16 -0.46
N ALA A 111 5.78 -10.19 -0.51
CA ALA A 111 5.96 -11.29 -1.47
C ALA A 111 5.16 -11.02 -2.74
N LEU A 112 4.17 -10.17 -2.62
CA LEU A 112 3.34 -9.80 -3.75
C LEU A 112 4.11 -8.80 -4.64
N LEU A 113 4.82 -7.86 -4.03
CA LEU A 113 5.66 -6.94 -4.78
C LEU A 113 6.89 -7.67 -5.32
N GLU A 114 7.26 -8.71 -4.60
CA GLU A 114 8.35 -9.57 -4.88
C GLU A 114 8.14 -10.33 -6.20
N MET A 115 6.89 -10.65 -6.45
CA MET A 115 6.55 -11.42 -7.63
C MET A 115 6.22 -10.52 -8.79
N ASP A 116 6.27 -11.10 -9.96
CA ASP A 116 5.88 -10.42 -11.18
C ASP A 116 4.42 -10.12 -11.08
N GLU A 117 3.97 -9.06 -11.68
CA GLU A 117 2.56 -8.75 -11.66
C GLU A 117 1.80 -9.81 -12.48
N ALA A 118 2.46 -10.32 -13.52
CA ALA A 118 1.92 -11.38 -14.35
C ALA A 118 1.76 -12.66 -13.54
N LYS A 119 2.62 -12.83 -12.56
CA LYS A 119 2.59 -13.99 -11.67
C LYS A 119 1.58 -13.75 -10.56
N ALA A 120 1.38 -12.50 -10.24
CA ALA A 120 0.57 -12.10 -9.09
C ALA A 120 -0.88 -12.15 -9.45
N LYS A 121 -1.13 -11.91 -10.71
CA LYS A 121 -2.45 -12.00 -11.28
C LYS A 121 -2.99 -13.42 -11.14
N GLU A 122 -2.12 -14.38 -11.26
CA GLU A 122 -2.47 -15.77 -11.13
C GLU A 122 -2.67 -16.12 -9.68
N MET A 123 -2.01 -15.40 -8.82
CA MET A 123 -2.04 -15.68 -7.42
C MET A 123 -3.37 -15.27 -6.88
N LEU A 124 -3.73 -14.05 -7.17
CA LEU A 124 -4.99 -13.49 -6.78
C LEU A 124 -6.16 -14.27 -7.35
N ARG A 125 -6.05 -14.65 -8.61
CA ARG A 125 -7.11 -15.39 -9.29
C ARG A 125 -7.30 -16.74 -8.58
N ARG A 126 -6.21 -17.25 -8.05
CA ARG A 126 -6.17 -18.53 -7.35
C ARG A 126 -6.69 -18.40 -5.92
N TRP A 127 -6.80 -17.19 -5.42
CA TRP A 127 -7.26 -17.00 -4.05
C TRP A 127 -8.74 -16.64 -3.99
N GLY A 128 -9.37 -16.47 -5.12
CA GLY A 128 -10.79 -16.15 -5.11
C GLY A 128 -11.12 -14.93 -5.92
N ALA A 129 -10.10 -14.26 -6.41
CA ALA A 129 -10.31 -13.11 -7.28
C ALA A 129 -10.65 -13.63 -8.67
N SER A 130 -11.53 -12.96 -9.35
CA SER A 130 -11.95 -13.43 -10.64
C SER A 130 -10.94 -12.94 -11.67
N THR A 131 -10.93 -13.55 -12.84
CA THR A 131 -9.98 -13.27 -13.88
C THR A 131 -9.97 -11.77 -14.26
N GLU A 132 -11.15 -11.20 -14.39
CA GLU A 132 -11.29 -9.86 -14.84
C GLU A 132 -11.28 -8.91 -13.68
N GLU A 133 -11.47 -9.45 -12.49
CA GLU A 133 -11.33 -8.67 -11.31
C GLU A 133 -9.88 -8.45 -11.04
N CYS A 134 -9.12 -9.51 -11.19
CA CYS A 134 -7.71 -9.50 -10.90
C CYS A 134 -6.98 -8.49 -11.77
N SER A 135 -7.20 -8.55 -13.08
CA SER A 135 -6.54 -7.65 -14.03
C SER A 135 -6.85 -6.17 -13.72
N ARG A 136 -8.04 -5.94 -13.21
CA ARG A 136 -8.52 -4.65 -12.81
C ARG A 136 -7.69 -4.17 -11.60
N LEU A 137 -7.50 -5.08 -10.67
CA LEU A 137 -6.75 -4.84 -9.44
C LEU A 137 -5.30 -4.64 -9.74
N GLN A 138 -4.80 -5.45 -10.66
CA GLN A 138 -3.43 -5.37 -11.16
C GLN A 138 -3.04 -3.97 -11.58
N GLN A 139 -3.98 -3.22 -12.12
CA GLN A 139 -3.71 -1.86 -12.55
C GLN A 139 -3.45 -0.95 -11.34
N ALA A 140 -3.99 -1.33 -10.22
CA ALA A 140 -3.78 -0.60 -9.00
C ALA A 140 -2.52 -1.13 -8.31
N LEU A 141 -2.32 -2.44 -8.35
CA LEU A 141 -1.17 -3.04 -7.67
C LEU A 141 0.13 -2.71 -8.41
N THR A 142 0.01 -2.56 -9.72
CA THR A 142 1.17 -2.29 -10.57
C THR A 142 1.79 -0.93 -10.22
N CYS A 143 0.96 -0.04 -9.65
CA CYS A 143 1.37 1.31 -9.28
C CYS A 143 2.51 1.25 -8.25
N LEU A 144 2.52 0.16 -7.49
CA LEU A 144 3.53 -0.13 -6.51
C LEU A 144 4.89 -0.27 -7.18
N ARG A 145 4.93 -0.99 -8.28
CA ARG A 145 6.19 -1.21 -8.94
C ARG A 145 6.50 -0.09 -9.94
N LYS A 146 5.62 0.88 -10.00
CA LYS A 146 5.78 2.02 -10.86
C LYS A 146 6.38 3.18 -10.09
N VAL A 147 6.49 3.07 -8.77
CA VAL A 147 6.98 4.15 -8.00
C VAL A 147 8.49 4.00 -7.78
N THR A 148 9.22 4.34 -8.80
CA THR A 148 10.66 4.27 -8.80
C THR A 148 11.23 5.51 -8.10
N GLY A 149 12.43 5.40 -7.58
CA GLY A 149 13.12 6.52 -6.98
C GLY A 149 13.54 7.51 -8.03
N GLY A 1 20.50 5.02 -4.80
CA GLY A 1 21.94 4.82 -4.79
C GLY A 1 22.67 6.03 -4.25
N HIS A 2 22.37 6.44 -3.01
CA HIS A 2 23.06 7.58 -2.38
C HIS A 2 22.93 7.58 -0.84
N MET A 3 21.74 7.37 -0.33
CA MET A 3 21.54 7.29 1.12
C MET A 3 20.90 5.97 1.45
N ASP A 4 21.08 5.04 0.54
CA ASP A 4 20.51 3.68 0.58
C ASP A 4 21.39 2.80 1.47
N GLY A 5 22.13 3.45 2.33
CA GLY A 5 23.00 2.81 3.24
C GLY A 5 23.29 3.74 4.39
N GLY A 6 22.32 4.57 4.70
CA GLY A 6 22.46 5.49 5.78
C GLY A 6 21.15 6.16 6.10
N ALA A 7 20.31 5.47 6.83
CA ALA A 7 19.00 6.00 7.21
C ALA A 7 19.03 6.62 8.60
N GLY A 8 20.23 6.74 9.14
CA GLY A 8 20.46 7.21 10.51
C GLY A 8 19.69 8.46 10.91
N ALA A 9 19.61 9.41 10.02
CA ALA A 9 18.91 10.64 10.28
C ALA A 9 17.76 10.81 9.29
N ALA A 10 17.48 9.79 8.52
CA ALA A 10 16.45 9.91 7.49
C ALA A 10 15.33 8.90 7.65
N VAL A 11 15.56 7.87 8.43
CA VAL A 11 14.53 6.84 8.69
C VAL A 11 13.33 7.47 9.35
N SER A 12 13.58 8.55 10.03
CA SER A 12 12.59 9.30 10.74
C SER A 12 11.46 9.79 9.84
N ARG A 13 11.82 10.21 8.63
CA ARG A 13 10.85 10.78 7.69
C ARG A 13 9.98 9.67 7.14
N ALA A 14 10.43 8.46 7.29
CA ALA A 14 9.76 7.32 6.76
C ALA A 14 9.16 6.49 7.90
N LEU A 15 9.41 6.91 9.11
CA LEU A 15 9.06 6.12 10.29
C LEU A 15 8.10 6.86 11.16
N GLN A 16 8.20 8.17 11.22
CA GLN A 16 7.29 8.96 12.05
C GLN A 16 5.85 8.66 11.70
N GLN A 17 5.59 8.45 10.44
CA GLN A 17 4.23 8.23 10.05
C GLN A 17 3.88 6.77 9.91
N CYS A 18 4.81 5.94 10.28
CA CYS A 18 4.65 4.48 10.25
C CYS A 18 3.58 4.07 11.26
N GLY A 19 3.58 4.74 12.40
CA GLY A 19 2.61 4.45 13.42
C GLY A 19 2.52 5.53 14.45
N GLN A 20 3.66 6.14 14.77
CA GLN A 20 3.74 7.19 15.79
C GLN A 20 2.80 8.38 15.46
N LEU A 21 3.05 9.04 14.35
CA LEU A 21 2.25 10.17 13.93
C LEU A 21 0.91 9.64 13.43
N GLN A 22 0.97 8.79 12.38
CA GLN A 22 -0.19 8.05 11.84
C GLN A 22 -1.34 8.97 11.37
N LYS A 23 -1.02 10.19 11.16
CA LYS A 23 -2.06 11.15 10.87
C LYS A 23 -2.10 11.39 9.38
N LEU A 24 -1.19 10.77 8.71
CA LEU A 24 -1.10 10.88 7.31
C LEU A 24 -1.79 9.69 6.70
N ILE A 25 -1.40 8.52 7.14
CA ILE A 25 -1.93 7.27 6.64
C ILE A 25 -3.34 7.02 7.19
N ASP A 26 -3.51 7.19 8.46
CA ASP A 26 -4.79 6.79 9.09
C ASP A 26 -5.82 7.81 8.87
N ILE A 27 -5.46 9.01 9.09
CA ILE A 27 -6.36 10.11 8.97
C ILE A 27 -6.84 10.31 7.52
N SER A 28 -5.98 10.05 6.55
CA SER A 28 -6.42 10.11 5.17
C SER A 28 -7.26 8.86 4.83
N ILE A 29 -6.93 7.75 5.46
CA ILE A 29 -7.61 6.49 5.18
C ILE A 29 -8.95 6.42 5.86
N GLY A 30 -9.13 7.20 6.93
CA GLY A 30 -10.36 7.23 7.69
C GLY A 30 -11.55 7.53 6.83
N SER A 31 -11.35 8.40 5.88
CA SER A 31 -12.36 8.80 4.93
C SER A 31 -12.82 7.61 4.08
N LEU A 32 -11.87 6.90 3.48
CA LEU A 32 -12.19 5.74 2.66
C LEU A 32 -12.57 4.54 3.51
N ARG A 33 -12.11 4.54 4.75
CA ARG A 33 -12.45 3.50 5.71
C ARG A 33 -13.93 3.59 6.02
N GLY A 34 -14.41 4.81 6.16
CA GLY A 34 -15.81 5.02 6.36
C GLY A 34 -16.58 4.68 5.11
N LEU A 35 -16.00 5.01 3.97
CA LEU A 35 -16.61 4.78 2.65
C LEU A 35 -16.75 3.28 2.33
N ARG A 36 -15.80 2.46 2.78
CA ARG A 36 -15.91 1.01 2.59
C ARG A 36 -16.96 0.43 3.51
N THR A 37 -17.13 1.06 4.64
CA THR A 37 -18.07 0.58 5.62
C THR A 37 -19.47 0.97 5.18
N LYS A 38 -19.66 2.26 4.93
CA LYS A 38 -20.92 2.79 4.48
C LYS A 38 -20.65 3.66 3.29
N CYS A 39 -21.11 3.24 2.15
CA CYS A 39 -20.89 3.97 0.95
C CYS A 39 -22.06 4.93 0.67
N SER A 40 -21.99 5.65 -0.45
CA SER A 40 -23.00 6.61 -0.87
C SER A 40 -22.97 7.88 -0.01
N VAL A 41 -22.29 8.89 -0.51
CA VAL A 41 -22.20 10.17 0.15
C VAL A 41 -22.75 11.17 -0.83
N SER A 42 -23.49 12.13 -0.37
CA SER A 42 -24.09 13.10 -1.24
C SER A 42 -23.17 14.30 -1.48
N ASN A 43 -21.99 14.24 -0.92
CA ASN A 43 -21.04 15.32 -1.06
C ASN A 43 -19.98 14.92 -2.05
N ASP A 44 -20.23 15.34 -3.29
CA ASP A 44 -19.39 15.02 -4.47
C ASP A 44 -17.97 15.45 -4.29
N LEU A 45 -17.78 16.63 -3.74
CA LEU A 45 -16.44 17.19 -3.61
C LEU A 45 -15.61 16.38 -2.63
N THR A 46 -16.30 15.73 -1.72
CA THR A 46 -15.70 14.88 -0.77
C THR A 46 -15.22 13.61 -1.47
N GLN A 47 -15.99 13.13 -2.43
CA GLN A 47 -15.61 11.93 -3.20
C GLN A 47 -14.32 12.22 -3.96
N GLN A 48 -14.19 13.47 -4.35
CA GLN A 48 -12.99 13.94 -5.06
C GLN A 48 -11.78 13.95 -4.10
N GLU A 49 -11.98 14.45 -2.89
CA GLU A 49 -10.88 14.53 -1.94
C GLU A 49 -10.52 13.14 -1.42
N ILE A 50 -11.54 12.27 -1.27
CA ILE A 50 -11.30 10.91 -0.81
C ILE A 50 -10.40 10.17 -1.78
N ARG A 51 -10.68 10.32 -3.06
CA ARG A 51 -9.90 9.69 -4.11
C ARG A 51 -8.46 10.24 -4.12
N THR A 52 -8.33 11.48 -3.68
CA THR A 52 -7.05 12.11 -3.51
C THR A 52 -6.32 11.48 -2.33
N LEU A 53 -7.06 11.27 -1.24
CA LEU A 53 -6.54 10.68 -0.02
C LEU A 53 -6.00 9.30 -0.29
N GLU A 54 -6.73 8.55 -1.12
CA GLU A 54 -6.33 7.20 -1.53
C GLU A 54 -4.97 7.27 -2.20
N ALA A 55 -4.92 8.00 -3.29
CA ALA A 55 -3.70 8.13 -4.07
C ALA A 55 -2.55 8.65 -3.24
N LYS A 56 -2.85 9.59 -2.36
CA LYS A 56 -1.85 10.23 -1.50
C LYS A 56 -1.29 9.24 -0.47
N LEU A 57 -2.16 8.43 0.07
CA LEU A 57 -1.81 7.41 1.05
C LEU A 57 -0.79 6.44 0.52
N VAL A 58 -0.85 6.19 -0.78
CA VAL A 58 0.09 5.29 -1.45
C VAL A 58 1.51 5.84 -1.29
N LYS A 59 1.64 7.15 -1.25
CA LYS A 59 2.95 7.77 -1.11
C LYS A 59 3.46 7.68 0.32
N TYR A 60 2.61 7.22 1.22
CA TYR A 60 3.00 7.11 2.60
C TYR A 60 3.29 5.67 2.92
N ILE A 61 2.99 4.81 2.00
CA ILE A 61 3.23 3.43 2.22
C ILE A 61 4.29 2.90 1.26
N CYS A 62 4.30 3.42 0.05
CA CYS A 62 5.24 3.02 -0.98
C CYS A 62 6.55 3.81 -0.88
N LYS A 63 6.72 4.46 0.24
CA LYS A 63 7.93 5.19 0.51
C LYS A 63 9.07 4.25 0.92
N GLN A 64 8.77 3.00 1.02
CA GLN A 64 9.76 2.04 1.42
C GLN A 64 10.61 1.62 0.25
N GLN A 65 10.03 1.72 -0.91
CA GLN A 65 10.68 1.34 -2.12
C GLN A 65 11.04 2.56 -2.97
N GLN A 66 10.48 3.70 -2.61
CA GLN A 66 10.77 4.93 -3.32
C GLN A 66 11.55 5.93 -2.45
N SER A 67 11.27 5.96 -1.18
CA SER A 67 11.99 6.85 -0.29
C SER A 67 13.12 6.06 0.40
N LYS A 68 13.38 4.86 -0.14
CA LYS A 68 14.49 4.01 0.33
C LYS A 68 15.81 4.68 -0.01
N LEU A 69 15.72 5.66 -0.88
CA LEU A 69 16.83 6.45 -1.32
C LEU A 69 17.44 7.22 -0.15
N SER A 70 16.67 7.36 0.94
CA SER A 70 17.18 7.96 2.15
C SER A 70 17.13 6.95 3.30
N VAL A 71 16.51 5.80 3.07
CA VAL A 71 16.31 4.84 4.13
C VAL A 71 16.68 3.43 3.68
N THR A 72 17.73 2.93 4.23
CA THR A 72 18.24 1.63 3.95
C THR A 72 17.21 0.55 4.39
N PRO A 73 17.00 -0.52 3.57
CA PRO A 73 16.15 -1.65 3.94
C PRO A 73 16.62 -2.30 5.24
N SER A 74 17.91 -2.30 5.45
CA SER A 74 18.52 -2.89 6.60
C SER A 74 18.50 -1.94 7.82
N ASP A 75 18.30 -0.64 7.57
CA ASP A 75 18.41 0.34 8.67
C ASP A 75 17.05 0.73 9.21
N ARG A 76 16.00 0.43 8.44
CA ARG A 76 14.70 0.59 8.87
C ARG A 76 14.41 -0.62 9.72
N THR A 77 13.27 -0.67 10.17
CA THR A 77 12.88 -1.71 11.07
C THR A 77 12.22 -2.83 10.31
N ALA A 78 11.96 -3.91 11.00
CA ALA A 78 11.23 -5.01 10.41
C ALA A 78 9.82 -4.58 10.10
N GLU A 79 9.32 -3.67 10.93
CA GLU A 79 8.03 -3.07 10.75
C GLU A 79 8.03 -2.24 9.47
N LEU A 80 9.05 -1.40 9.30
CA LEU A 80 9.19 -0.60 8.09
C LEU A 80 9.35 -1.49 6.87
N ASN A 81 10.13 -2.56 7.00
CA ASN A 81 10.25 -3.57 5.93
C ASN A 81 8.92 -4.25 5.59
N SER A 82 7.98 -4.22 6.52
CA SER A 82 6.67 -4.83 6.30
C SER A 82 5.79 -3.90 5.45
N TYR A 83 6.22 -2.65 5.32
CA TYR A 83 5.52 -1.70 4.51
C TYR A 83 5.92 -1.76 3.05
N PRO A 84 4.96 -1.48 2.15
CA PRO A 84 3.60 -1.14 2.53
C PRO A 84 2.84 -2.33 3.08
N ARG A 85 2.14 -2.09 4.17
CA ARG A 85 1.37 -3.11 4.80
C ARG A 85 0.26 -3.51 3.94
N PHE A 86 0.26 -4.77 3.51
CA PHE A 86 -0.75 -5.30 2.60
C PHE A 86 -2.16 -4.96 3.08
N SER A 87 -2.38 -5.16 4.36
CA SER A 87 -3.65 -4.93 5.01
C SER A 87 -4.12 -3.47 4.91
N ASP A 88 -3.18 -2.55 4.93
CA ASP A 88 -3.53 -1.13 4.76
C ASP A 88 -3.50 -0.75 3.29
N TRP A 89 -2.57 -1.36 2.59
CA TRP A 89 -2.30 -1.12 1.18
C TRP A 89 -3.48 -1.49 0.31
N LEU A 90 -3.99 -2.69 0.45
CA LEU A 90 -5.10 -3.11 -0.36
C LEU A 90 -6.36 -2.34 -0.04
N TYR A 91 -6.35 -1.69 1.09
CA TYR A 91 -7.48 -0.96 1.57
C TYR A 91 -7.57 0.34 0.82
N ILE A 92 -6.41 0.83 0.40
CA ILE A 92 -6.29 2.10 -0.31
C ILE A 92 -7.08 2.07 -1.62
N PHE A 93 -6.90 1.01 -2.39
CA PHE A 93 -7.54 0.91 -3.70
C PHE A 93 -8.74 -0.01 -3.63
N ASN A 94 -8.93 -0.64 -2.48
CA ASN A 94 -9.96 -1.67 -2.26
C ASN A 94 -9.66 -2.87 -3.17
N VAL A 95 -8.55 -3.52 -2.89
CA VAL A 95 -8.15 -4.69 -3.60
C VAL A 95 -8.64 -5.93 -2.87
N ARG A 96 -9.95 -6.14 -2.97
CA ARG A 96 -10.68 -7.32 -2.46
C ARG A 96 -10.05 -7.94 -1.21
N PRO A 97 -10.25 -7.33 -0.04
CA PRO A 97 -9.63 -7.80 1.19
C PRO A 97 -10.22 -9.15 1.63
N GLU A 98 -11.36 -9.44 1.04
CA GLU A 98 -12.08 -10.68 1.21
C GLU A 98 -11.32 -11.81 0.47
N VAL A 99 -10.64 -11.44 -0.61
CA VAL A 99 -9.89 -12.38 -1.44
C VAL A 99 -8.51 -12.56 -0.87
N VAL A 100 -7.94 -11.45 -0.48
CA VAL A 100 -6.63 -11.43 0.15
C VAL A 100 -6.64 -12.13 1.52
N GLN A 101 -7.84 -12.38 2.02
CA GLN A 101 -8.00 -13.04 3.27
C GLN A 101 -7.81 -14.55 3.09
N GLU A 102 -7.75 -14.98 1.85
CA GLU A 102 -7.51 -16.37 1.51
C GLU A 102 -6.03 -16.63 1.33
N ILE A 103 -5.25 -15.56 1.24
CA ILE A 103 -3.83 -15.69 1.05
C ILE A 103 -3.20 -16.27 2.34
N PRO A 104 -2.27 -17.24 2.22
CA PRO A 104 -1.57 -17.78 3.38
C PRO A 104 -0.74 -16.69 4.07
N GLN A 105 -0.33 -16.91 5.31
CA GLN A 105 0.51 -15.92 5.99
C GLN A 105 1.93 -15.97 5.44
N GLU A 106 2.18 -17.01 4.68
CA GLU A 106 3.44 -17.26 4.02
C GLU A 106 3.67 -16.23 2.92
N LEU A 107 2.60 -15.73 2.34
CA LEU A 107 2.67 -14.83 1.25
C LEU A 107 2.02 -13.52 1.65
N THR A 108 2.67 -12.44 1.39
CA THR A 108 2.15 -11.14 1.69
C THR A 108 2.57 -10.19 0.56
N LEU A 109 2.43 -8.91 0.78
CA LEU A 109 2.66 -7.90 -0.24
C LEU A 109 4.13 -7.86 -0.68
N ASP A 110 5.04 -8.12 0.25
CA ASP A 110 6.49 -8.11 -0.06
C ASP A 110 6.82 -9.16 -1.13
N ALA A 111 6.04 -10.23 -1.16
CA ALA A 111 6.21 -11.28 -2.15
C ALA A 111 5.33 -11.03 -3.36
N LEU A 112 4.28 -10.26 -3.16
CA LEU A 112 3.37 -9.90 -4.24
C LEU A 112 4.01 -8.85 -5.14
N LEU A 113 4.70 -7.88 -4.54
CA LEU A 113 5.42 -6.86 -5.31
C LEU A 113 6.66 -7.44 -5.97
N GLU A 114 7.08 -8.54 -5.41
CA GLU A 114 8.19 -9.27 -5.85
C GLU A 114 7.85 -10.07 -7.12
N MET A 115 6.60 -10.46 -7.25
CA MET A 115 6.17 -11.22 -8.40
C MET A 115 5.67 -10.28 -9.48
N ASP A 116 5.45 -10.81 -10.66
CA ASP A 116 4.95 -10.01 -11.76
C ASP A 116 3.48 -9.94 -11.60
N GLU A 117 2.89 -9.03 -12.31
CA GLU A 117 1.46 -8.91 -12.35
C GLU A 117 0.90 -10.18 -13.00
N ALA A 118 1.64 -10.74 -13.96
CA ALA A 118 1.23 -11.94 -14.65
C ALA A 118 1.23 -13.13 -13.72
N LYS A 119 2.13 -13.12 -12.79
CA LYS A 119 2.24 -14.21 -11.84
C LYS A 119 1.27 -14.00 -10.67
N ALA A 120 0.81 -12.78 -10.53
CA ALA A 120 0.04 -12.42 -9.37
C ALA A 120 -1.42 -12.50 -9.68
N LYS A 121 -1.74 -12.28 -10.94
CA LYS A 121 -3.08 -12.32 -11.39
C LYS A 121 -3.71 -13.66 -11.23
N GLU A 122 -2.95 -14.62 -11.51
CA GLU A 122 -3.38 -15.99 -11.39
C GLU A 122 -3.33 -16.49 -9.96
N MET A 123 -2.69 -15.76 -9.08
CA MET A 123 -2.69 -16.09 -7.66
C MET A 123 -3.99 -15.58 -7.10
N LEU A 124 -4.26 -14.32 -7.37
CA LEU A 124 -5.47 -13.67 -6.95
C LEU A 124 -6.70 -14.34 -7.52
N ARG A 125 -6.63 -14.75 -8.79
CA ARG A 125 -7.76 -15.38 -9.45
C ARG A 125 -8.12 -16.68 -8.70
N ARG A 126 -7.13 -17.32 -8.12
CA ARG A 126 -7.35 -18.54 -7.35
C ARG A 126 -7.88 -18.23 -5.96
N TRP A 127 -7.68 -17.02 -5.50
CA TRP A 127 -8.06 -16.66 -4.17
C TRP A 127 -9.49 -16.13 -4.11
N GLY A 128 -10.12 -15.97 -5.25
CA GLY A 128 -11.49 -15.50 -5.27
C GLY A 128 -11.68 -14.31 -6.16
N ALA A 129 -10.59 -13.75 -6.63
CA ALA A 129 -10.64 -12.63 -7.54
C ALA A 129 -11.09 -13.13 -8.89
N SER A 130 -12.08 -12.50 -9.46
CA SER A 130 -12.60 -12.93 -10.73
C SER A 130 -11.62 -12.49 -11.82
N THR A 131 -11.74 -13.03 -13.00
CA THR A 131 -10.80 -12.74 -14.07
C THR A 131 -10.76 -11.23 -14.42
N GLU A 132 -11.90 -10.54 -14.33
CA GLU A 132 -11.98 -9.13 -14.64
C GLU A 132 -11.58 -8.33 -13.42
N GLU A 133 -11.97 -8.85 -12.27
CA GLU A 133 -11.68 -8.22 -11.01
C GLU A 133 -10.19 -8.20 -10.76
N CYS A 134 -9.53 -9.29 -11.09
CA CYS A 134 -8.11 -9.39 -10.90
C CYS A 134 -7.41 -8.33 -11.73
N SER A 135 -7.80 -8.19 -13.00
CA SER A 135 -7.21 -7.22 -13.92
C SER A 135 -7.34 -5.79 -13.35
N ARG A 136 -8.50 -5.52 -12.79
CA ARG A 136 -8.84 -4.26 -12.13
C ARG A 136 -7.86 -3.99 -10.97
N LEU A 137 -7.54 -5.04 -10.25
CA LEU A 137 -6.63 -4.95 -9.11
C LEU A 137 -5.22 -4.79 -9.58
N GLN A 138 -4.86 -5.57 -10.57
CA GLN A 138 -3.52 -5.55 -11.18
C GLN A 138 -3.07 -4.15 -11.56
N GLN A 139 -4.02 -3.32 -11.97
CA GLN A 139 -3.75 -1.93 -12.30
C GLN A 139 -3.13 -1.21 -11.10
N ALA A 140 -3.71 -1.47 -9.94
CA ALA A 140 -3.28 -0.83 -8.72
C ALA A 140 -2.05 -1.50 -8.14
N LEU A 141 -1.99 -2.84 -8.24
CA LEU A 141 -0.86 -3.59 -7.65
C LEU A 141 0.43 -3.24 -8.40
N THR A 142 0.29 -2.93 -9.68
CA THR A 142 1.40 -2.55 -10.56
C THR A 142 2.16 -1.33 -10.05
N CYS A 143 1.48 -0.49 -9.28
CA CYS A 143 2.06 0.72 -8.72
C CYS A 143 3.34 0.40 -7.93
N LEU A 144 3.36 -0.75 -7.26
CA LEU A 144 4.52 -1.17 -6.47
C LEU A 144 5.75 -1.40 -7.30
N ARG A 145 5.56 -1.79 -8.53
CA ARG A 145 6.66 -2.07 -9.41
C ARG A 145 6.98 -0.86 -10.25
N LYS A 146 6.30 0.24 -10.01
CA LYS A 146 6.50 1.42 -10.81
C LYS A 146 6.76 2.64 -9.91
N VAL A 147 6.77 2.44 -8.62
CA VAL A 147 7.01 3.52 -7.69
C VAL A 147 8.50 3.51 -7.29
N THR A 148 9.30 3.83 -8.26
CA THR A 148 10.72 3.84 -8.13
C THR A 148 11.25 5.20 -7.76
N GLY A 149 12.50 5.24 -7.38
CA GLY A 149 13.17 6.44 -7.04
C GLY A 149 14.60 6.38 -7.52
N GLY A 1 21.41 12.57 -5.45
CA GLY A 1 22.44 12.03 -4.56
C GLY A 1 21.84 11.53 -3.27
N HIS A 2 22.23 10.34 -2.88
CA HIS A 2 21.73 9.69 -1.67
C HIS A 2 22.71 8.60 -1.24
N MET A 3 22.47 8.01 -0.10
CA MET A 3 23.30 6.92 0.39
C MET A 3 22.50 6.10 1.39
N ASP A 4 22.15 4.89 1.03
CA ASP A 4 21.39 4.00 1.93
C ASP A 4 22.33 3.28 2.89
N GLY A 5 23.20 4.06 3.45
CA GLY A 5 24.22 3.66 4.36
C GLY A 5 24.33 4.74 5.38
N GLY A 6 23.26 4.92 6.07
CA GLY A 6 23.12 5.96 7.01
C GLY A 6 21.85 6.69 6.77
N ALA A 7 20.79 6.23 7.40
CA ALA A 7 19.48 6.85 7.26
C ALA A 7 19.28 7.91 8.32
N GLY A 8 20.37 8.35 8.88
CA GLY A 8 20.41 9.33 9.99
C GLY A 8 19.44 10.49 9.84
N ALA A 9 19.44 11.13 8.70
CA ALA A 9 18.55 12.25 8.47
C ALA A 9 17.56 11.93 7.37
N ALA A 10 17.42 10.66 7.06
CA ALA A 10 16.55 10.25 5.96
C ALA A 10 15.51 9.22 6.36
N VAL A 11 15.73 8.53 7.46
CA VAL A 11 14.81 7.52 7.96
C VAL A 11 13.50 8.17 8.40
N SER A 12 13.61 9.42 8.76
CA SER A 12 12.56 10.23 9.27
C SER A 12 11.35 10.23 8.34
N ARG A 13 11.62 10.36 7.09
CA ARG A 13 10.58 10.52 6.10
C ARG A 13 9.96 9.20 5.75
N ALA A 14 10.54 8.13 6.22
CA ALA A 14 10.03 6.82 5.93
C ALA A 14 9.50 6.16 7.19
N LEU A 15 9.79 6.73 8.33
CA LEU A 15 9.47 6.08 9.59
C LEU A 15 8.62 6.94 10.46
N GLN A 16 8.77 8.24 10.38
CA GLN A 16 8.01 9.11 11.24
C GLN A 16 6.56 9.05 10.93
N GLN A 17 6.21 8.76 9.71
CA GLN A 17 4.81 8.70 9.40
C GLN A 17 4.25 7.34 9.70
N CYS A 18 5.14 6.39 9.84
CA CYS A 18 4.81 5.00 10.09
C CYS A 18 4.26 4.79 11.48
N GLY A 19 4.88 5.38 12.47
CA GLY A 19 4.42 5.12 13.81
C GLY A 19 4.15 6.36 14.57
N GLN A 20 5.12 7.25 14.53
CA GLN A 20 5.09 8.50 15.25
C GLN A 20 3.89 9.37 14.86
N LEU A 21 3.76 9.67 13.58
CA LEU A 21 2.66 10.48 13.13
C LEU A 21 1.41 9.66 12.89
N GLN A 22 1.41 8.82 11.83
CA GLN A 22 0.27 7.96 11.45
C GLN A 22 -1.01 8.74 11.14
N LYS A 23 -0.84 9.98 10.93
CA LYS A 23 -1.96 10.86 10.63
C LYS A 23 -2.24 10.72 9.15
N LEU A 24 -1.19 10.48 8.47
CA LEU A 24 -1.21 10.37 7.07
C LEU A 24 -1.78 9.04 6.60
N ILE A 25 -1.51 8.02 7.36
CA ILE A 25 -1.90 6.68 6.97
C ILE A 25 -3.17 6.23 7.70
N ASP A 26 -3.45 6.78 8.85
CA ASP A 26 -4.66 6.34 9.59
C ASP A 26 -5.77 7.34 9.44
N ILE A 27 -5.40 8.57 9.63
CA ILE A 27 -6.36 9.65 9.61
C ILE A 27 -6.88 9.84 8.18
N SER A 28 -5.99 9.81 7.21
CA SER A 28 -6.39 9.93 5.84
C SER A 28 -7.09 8.66 5.33
N ILE A 29 -6.85 7.53 5.98
CA ILE A 29 -7.50 6.28 5.58
C ILE A 29 -8.89 6.22 6.21
N GLY A 30 -9.09 7.02 7.26
CA GLY A 30 -10.35 7.04 7.98
C GLY A 30 -11.50 7.40 7.08
N SER A 31 -11.23 8.30 6.18
CA SER A 31 -12.15 8.77 5.21
C SER A 31 -12.67 7.62 4.32
N LEU A 32 -11.74 6.85 3.76
CA LEU A 32 -12.12 5.71 2.93
C LEU A 32 -12.60 4.55 3.78
N ARG A 33 -12.14 4.49 5.01
CA ARG A 33 -12.54 3.45 5.95
C ARG A 33 -14.05 3.43 6.15
N GLY A 34 -14.66 4.61 6.12
CA GLY A 34 -16.10 4.68 6.18
C GLY A 34 -16.74 4.02 4.98
N LEU A 35 -16.23 4.36 3.79
CA LEU A 35 -16.77 3.83 2.53
C LEU A 35 -16.53 2.33 2.39
N ARG A 36 -15.36 1.87 2.81
CA ARG A 36 -14.99 0.45 2.73
C ARG A 36 -15.78 -0.37 3.70
N THR A 37 -16.29 0.25 4.74
CA THR A 37 -17.09 -0.46 5.66
C THR A 37 -18.57 -0.32 5.24
N LYS A 38 -19.24 0.73 5.71
CA LYS A 38 -20.64 0.98 5.43
C LYS A 38 -20.88 2.48 5.48
N CYS A 39 -20.87 3.13 4.34
CA CYS A 39 -21.10 4.56 4.28
C CYS A 39 -21.30 5.00 2.85
N SER A 40 -22.12 5.99 2.67
CA SER A 40 -22.35 6.61 1.43
C SER A 40 -22.56 8.09 1.75
N VAL A 41 -21.59 8.90 1.41
CA VAL A 41 -21.61 10.32 1.72
C VAL A 41 -22.36 11.03 0.60
N SER A 42 -23.19 11.96 0.96
CA SER A 42 -24.00 12.70 0.01
C SER A 42 -23.27 13.95 -0.46
N ASN A 43 -21.96 13.93 -0.33
CA ASN A 43 -21.14 14.99 -0.78
C ASN A 43 -20.20 14.46 -1.83
N ASP A 44 -20.53 14.76 -3.07
CA ASP A 44 -19.80 14.26 -4.23
C ASP A 44 -18.37 14.78 -4.20
N LEU A 45 -18.19 15.99 -3.69
CA LEU A 45 -16.88 16.59 -3.67
C LEU A 45 -15.99 15.91 -2.63
N THR A 46 -16.60 15.38 -1.57
CA THR A 46 -15.86 14.64 -0.60
C THR A 46 -15.41 13.34 -1.21
N GLN A 47 -16.29 12.71 -2.00
CA GLN A 47 -15.97 11.46 -2.70
C GLN A 47 -14.77 11.69 -3.63
N GLN A 48 -14.70 12.89 -4.16
CA GLN A 48 -13.62 13.29 -5.06
C GLN A 48 -12.33 13.45 -4.28
N GLU A 49 -12.40 14.16 -3.14
CA GLU A 49 -11.22 14.35 -2.29
C GLU A 49 -10.76 13.04 -1.71
N ILE A 50 -11.70 12.15 -1.44
CA ILE A 50 -11.40 10.84 -0.92
C ILE A 50 -10.50 10.08 -1.89
N ARG A 51 -10.71 10.26 -3.20
CA ARG A 51 -9.87 9.58 -4.19
C ARG A 51 -8.48 10.18 -4.17
N THR A 52 -8.43 11.45 -3.84
CA THR A 52 -7.20 12.15 -3.70
C THR A 52 -6.46 11.61 -2.48
N LEU A 53 -7.22 11.31 -1.43
CA LEU A 53 -6.69 10.71 -0.23
C LEU A 53 -6.18 9.31 -0.55
N GLU A 54 -7.00 8.53 -1.27
CA GLU A 54 -6.64 7.18 -1.72
C GLU A 54 -5.27 7.20 -2.41
N ALA A 55 -5.15 8.03 -3.42
CA ALA A 55 -3.91 8.15 -4.16
C ALA A 55 -2.78 8.67 -3.25
N LYS A 56 -3.15 9.49 -2.28
CA LYS A 56 -2.20 10.09 -1.35
C LYS A 56 -1.59 9.10 -0.36
N LEU A 57 -2.39 8.19 0.21
CA LEU A 57 -1.84 7.23 1.18
C LEU A 57 -0.84 6.30 0.55
N VAL A 58 -0.97 6.07 -0.75
CA VAL A 58 -0.03 5.25 -1.49
C VAL A 58 1.38 5.83 -1.36
N LYS A 59 1.46 7.15 -1.29
CA LYS A 59 2.73 7.83 -1.15
C LYS A 59 3.38 7.57 0.19
N TYR A 60 2.58 7.25 1.20
CA TYR A 60 3.11 7.12 2.52
C TYR A 60 3.44 5.70 2.80
N ILE A 61 2.82 4.84 2.06
CA ILE A 61 3.00 3.46 2.30
C ILE A 61 3.97 2.83 1.30
N CYS A 62 3.94 3.30 0.06
CA CYS A 62 4.76 2.72 -0.98
C CYS A 62 6.07 3.46 -1.14
N LYS A 63 6.39 4.30 -0.20
CA LYS A 63 7.66 4.99 -0.26
C LYS A 63 8.79 4.10 0.25
N GLN A 64 8.43 2.92 0.70
CA GLN A 64 9.38 1.98 1.27
C GLN A 64 10.23 1.34 0.19
N GLN A 65 9.83 1.50 -1.06
CA GLN A 65 10.56 0.99 -2.20
C GLN A 65 11.23 2.14 -2.95
N GLN A 66 10.90 3.32 -2.52
CA GLN A 66 11.36 4.52 -3.16
C GLN A 66 12.41 5.20 -2.29
N SER A 67 12.01 5.49 -1.08
CA SER A 67 12.82 6.17 -0.11
C SER A 67 13.76 5.20 0.60
N LYS A 68 13.63 3.89 0.31
CA LYS A 68 14.53 2.88 0.89
C LYS A 68 15.97 3.14 0.44
N LEU A 69 16.12 3.88 -0.66
CA LEU A 69 17.40 4.26 -1.19
C LEU A 69 18.12 5.24 -0.26
N SER A 70 17.40 5.80 0.68
CA SER A 70 17.97 6.72 1.61
C SER A 70 18.00 6.12 3.02
N VAL A 71 17.45 4.93 3.17
CA VAL A 71 17.32 4.34 4.48
C VAL A 71 17.95 2.95 4.51
N THR A 72 18.89 2.77 5.37
CA THR A 72 19.56 1.54 5.55
C THR A 72 18.63 0.54 6.29
N PRO A 73 18.67 -0.78 5.95
CA PRO A 73 17.80 -1.84 6.52
C PRO A 73 17.79 -1.88 8.06
N SER A 74 18.92 -1.59 8.66
CA SER A 74 19.00 -1.65 10.12
C SER A 74 18.48 -0.34 10.77
N ASP A 75 18.27 0.70 9.96
CA ASP A 75 17.77 1.95 10.43
C ASP A 75 16.27 1.89 10.54
N ARG A 76 15.69 1.02 9.76
CA ARG A 76 14.33 0.78 9.76
C ARG A 76 14.15 -0.50 10.57
N THR A 77 13.07 -1.10 10.44
CA THR A 77 12.73 -2.29 11.18
C THR A 77 12.10 -3.29 10.26
N ALA A 78 11.86 -4.48 10.76
CA ALA A 78 11.19 -5.52 10.02
C ALA A 78 9.80 -5.04 9.63
N GLU A 79 9.19 -4.25 10.50
CA GLU A 79 7.89 -3.69 10.25
C GLU A 79 7.97 -2.66 9.13
N LEU A 80 8.98 -1.78 9.18
CA LEU A 80 9.20 -0.80 8.10
C LEU A 80 9.47 -1.50 6.77
N ASN A 81 10.15 -2.63 6.83
CA ASN A 81 10.37 -3.48 5.64
C ASN A 81 9.10 -4.19 5.19
N SER A 82 8.14 -4.36 6.08
CA SER A 82 6.90 -5.03 5.75
C SER A 82 5.96 -4.04 5.06
N TYR A 83 6.21 -2.76 5.30
CA TYR A 83 5.47 -1.73 4.61
C TYR A 83 5.79 -1.69 3.13
N PRO A 84 4.79 -1.37 2.32
CA PRO A 84 3.45 -1.05 2.79
C PRO A 84 2.71 -2.26 3.35
N ARG A 85 2.01 -2.03 4.44
CA ARG A 85 1.24 -3.06 5.08
C ARG A 85 0.14 -3.49 4.17
N PHE A 86 0.09 -4.77 3.84
CA PHE A 86 -0.89 -5.31 2.90
C PHE A 86 -2.29 -4.92 3.32
N SER A 87 -2.57 -5.09 4.58
CA SER A 87 -3.84 -4.81 5.18
C SER A 87 -4.27 -3.36 4.96
N ASP A 88 -3.32 -2.46 5.08
CA ASP A 88 -3.60 -1.04 4.85
C ASP A 88 -3.60 -0.75 3.37
N TRP A 89 -2.62 -1.29 2.70
CA TRP A 89 -2.37 -1.07 1.28
C TRP A 89 -3.54 -1.46 0.42
N LEU A 90 -4.02 -2.67 0.55
CA LEU A 90 -5.12 -3.09 -0.28
C LEU A 90 -6.43 -2.45 0.13
N TYR A 91 -6.42 -1.79 1.26
CA TYR A 91 -7.59 -1.14 1.76
C TYR A 91 -7.68 0.24 1.10
N ILE A 92 -6.50 0.76 0.73
CA ILE A 92 -6.35 2.06 0.08
C ILE A 92 -7.15 2.07 -1.22
N PHE A 93 -6.96 1.05 -2.03
CA PHE A 93 -7.63 0.99 -3.33
C PHE A 93 -8.89 0.13 -3.23
N ASN A 94 -8.95 -0.65 -2.15
CA ASN A 94 -9.96 -1.67 -1.91
C ASN A 94 -9.81 -2.81 -2.93
N VAL A 95 -8.78 -3.60 -2.72
CA VAL A 95 -8.46 -4.73 -3.57
C VAL A 95 -9.02 -6.01 -2.98
N ARG A 96 -10.32 -6.23 -3.21
CA ARG A 96 -11.03 -7.45 -2.84
C ARG A 96 -10.68 -7.99 -1.46
N PRO A 97 -11.08 -7.29 -0.38
CA PRO A 97 -10.77 -7.73 0.98
C PRO A 97 -11.44 -9.08 1.30
N GLU A 98 -12.49 -9.42 0.56
CA GLU A 98 -13.17 -10.70 0.68
C GLU A 98 -12.29 -11.83 0.14
N VAL A 99 -11.39 -11.47 -0.76
CA VAL A 99 -10.50 -12.41 -1.42
C VAL A 99 -9.21 -12.56 -0.62
N VAL A 100 -8.88 -11.53 0.13
CA VAL A 100 -7.69 -11.52 0.97
C VAL A 100 -7.78 -12.60 2.04
N GLN A 101 -8.98 -12.85 2.46
CA GLN A 101 -9.25 -13.87 3.43
C GLN A 101 -9.12 -15.30 2.84
N GLU A 102 -8.87 -15.36 1.55
CA GLU A 102 -8.60 -16.62 0.87
C GLU A 102 -7.10 -16.80 0.74
N ILE A 103 -6.36 -15.69 0.86
CA ILE A 103 -4.91 -15.74 0.75
C ILE A 103 -4.38 -16.43 2.00
N PRO A 104 -3.37 -17.30 1.88
CA PRO A 104 -2.76 -17.91 3.04
C PRO A 104 -2.05 -16.83 3.85
N GLN A 105 -1.95 -17.02 5.14
CA GLN A 105 -1.40 -15.99 6.02
C GLN A 105 0.07 -15.72 5.76
N GLU A 106 0.76 -16.69 5.17
CA GLU A 106 2.15 -16.54 4.80
C GLU A 106 2.33 -15.46 3.74
N LEU A 107 1.43 -15.46 2.81
CA LEU A 107 1.53 -14.57 1.69
C LEU A 107 0.88 -13.26 2.00
N THR A 108 1.65 -12.24 1.88
CA THR A 108 1.25 -10.91 2.13
C THR A 108 1.83 -10.00 1.08
N LEU A 109 1.73 -8.69 1.28
CA LEU A 109 2.21 -7.73 0.30
C LEU A 109 3.70 -7.86 0.15
N ASP A 110 4.34 -8.24 1.25
CA ASP A 110 5.78 -8.48 1.32
C ASP A 110 6.22 -9.41 0.19
N ALA A 111 5.35 -10.35 -0.14
CA ALA A 111 5.59 -11.31 -1.20
C ALA A 111 4.95 -10.84 -2.51
N LEU A 112 3.80 -10.20 -2.40
CA LEU A 112 3.08 -9.71 -3.58
C LEU A 112 3.91 -8.67 -4.36
N LEU A 113 4.68 -7.88 -3.65
CA LEU A 113 5.55 -6.88 -4.28
C LEU A 113 6.76 -7.53 -4.97
N GLU A 114 7.12 -8.70 -4.48
CA GLU A 114 8.23 -9.46 -5.02
C GLU A 114 7.82 -10.20 -6.28
N MET A 115 6.56 -10.52 -6.36
CA MET A 115 6.06 -11.24 -7.51
C MET A 115 5.61 -10.26 -8.58
N ASP A 116 5.64 -10.71 -9.79
CA ASP A 116 5.32 -9.88 -10.94
C ASP A 116 3.84 -9.90 -11.19
N GLU A 117 3.38 -9.04 -12.10
CA GLU A 117 1.96 -8.88 -12.40
C GLU A 117 1.32 -10.19 -12.87
N ALA A 118 1.95 -10.82 -13.84
CA ALA A 118 1.48 -12.07 -14.39
C ALA A 118 1.53 -13.16 -13.33
N LYS A 119 2.53 -13.04 -12.47
CA LYS A 119 2.84 -14.03 -11.46
C LYS A 119 1.93 -13.82 -10.22
N ALA A 120 1.23 -12.71 -10.20
CA ALA A 120 0.36 -12.32 -9.10
C ALA A 120 -1.08 -12.46 -9.53
N LYS A 121 -1.29 -12.25 -10.81
CA LYS A 121 -2.57 -12.45 -11.48
C LYS A 121 -3.12 -13.81 -11.16
N GLU A 122 -2.32 -14.80 -11.51
CA GLU A 122 -2.64 -16.22 -11.29
C GLU A 122 -2.73 -16.59 -9.80
N MET A 123 -2.50 -15.63 -8.96
CA MET A 123 -2.69 -15.81 -7.55
C MET A 123 -4.05 -15.25 -7.20
N LEU A 124 -4.23 -13.96 -7.50
CA LEU A 124 -5.42 -13.22 -7.16
C LEU A 124 -6.66 -13.82 -7.83
N ARG A 125 -6.53 -14.15 -9.11
CA ARG A 125 -7.61 -14.75 -9.89
C ARG A 125 -8.00 -16.05 -9.19
N ARG A 126 -6.98 -16.74 -8.78
CA ARG A 126 -7.10 -18.03 -8.15
C ARG A 126 -7.70 -17.93 -6.73
N TRP A 127 -7.78 -16.74 -6.21
CA TRP A 127 -8.34 -16.56 -4.90
C TRP A 127 -9.79 -16.10 -4.96
N GLY A 128 -10.25 -15.69 -6.13
CA GLY A 128 -11.62 -15.25 -6.24
C GLY A 128 -11.81 -14.16 -7.27
N ALA A 129 -10.74 -13.45 -7.59
CA ALA A 129 -10.78 -12.40 -8.58
C ALA A 129 -11.01 -13.02 -9.96
N SER A 130 -11.74 -12.37 -10.84
CA SER A 130 -11.95 -12.96 -12.14
C SER A 130 -10.72 -12.64 -13.01
N THR A 131 -10.58 -13.34 -14.11
CA THR A 131 -9.44 -13.14 -15.01
C THR A 131 -9.47 -11.73 -15.64
N GLU A 132 -10.63 -11.11 -15.61
CA GLU A 132 -10.86 -9.83 -16.17
C GLU A 132 -10.60 -8.80 -15.09
N GLU A 133 -11.23 -9.04 -13.94
CA GLU A 133 -11.09 -8.19 -12.79
C GLU A 133 -9.68 -8.09 -12.30
N CYS A 134 -8.94 -9.20 -12.36
CA CYS A 134 -7.58 -9.23 -11.86
C CYS A 134 -6.75 -8.10 -12.45
N SER A 135 -6.91 -7.86 -13.75
CA SER A 135 -6.18 -6.82 -14.45
C SER A 135 -6.49 -5.41 -13.87
N ARG A 136 -7.72 -5.22 -13.38
CA ARG A 136 -8.11 -3.95 -12.76
C ARG A 136 -7.29 -3.75 -11.49
N LEU A 137 -7.06 -4.84 -10.79
CA LEU A 137 -6.29 -4.78 -9.57
C LEU A 137 -4.82 -4.70 -9.89
N GLN A 138 -4.39 -5.41 -10.92
CA GLN A 138 -3.00 -5.40 -11.37
C GLN A 138 -2.50 -3.99 -11.63
N GLN A 139 -3.37 -3.14 -12.16
CA GLN A 139 -3.03 -1.74 -12.39
C GLN A 139 -2.69 -1.02 -11.08
N ALA A 140 -3.36 -1.44 -10.03
CA ALA A 140 -3.17 -0.85 -8.72
C ALA A 140 -2.03 -1.54 -7.97
N LEU A 141 -1.91 -2.86 -8.14
CA LEU A 141 -0.88 -3.61 -7.43
C LEU A 141 0.50 -3.27 -8.02
N THR A 142 0.53 -3.03 -9.34
CA THR A 142 1.76 -2.65 -10.05
C THR A 142 2.31 -1.30 -9.54
N CYS A 143 1.44 -0.51 -8.91
CA CYS A 143 1.81 0.79 -8.39
C CYS A 143 2.93 0.65 -7.35
N LEU A 144 3.02 -0.53 -6.71
CA LEU A 144 4.09 -0.84 -5.76
C LEU A 144 5.45 -0.59 -6.34
N ARG A 145 5.70 -1.23 -7.46
CA ARG A 145 6.99 -1.18 -8.09
C ARG A 145 7.12 0.02 -9.00
N LYS A 146 6.08 0.81 -9.05
CA LYS A 146 6.08 2.01 -9.81
C LYS A 146 6.80 3.08 -8.98
N VAL A 147 6.66 2.95 -7.65
CA VAL A 147 7.25 3.89 -6.70
C VAL A 147 8.65 3.38 -6.31
N THR A 148 9.41 3.03 -7.29
CA THR A 148 10.75 2.56 -7.05
C THR A 148 11.74 3.69 -7.24
N GLY A 149 12.85 3.61 -6.58
CA GLY A 149 13.86 4.60 -6.74
C GLY A 149 14.87 4.16 -7.77
N GLY A 1 24.43 9.37 -6.69
CA GLY A 1 24.64 8.18 -5.88
C GLY A 1 23.42 7.88 -5.09
N HIS A 2 23.53 7.01 -4.14
CA HIS A 2 22.42 6.71 -3.28
C HIS A 2 22.72 7.23 -1.91
N MET A 3 21.71 7.37 -1.11
CA MET A 3 21.85 7.86 0.24
C MET A 3 21.63 6.70 1.19
N ASP A 4 21.68 5.52 0.62
CA ASP A 4 21.55 4.26 1.32
C ASP A 4 22.86 3.96 2.01
N GLY A 5 22.78 3.63 3.25
CA GLY A 5 23.95 3.34 4.02
C GLY A 5 23.78 3.90 5.39
N GLY A 6 23.28 5.11 5.43
CA GLY A 6 22.99 5.76 6.65
C GLY A 6 21.68 6.45 6.57
N ALA A 7 20.66 5.83 7.11
CA ALA A 7 19.32 6.40 7.11
C ALA A 7 19.08 7.24 8.34
N GLY A 8 20.14 7.50 9.05
CA GLY A 8 20.13 8.22 10.34
C GLY A 8 19.16 9.42 10.43
N ALA A 9 19.21 10.29 9.44
CA ALA A 9 18.34 11.45 9.43
C ALA A 9 17.32 11.36 8.29
N ALA A 10 17.47 10.35 7.46
CA ALA A 10 16.65 10.17 6.27
C ALA A 10 15.50 9.19 6.50
N VAL A 11 15.62 8.38 7.52
CA VAL A 11 14.61 7.37 7.87
C VAL A 11 13.33 8.04 8.36
N SER A 12 13.46 9.27 8.80
CA SER A 12 12.38 10.01 9.40
C SER A 12 11.21 10.17 8.42
N ARG A 13 11.53 10.41 7.19
CA ARG A 13 10.51 10.69 6.18
C ARG A 13 9.91 9.42 5.65
N ALA A 14 10.48 8.30 6.01
CA ALA A 14 10.01 7.03 5.50
C ALA A 14 9.55 6.14 6.63
N LEU A 15 9.62 6.63 7.84
CA LEU A 15 9.25 5.82 8.99
C LEU A 15 8.36 6.58 9.92
N GLN A 16 8.59 7.89 10.06
CA GLN A 16 7.77 8.69 11.00
C GLN A 16 6.30 8.58 10.70
N GLN A 17 5.95 8.44 9.45
CA GLN A 17 4.54 8.41 9.16
C GLN A 17 4.00 7.01 9.32
N CYS A 18 4.88 6.08 9.16
CA CYS A 18 4.59 4.68 9.11
C CYS A 18 4.37 4.09 10.48
N GLY A 19 5.25 4.39 11.40
CA GLY A 19 5.18 3.72 12.67
C GLY A 19 5.13 4.65 13.83
N GLN A 20 4.76 5.88 13.58
CA GLN A 20 4.68 6.81 14.66
C GLN A 20 3.54 7.78 14.51
N LEU A 21 3.53 8.51 13.42
CA LEU A 21 2.52 9.55 13.22
C LEU A 21 1.12 9.00 13.10
N GLN A 22 0.89 8.13 12.10
CA GLN A 22 -0.45 7.53 11.86
C GLN A 22 -1.53 8.54 11.48
N LYS A 23 -1.19 9.79 11.48
CA LYS A 23 -2.19 10.83 11.26
C LYS A 23 -2.33 11.06 9.77
N LEU A 24 -1.44 10.47 9.08
CA LEU A 24 -1.39 10.55 7.67
C LEU A 24 -1.97 9.30 7.07
N ILE A 25 -1.76 8.19 7.73
CA ILE A 25 -2.19 6.91 7.21
C ILE A 25 -3.51 6.46 7.83
N ASP A 26 -3.76 6.84 9.05
CA ASP A 26 -4.99 6.38 9.73
C ASP A 26 -6.05 7.41 9.59
N ILE A 27 -5.70 8.63 9.87
CA ILE A 27 -6.62 9.74 9.84
C ILE A 27 -7.11 9.99 8.40
N SER A 28 -6.21 9.91 7.44
CA SER A 28 -6.58 10.09 6.07
C SER A 28 -7.28 8.83 5.51
N ILE A 29 -7.08 7.69 6.18
CA ILE A 29 -7.73 6.47 5.75
C ILE A 29 -9.11 6.40 6.33
N GLY A 30 -9.33 7.13 7.43
CA GLY A 30 -10.62 7.16 8.12
C GLY A 30 -11.75 7.53 7.18
N SER A 31 -11.46 8.43 6.29
CA SER A 31 -12.38 8.88 5.29
C SER A 31 -12.83 7.72 4.38
N LEU A 32 -11.87 6.96 3.88
CA LEU A 32 -12.20 5.83 3.04
C LEU A 32 -12.61 4.63 3.87
N ARG A 33 -12.15 4.58 5.11
CA ARG A 33 -12.50 3.53 6.06
C ARG A 33 -14.00 3.48 6.22
N GLY A 34 -14.58 4.65 6.35
CA GLY A 34 -16.00 4.76 6.38
C GLY A 34 -16.59 4.35 5.05
N LEU A 35 -16.11 4.97 3.96
CA LEU A 35 -16.62 4.76 2.59
C LEU A 35 -16.58 3.27 2.13
N ARG A 36 -15.54 2.52 2.56
CA ARG A 36 -15.40 1.09 2.23
C ARG A 36 -16.58 0.31 2.79
N THR A 37 -17.01 0.73 3.95
CA THR A 37 -17.94 -0.02 4.73
C THR A 37 -19.36 0.54 4.64
N LYS A 38 -19.48 1.85 4.80
CA LYS A 38 -20.74 2.57 4.85
C LYS A 38 -20.54 3.88 4.11
N CYS A 39 -21.37 4.88 4.42
CA CYS A 39 -21.29 6.23 3.87
C CYS A 39 -21.70 6.31 2.41
N SER A 40 -22.95 6.62 2.21
CA SER A 40 -23.45 6.85 0.89
C SER A 40 -23.54 8.36 0.71
N VAL A 41 -22.47 8.93 0.22
CA VAL A 41 -22.37 10.37 0.14
C VAL A 41 -22.88 10.83 -1.20
N SER A 42 -23.74 11.79 -1.18
CA SER A 42 -24.32 12.36 -2.37
C SER A 42 -23.48 13.57 -2.83
N ASN A 43 -22.38 13.76 -2.16
CA ASN A 43 -21.47 14.85 -2.42
C ASN A 43 -20.29 14.32 -3.20
N ASP A 44 -20.48 14.33 -4.52
CA ASP A 44 -19.55 13.79 -5.52
C ASP A 44 -18.20 14.41 -5.45
N LEU A 45 -18.16 15.70 -5.20
CA LEU A 45 -16.88 16.38 -5.16
C LEU A 45 -15.99 15.81 -4.05
N THR A 46 -16.63 15.36 -3.00
CA THR A 46 -15.95 14.76 -1.89
C THR A 46 -15.50 13.35 -2.23
N GLN A 47 -16.22 12.69 -3.13
CA GLN A 47 -15.84 11.34 -3.57
C GLN A 47 -14.49 11.42 -4.30
N GLN A 48 -14.28 12.56 -4.93
CA GLN A 48 -13.03 12.86 -5.63
C GLN A 48 -11.96 13.21 -4.62
N GLU A 49 -12.34 13.99 -3.61
CA GLU A 49 -11.43 14.36 -2.52
C GLU A 49 -10.95 13.10 -1.81
N ILE A 50 -11.89 12.21 -1.54
CA ILE A 50 -11.60 10.94 -0.90
C ILE A 50 -10.64 10.11 -1.77
N ARG A 51 -10.86 10.10 -3.08
CA ARG A 51 -10.00 9.33 -3.98
C ARG A 51 -8.60 9.94 -4.00
N THR A 52 -8.55 11.24 -3.78
CA THR A 52 -7.31 11.98 -3.68
C THR A 52 -6.58 11.53 -2.42
N LEU A 53 -7.35 11.38 -1.32
CA LEU A 53 -6.82 10.91 -0.06
C LEU A 53 -6.27 9.53 -0.25
N GLU A 54 -7.08 8.63 -0.85
CA GLU A 54 -6.67 7.25 -1.13
C GLU A 54 -5.31 7.24 -1.83
N ALA A 55 -5.25 7.88 -2.98
CA ALA A 55 -4.02 7.94 -3.77
C ALA A 55 -2.87 8.58 -2.99
N LYS A 56 -3.20 9.40 -2.02
CA LYS A 56 -2.22 10.05 -1.19
C LYS A 56 -1.62 9.10 -0.14
N LEU A 57 -2.45 8.23 0.44
CA LEU A 57 -1.97 7.29 1.48
C LEU A 57 -0.97 6.29 0.95
N VAL A 58 -1.10 5.89 -0.30
CA VAL A 58 -0.17 4.93 -0.87
C VAL A 58 1.24 5.53 -0.94
N LYS A 59 1.29 6.85 -0.94
CA LYS A 59 2.52 7.58 -0.99
C LYS A 59 3.07 7.75 0.41
N TYR A 60 2.37 7.25 1.39
CA TYR A 60 2.83 7.30 2.75
C TYR A 60 3.34 5.96 3.15
N ILE A 61 2.74 4.93 2.59
CA ILE A 61 3.10 3.59 2.93
C ILE A 61 4.14 3.01 1.97
N CYS A 62 3.99 3.26 0.68
CA CYS A 62 4.88 2.68 -0.29
C CYS A 62 6.06 3.58 -0.56
N LYS A 63 6.14 4.69 0.11
CA LYS A 63 7.25 5.60 -0.11
C LYS A 63 8.55 5.07 0.46
N GLN A 64 8.48 4.07 1.30
CA GLN A 64 9.66 3.55 1.93
C GLN A 64 10.48 2.66 0.99
N GLN A 65 9.88 2.30 -0.14
CA GLN A 65 10.56 1.54 -1.17
C GLN A 65 11.03 2.50 -2.27
N GLN A 66 10.60 3.73 -2.16
CA GLN A 66 11.04 4.79 -3.03
C GLN A 66 12.18 5.50 -2.32
N SER A 67 11.93 5.82 -1.07
CA SER A 67 12.89 6.45 -0.23
C SER A 67 13.86 5.40 0.35
N LYS A 68 13.70 4.11 -0.05
CA LYS A 68 14.67 3.06 0.34
C LYS A 68 16.06 3.38 -0.18
N LEU A 69 16.12 4.22 -1.21
CA LEU A 69 17.39 4.65 -1.78
C LEU A 69 18.10 5.61 -0.82
N SER A 70 17.38 6.00 0.19
CA SER A 70 17.86 6.92 1.18
C SER A 70 17.83 6.28 2.58
N VAL A 71 17.22 5.11 2.68
CA VAL A 71 17.08 4.45 3.96
C VAL A 71 17.55 3.02 3.83
N THR A 72 18.62 2.72 4.50
CA THR A 72 19.25 1.44 4.44
C THR A 72 18.28 0.34 4.94
N PRO A 73 18.24 -0.85 4.29
CA PRO A 73 17.34 -1.95 4.66
C PRO A 73 17.45 -2.39 6.13
N SER A 74 18.60 -2.22 6.74
CA SER A 74 18.74 -2.61 8.13
C SER A 74 18.78 -1.35 9.05
N ASP A 75 18.60 -0.18 8.45
CA ASP A 75 18.65 1.08 9.24
C ASP A 75 17.21 1.55 9.50
N ARG A 76 16.27 0.87 8.89
CA ARG A 76 14.89 1.06 9.12
C ARG A 76 14.53 0.11 10.28
N THR A 77 13.39 -0.44 10.25
CA THR A 77 12.99 -1.41 11.24
C THR A 77 12.52 -2.64 10.52
N ALA A 78 12.39 -3.74 11.22
CA ALA A 78 11.88 -4.96 10.63
C ALA A 78 10.45 -4.76 10.16
N GLU A 79 9.71 -3.93 10.89
CA GLU A 79 8.35 -3.62 10.51
C GLU A 79 8.38 -2.74 9.26
N LEU A 80 9.34 -1.80 9.19
CA LEU A 80 9.51 -0.91 8.04
C LEU A 80 9.82 -1.73 6.81
N ASN A 81 10.65 -2.75 6.99
CA ASN A 81 10.96 -3.74 5.93
C ASN A 81 9.71 -4.45 5.40
N SER A 82 8.70 -4.58 6.24
CA SER A 82 7.48 -5.24 5.85
C SER A 82 6.42 -4.27 5.32
N TYR A 83 6.73 -2.98 5.30
CA TYR A 83 5.86 -2.03 4.65
C TYR A 83 6.05 -2.07 3.15
N PRO A 84 5.04 -1.67 2.40
CA PRO A 84 3.75 -1.24 2.94
C PRO A 84 2.95 -2.40 3.51
N ARG A 85 2.19 -2.12 4.54
CA ARG A 85 1.36 -3.09 5.16
C ARG A 85 0.28 -3.49 4.22
N PHE A 86 0.25 -4.77 3.86
CA PHE A 86 -0.73 -5.30 2.91
C PHE A 86 -2.15 -4.91 3.36
N SER A 87 -2.38 -5.03 4.65
CA SER A 87 -3.63 -4.72 5.29
C SER A 87 -4.03 -3.26 5.08
N ASP A 88 -3.06 -2.40 5.18
CA ASP A 88 -3.28 -0.97 5.10
C ASP A 88 -2.84 -0.47 3.74
N TRP A 89 -2.75 -1.40 2.82
CA TRP A 89 -2.37 -1.12 1.46
C TRP A 89 -3.51 -1.43 0.55
N LEU A 90 -4.05 -2.65 0.66
CA LEU A 90 -5.17 -3.01 -0.17
C LEU A 90 -6.41 -2.22 0.17
N TYR A 91 -6.42 -1.61 1.32
CA TYR A 91 -7.54 -0.89 1.81
C TYR A 91 -7.58 0.48 1.13
N ILE A 92 -6.41 0.91 0.68
CA ILE A 92 -6.22 2.21 0.05
C ILE A 92 -6.97 2.26 -1.27
N PHE A 93 -6.83 1.22 -2.07
CA PHE A 93 -7.48 1.18 -3.38
C PHE A 93 -8.71 0.29 -3.33
N ASN A 94 -8.87 -0.40 -2.21
CA ASN A 94 -9.92 -1.41 -2.02
C ASN A 94 -9.70 -2.59 -2.99
N VAL A 95 -8.62 -3.29 -2.74
CA VAL A 95 -8.24 -4.43 -3.52
C VAL A 95 -8.72 -5.70 -2.86
N ARG A 96 -9.99 -6.04 -3.15
CA ARG A 96 -10.64 -7.32 -2.78
C ARG A 96 -10.12 -7.92 -1.48
N PRO A 97 -10.50 -7.35 -0.33
CA PRO A 97 -9.97 -7.78 0.95
C PRO A 97 -10.50 -9.16 1.33
N GLU A 98 -11.60 -9.54 0.68
CA GLU A 98 -12.22 -10.85 0.82
C GLU A 98 -11.22 -11.88 0.33
N VAL A 99 -10.56 -11.50 -0.74
CA VAL A 99 -9.65 -12.32 -1.50
C VAL A 99 -8.31 -12.42 -0.80
N VAL A 100 -7.82 -11.30 -0.37
CA VAL A 100 -6.55 -11.23 0.31
C VAL A 100 -6.57 -11.95 1.66
N GLN A 101 -7.75 -12.09 2.23
CA GLN A 101 -7.88 -12.79 3.48
C GLN A 101 -7.79 -14.31 3.30
N GLU A 102 -7.72 -14.74 2.04
CA GLU A 102 -7.59 -16.15 1.71
C GLU A 102 -6.14 -16.49 1.37
N ILE A 103 -5.29 -15.47 1.25
CA ILE A 103 -3.89 -15.69 0.90
C ILE A 103 -3.17 -16.40 2.08
N PRO A 104 -2.28 -17.39 1.78
CA PRO A 104 -1.51 -18.08 2.83
C PRO A 104 -0.59 -17.10 3.56
N GLN A 105 -0.29 -17.40 4.80
CA GLN A 105 0.50 -16.53 5.66
C GLN A 105 1.93 -16.29 5.13
N GLU A 106 2.43 -17.22 4.33
CA GLU A 106 3.74 -17.12 3.76
C GLU A 106 3.76 -16.00 2.71
N LEU A 107 2.65 -15.84 2.03
CA LEU A 107 2.57 -14.90 0.95
C LEU A 107 1.88 -13.65 1.44
N THR A 108 2.55 -12.59 1.36
CA THR A 108 2.03 -11.32 1.79
C THR A 108 2.49 -10.28 0.76
N LEU A 109 2.35 -9.01 1.04
CA LEU A 109 2.66 -7.96 0.08
C LEU A 109 4.12 -7.99 -0.32
N ASP A 110 4.96 -8.39 0.60
CA ASP A 110 6.40 -8.53 0.38
C ASP A 110 6.68 -9.52 -0.76
N ALA A 111 5.80 -10.49 -0.91
CA ALA A 111 5.91 -11.48 -1.96
C ALA A 111 5.11 -11.05 -3.18
N LEU A 112 4.03 -10.33 -2.94
CA LEU A 112 3.17 -9.84 -4.00
C LEU A 112 3.91 -8.79 -4.83
N LEU A 113 4.68 -7.92 -4.17
CA LEU A 113 5.50 -6.93 -4.87
C LEU A 113 6.65 -7.59 -5.62
N GLU A 114 7.03 -8.75 -5.16
CA GLU A 114 8.07 -9.51 -5.70
C GLU A 114 7.59 -10.22 -6.98
N MET A 115 6.31 -10.49 -7.05
CA MET A 115 5.77 -11.11 -8.22
C MET A 115 5.27 -10.09 -9.20
N ASP A 116 5.32 -10.43 -10.44
CA ASP A 116 4.94 -9.56 -11.53
C ASP A 116 3.45 -9.53 -11.64
N GLU A 117 2.91 -8.54 -12.36
CA GLU A 117 1.44 -8.41 -12.48
C GLU A 117 0.84 -9.66 -13.12
N ALA A 118 1.49 -10.16 -14.16
CA ALA A 118 1.03 -11.34 -14.87
C ALA A 118 1.11 -12.57 -13.95
N LYS A 119 2.03 -12.53 -13.03
CA LYS A 119 2.30 -13.62 -12.11
C LYS A 119 1.39 -13.52 -10.89
N ALA A 120 0.85 -12.34 -10.67
CA ALA A 120 0.01 -12.05 -9.53
C ALA A 120 -1.42 -12.17 -9.91
N LYS A 121 -1.67 -11.91 -11.19
CA LYS A 121 -2.96 -12.06 -11.82
C LYS A 121 -3.51 -13.44 -11.57
N GLU A 122 -2.67 -14.41 -11.75
CA GLU A 122 -3.06 -15.78 -11.60
C GLU A 122 -2.94 -16.28 -10.16
N MET A 123 -2.66 -15.37 -9.25
CA MET A 123 -2.66 -15.65 -7.83
C MET A 123 -3.90 -15.09 -7.22
N LEU A 124 -4.13 -13.82 -7.44
CA LEU A 124 -5.27 -13.15 -6.90
C LEU A 124 -6.57 -13.79 -7.42
N ARG A 125 -6.54 -14.22 -8.68
CA ARG A 125 -7.68 -14.83 -9.34
C ARG A 125 -7.99 -16.23 -8.69
N ARG A 126 -7.05 -16.73 -7.89
CA ARG A 126 -7.22 -17.99 -7.17
C ARG A 126 -7.93 -17.79 -5.87
N TRP A 127 -7.89 -16.59 -5.37
CA TRP A 127 -8.35 -16.32 -4.04
C TRP A 127 -9.73 -15.67 -4.02
N GLY A 128 -10.38 -15.63 -5.15
CA GLY A 128 -11.71 -15.07 -5.20
C GLY A 128 -11.82 -13.85 -6.08
N ALA A 129 -10.72 -13.46 -6.69
CA ALA A 129 -10.78 -12.41 -7.65
C ALA A 129 -11.14 -13.02 -8.99
N SER A 130 -12.06 -12.43 -9.70
CA SER A 130 -12.49 -12.99 -10.94
C SER A 130 -11.53 -12.55 -12.04
N THR A 131 -11.51 -13.29 -13.13
CA THR A 131 -10.62 -13.04 -14.26
C THR A 131 -10.92 -11.67 -14.91
N GLU A 132 -12.14 -11.19 -14.72
CA GLU A 132 -12.56 -9.94 -15.27
C GLU A 132 -12.11 -8.84 -14.36
N GLU A 133 -12.02 -9.18 -13.10
CA GLU A 133 -11.79 -8.23 -12.05
C GLU A 133 -10.33 -8.10 -11.71
N CYS A 134 -9.55 -9.17 -11.84
CA CYS A 134 -8.14 -9.17 -11.48
C CYS A 134 -7.39 -8.03 -12.14
N SER A 135 -7.71 -7.74 -13.39
CA SER A 135 -7.12 -6.68 -14.17
C SER A 135 -7.34 -5.29 -13.52
N ARG A 136 -8.45 -5.15 -12.80
CA ARG A 136 -8.78 -3.92 -12.09
C ARG A 136 -7.80 -3.72 -10.94
N LEU A 137 -7.48 -4.81 -10.27
CA LEU A 137 -6.63 -4.74 -9.11
C LEU A 137 -5.17 -4.65 -9.51
N GLN A 138 -4.77 -5.38 -10.55
CA GLN A 138 -3.38 -5.40 -11.03
C GLN A 138 -2.84 -4.01 -11.28
N GLN A 139 -3.66 -3.17 -11.90
CA GLN A 139 -3.31 -1.79 -12.21
C GLN A 139 -2.98 -1.02 -10.93
N ALA A 140 -3.75 -1.28 -9.89
CA ALA A 140 -3.56 -0.63 -8.62
C ALA A 140 -2.32 -1.17 -7.89
N LEU A 141 -2.07 -2.48 -8.02
CA LEU A 141 -0.94 -3.12 -7.36
C LEU A 141 0.37 -2.67 -8.04
N THR A 142 0.26 -2.34 -9.34
CA THR A 142 1.38 -1.90 -10.18
C THR A 142 2.11 -0.66 -9.57
N CYS A 143 1.39 0.08 -8.73
CA CYS A 143 1.90 1.23 -8.01
C CYS A 143 3.22 0.91 -7.28
N LEU A 144 3.36 -0.33 -6.79
CA LEU A 144 4.58 -0.78 -6.10
C LEU A 144 5.82 -0.72 -6.99
N ARG A 145 5.64 -0.87 -8.28
CA ARG A 145 6.76 -0.83 -9.22
C ARG A 145 6.80 0.51 -9.94
N LYS A 146 6.01 1.43 -9.42
CA LYS A 146 5.97 2.80 -9.89
C LYS A 146 6.67 3.67 -8.86
N VAL A 147 6.34 3.43 -7.61
CA VAL A 147 6.88 4.18 -6.50
C VAL A 147 8.33 3.75 -6.17
N THR A 148 9.16 4.00 -7.10
CA THR A 148 10.56 3.71 -7.00
C THR A 148 11.32 5.02 -6.92
N GLY A 149 12.49 4.99 -6.32
CA GLY A 149 13.30 6.18 -6.22
C GLY A 149 14.01 6.44 -7.52
N GLY A 1 25.36 13.37 0.09
CA GLY A 1 24.34 12.94 1.04
C GLY A 1 24.38 11.45 1.17
N HIS A 2 23.72 10.92 2.18
CA HIS A 2 23.72 9.49 2.38
C HIS A 2 22.59 8.83 1.59
N MET A 3 22.82 8.72 0.32
CA MET A 3 21.85 8.15 -0.60
C MET A 3 22.04 6.67 -0.70
N ASP A 4 21.00 5.94 -0.31
CA ASP A 4 20.95 4.46 -0.32
C ASP A 4 22.17 3.90 0.38
N GLY A 5 22.13 3.93 1.68
CA GLY A 5 23.25 3.50 2.41
C GLY A 5 23.12 3.81 3.86
N GLY A 6 22.79 5.04 4.16
CA GLY A 6 22.64 5.44 5.52
C GLY A 6 21.28 6.02 5.76
N ALA A 7 20.60 5.54 6.78
CA ALA A 7 19.32 6.11 7.15
C ALA A 7 19.37 6.74 8.51
N GLY A 8 20.55 6.79 9.07
CA GLY A 8 20.74 7.25 10.45
C GLY A 8 20.11 8.60 10.74
N ALA A 9 20.32 9.53 9.88
CA ALA A 9 19.77 10.86 10.05
C ALA A 9 18.55 11.11 9.15
N ALA A 10 17.99 10.05 8.58
CA ALA A 10 16.87 10.23 7.68
C ALA A 10 15.71 9.29 7.92
N VAL A 11 15.95 8.21 8.64
CA VAL A 11 14.91 7.22 8.93
C VAL A 11 13.77 7.86 9.71
N SER A 12 14.11 8.87 10.46
CA SER A 12 13.22 9.60 11.28
C SER A 12 12.02 10.14 10.49
N ARG A 13 12.31 10.70 9.35
CA ARG A 13 11.28 11.36 8.54
C ARG A 13 10.50 10.33 7.76
N ALA A 14 10.99 9.12 7.74
CA ALA A 14 10.36 8.06 7.03
C ALA A 14 9.69 7.11 8.01
N LEU A 15 9.79 7.44 9.28
CA LEU A 15 9.29 6.61 10.36
C LEU A 15 8.27 7.37 11.16
N GLN A 16 8.48 8.67 11.37
CA GLN A 16 7.54 9.51 12.14
C GLN A 16 6.12 9.32 11.69
N GLN A 17 5.91 9.17 10.42
CA GLN A 17 4.56 9.08 9.93
C GLN A 17 3.99 7.68 10.07
N CYS A 18 4.87 6.74 10.26
CA CYS A 18 4.52 5.35 10.35
C CYS A 18 4.26 4.92 11.78
N GLY A 19 5.15 5.26 12.69
CA GLY A 19 5.05 4.68 14.01
C GLY A 19 4.89 5.69 15.10
N GLN A 20 4.82 6.92 14.72
CA GLN A 20 4.72 7.98 15.69
C GLN A 20 3.47 8.79 15.47
N LEU A 21 3.33 9.30 14.28
CA LEU A 21 2.22 10.17 13.96
C LEU A 21 1.01 9.36 13.48
N GLN A 22 1.17 8.61 12.35
CA GLN A 22 0.13 7.71 11.81
C GLN A 22 -1.15 8.46 11.42
N LYS A 23 -1.03 9.73 11.31
CA LYS A 23 -2.18 10.57 11.00
C LYS A 23 -2.33 10.64 9.50
N LEU A 24 -1.27 10.36 8.88
CA LEU A 24 -1.19 10.42 7.46
C LEU A 24 -1.71 9.16 6.84
N ILE A 25 -1.50 8.07 7.49
CA ILE A 25 -1.92 6.80 6.95
C ILE A 25 -3.24 6.38 7.57
N ASP A 26 -3.41 6.60 8.86
CA ASP A 26 -4.63 6.08 9.54
C ASP A 26 -5.74 7.08 9.46
N ILE A 27 -5.40 8.29 9.71
CA ILE A 27 -6.37 9.34 9.72
C ILE A 27 -6.85 9.64 8.31
N SER A 28 -5.95 9.64 7.36
CA SER A 28 -6.31 9.84 5.97
C SER A 28 -7.01 8.60 5.39
N ILE A 29 -6.81 7.45 6.01
CA ILE A 29 -7.48 6.23 5.56
C ILE A 29 -8.85 6.16 6.17
N GLY A 30 -9.05 6.92 7.23
CA GLY A 30 -10.32 6.95 7.94
C GLY A 30 -11.44 7.38 7.04
N SER A 31 -11.12 8.26 6.14
CA SER A 31 -12.02 8.78 5.17
C SER A 31 -12.52 7.66 4.23
N LEU A 32 -11.60 6.84 3.73
CA LEU A 32 -11.97 5.74 2.86
C LEU A 32 -12.43 4.53 3.66
N ARG A 33 -12.02 4.46 4.89
CA ARG A 33 -12.44 3.41 5.79
C ARG A 33 -13.92 3.61 6.14
N GLY A 34 -14.29 4.88 6.23
CA GLY A 34 -15.68 5.25 6.39
C GLY A 34 -16.44 5.01 5.10
N LEU A 35 -15.72 5.04 3.99
CA LEU A 35 -16.30 4.79 2.66
C LEU A 35 -16.52 3.29 2.45
N ARG A 36 -15.70 2.46 3.07
CA ARG A 36 -15.90 1.02 2.99
C ARG A 36 -17.08 0.62 3.85
N THR A 37 -17.33 1.41 4.84
CA THR A 37 -18.47 1.24 5.70
C THR A 37 -19.71 1.80 4.98
N LYS A 38 -19.59 3.03 4.53
CA LYS A 38 -20.62 3.75 3.84
C LYS A 38 -20.17 4.06 2.44
N CYS A 39 -20.47 3.17 1.52
CA CYS A 39 -20.13 3.40 0.13
C CYS A 39 -21.28 4.12 -0.56
N SER A 40 -22.43 3.98 0.02
CA SER A 40 -23.61 4.62 -0.44
C SER A 40 -23.77 5.99 0.24
N VAL A 41 -23.18 7.01 -0.38
CA VAL A 41 -23.23 8.36 0.14
C VAL A 41 -23.57 9.30 -1.00
N SER A 42 -24.42 10.23 -0.75
CA SER A 42 -24.74 11.24 -1.71
C SER A 42 -23.92 12.48 -1.37
N ASN A 43 -22.72 12.52 -1.88
CA ASN A 43 -21.81 13.59 -1.58
C ASN A 43 -21.16 14.18 -2.79
N ASP A 44 -20.55 13.35 -3.61
CA ASP A 44 -19.79 13.77 -4.79
C ASP A 44 -18.54 14.52 -4.44
N LEU A 45 -18.68 15.67 -3.79
CA LEU A 45 -17.54 16.55 -3.52
C LEU A 45 -16.48 15.83 -2.71
N THR A 46 -16.94 15.18 -1.68
CA THR A 46 -16.12 14.45 -0.78
C THR A 46 -15.48 13.25 -1.48
N GLN A 47 -16.19 12.65 -2.45
CA GLN A 47 -15.65 11.47 -3.17
C GLN A 47 -14.38 11.82 -3.91
N GLN A 48 -14.34 13.02 -4.42
CA GLN A 48 -13.17 13.48 -5.15
C GLN A 48 -12.04 13.84 -4.20
N GLU A 49 -12.41 14.28 -3.02
CA GLU A 49 -11.43 14.62 -1.99
C GLU A 49 -10.83 13.35 -1.43
N ILE A 50 -11.69 12.33 -1.28
CA ILE A 50 -11.27 11.02 -0.82
C ILE A 50 -10.32 10.40 -1.83
N ARG A 51 -10.61 10.62 -3.11
CA ARG A 51 -9.80 10.06 -4.19
C ARG A 51 -8.38 10.62 -4.14
N THR A 52 -8.26 11.85 -3.64
CA THR A 52 -6.98 12.49 -3.46
C THR A 52 -6.23 11.76 -2.34
N LEU A 53 -6.95 11.48 -1.25
CA LEU A 53 -6.40 10.81 -0.09
C LEU A 53 -5.89 9.44 -0.47
N GLU A 54 -6.69 8.68 -1.22
CA GLU A 54 -6.33 7.30 -1.65
C GLU A 54 -4.93 7.29 -2.26
N ALA A 55 -4.75 8.09 -3.29
CA ALA A 55 -3.47 8.13 -3.99
C ALA A 55 -2.37 8.66 -3.07
N LYS A 56 -2.74 9.50 -2.14
CA LYS A 56 -1.80 10.09 -1.20
C LYS A 56 -1.25 9.05 -0.20
N LEU A 57 -2.11 8.18 0.32
CA LEU A 57 -1.70 7.17 1.31
C LEU A 57 -0.72 6.16 0.76
N VAL A 58 -0.84 5.83 -0.51
CA VAL A 58 0.03 4.84 -1.09
C VAL A 58 1.47 5.34 -1.12
N LYS A 59 1.63 6.64 -1.06
CA LYS A 59 2.92 7.27 -1.05
C LYS A 59 3.51 7.26 0.35
N TYR A 60 2.69 6.93 1.33
CA TYR A 60 3.14 6.91 2.68
C TYR A 60 3.50 5.51 3.06
N ILE A 61 2.98 4.57 2.31
CA ILE A 61 3.28 3.21 2.58
C ILE A 61 4.31 2.65 1.59
N CYS A 62 4.20 3.05 0.33
CA CYS A 62 5.11 2.57 -0.70
C CYS A 62 6.36 3.43 -0.81
N LYS A 63 6.61 4.24 0.20
CA LYS A 63 7.81 5.04 0.26
C LYS A 63 9.02 4.18 0.65
N GLN A 64 8.78 2.90 0.86
CA GLN A 64 9.80 1.94 1.28
C GLN A 64 10.62 1.46 0.09
N GLN A 65 10.13 1.75 -1.09
CA GLN A 65 10.79 1.39 -2.33
C GLN A 65 11.19 2.64 -3.12
N GLN A 66 10.55 3.75 -2.80
CA GLN A 66 10.81 5.01 -3.47
C GLN A 66 11.72 5.89 -2.63
N SER A 67 11.24 6.27 -1.49
CA SER A 67 11.92 7.18 -0.62
C SER A 67 12.99 6.43 0.22
N LYS A 68 13.22 5.16 -0.11
CA LYS A 68 14.23 4.34 0.58
C LYS A 68 15.62 4.73 0.11
N LEU A 69 15.66 5.64 -0.82
CA LEU A 69 16.91 6.17 -1.30
C LEU A 69 17.56 7.06 -0.25
N SER A 70 16.79 7.39 0.76
CA SER A 70 17.31 8.15 1.84
C SER A 70 17.35 7.25 3.09
N VAL A 71 16.73 6.08 3.00
CA VAL A 71 16.60 5.18 4.11
C VAL A 71 16.94 3.75 3.72
N THR A 72 18.05 3.29 4.22
CA THR A 72 18.58 1.98 3.94
C THR A 72 17.57 0.88 4.35
N PRO A 73 17.35 -0.13 3.48
CA PRO A 73 16.44 -1.23 3.74
C PRO A 73 16.72 -1.94 5.07
N SER A 74 17.98 -2.09 5.43
CA SER A 74 18.32 -2.78 6.66
C SER A 74 18.43 -1.80 7.85
N ASP A 75 18.46 -0.49 7.58
CA ASP A 75 18.69 0.48 8.66
C ASP A 75 17.37 0.95 9.29
N ARG A 76 16.31 1.00 8.46
CA ARG A 76 14.98 1.46 8.86
C ARG A 76 14.46 0.89 10.17
N THR A 77 13.90 -0.29 10.09
CA THR A 77 13.37 -1.09 11.21
C THR A 77 12.59 -2.24 10.60
N ALA A 78 12.32 -3.26 11.38
CA ALA A 78 11.54 -4.40 10.91
C ALA A 78 10.13 -3.95 10.58
N GLU A 79 9.65 -2.99 11.35
CA GLU A 79 8.32 -2.44 11.15
C GLU A 79 8.29 -1.69 9.81
N LEU A 80 9.31 -0.86 9.56
CA LEU A 80 9.42 -0.12 8.30
C LEU A 80 9.52 -1.06 7.11
N ASN A 81 10.29 -2.14 7.25
CA ASN A 81 10.38 -3.19 6.20
C ASN A 81 9.06 -3.91 5.95
N SER A 82 8.16 -3.85 6.89
CA SER A 82 6.88 -4.50 6.76
C SER A 82 5.91 -3.63 5.96
N TYR A 83 6.29 -2.38 5.73
CA TYR A 83 5.52 -1.52 4.88
C TYR A 83 5.95 -1.61 3.45
N PRO A 84 5.01 -1.51 2.51
CA PRO A 84 3.60 -1.30 2.82
C PRO A 84 2.94 -2.56 3.33
N ARG A 85 2.13 -2.39 4.34
CA ARG A 85 1.47 -3.51 4.89
C ARG A 85 0.32 -3.82 4.03
N PHE A 86 0.17 -5.09 3.66
CA PHE A 86 -0.87 -5.52 2.72
C PHE A 86 -2.23 -5.01 3.18
N SER A 87 -2.51 -5.19 4.45
CA SER A 87 -3.74 -4.77 5.08
C SER A 87 -3.97 -3.25 4.90
N ASP A 88 -2.92 -2.50 5.05
CA ASP A 88 -2.97 -1.04 4.99
C ASP A 88 -2.60 -0.56 3.59
N TRP A 89 -2.56 -1.49 2.66
CA TRP A 89 -2.22 -1.23 1.28
C TRP A 89 -3.38 -1.54 0.38
N LEU A 90 -3.92 -2.74 0.49
CA LEU A 90 -5.01 -3.15 -0.35
C LEU A 90 -6.28 -2.37 -0.05
N TYR A 91 -6.29 -1.74 1.09
CA TYR A 91 -7.43 -1.03 1.54
C TYR A 91 -7.46 0.35 0.88
N ILE A 92 -6.29 0.78 0.40
CA ILE A 92 -6.10 2.09 -0.23
C ILE A 92 -6.87 2.14 -1.55
N PHE A 93 -6.78 1.06 -2.32
CA PHE A 93 -7.42 0.99 -3.65
C PHE A 93 -8.64 0.08 -3.58
N ASN A 94 -8.81 -0.54 -2.43
CA ASN A 94 -9.85 -1.53 -2.20
C ASN A 94 -9.68 -2.76 -3.13
N VAL A 95 -8.59 -3.46 -2.91
CA VAL A 95 -8.26 -4.64 -3.67
C VAL A 95 -8.88 -5.86 -3.04
N ARG A 96 -10.20 -6.08 -3.38
CA ARG A 96 -11.02 -7.27 -3.02
C ARG A 96 -10.50 -8.02 -1.79
N PRO A 97 -10.68 -7.45 -0.59
CA PRO A 97 -10.10 -7.99 0.63
C PRO A 97 -10.69 -9.34 1.01
N GLU A 98 -11.87 -9.62 0.46
CA GLU A 98 -12.55 -10.92 0.63
C GLU A 98 -11.65 -12.01 0.07
N VAL A 99 -11.03 -11.67 -1.05
CA VAL A 99 -10.19 -12.58 -1.83
C VAL A 99 -8.87 -12.76 -1.10
N VAL A 100 -8.45 -11.71 -0.47
CA VAL A 100 -7.24 -11.69 0.28
C VAL A 100 -7.37 -12.49 1.59
N GLN A 101 -8.59 -12.69 2.05
CA GLN A 101 -8.81 -13.49 3.26
C GLN A 101 -8.62 -14.98 2.96
N GLU A 102 -8.46 -15.30 1.68
CA GLU A 102 -8.22 -16.65 1.22
C GLU A 102 -6.71 -16.93 1.20
N ILE A 103 -5.91 -15.87 1.18
CA ILE A 103 -4.46 -15.98 1.06
C ILE A 103 -3.89 -16.59 2.34
N PRO A 104 -2.91 -17.51 2.22
CA PRO A 104 -2.18 -18.02 3.37
C PRO A 104 -1.33 -16.90 3.91
N GLN A 105 -1.21 -16.77 5.22
CA GLN A 105 -0.49 -15.63 5.81
C GLN A 105 1.00 -15.63 5.45
N GLU A 106 1.50 -16.80 5.02
CA GLU A 106 2.84 -16.94 4.54
C GLU A 106 3.05 -16.03 3.34
N LEU A 107 2.00 -15.84 2.56
CA LEU A 107 2.06 -15.00 1.41
C LEU A 107 1.40 -13.68 1.78
N THR A 108 2.07 -12.62 1.51
CA THR A 108 1.57 -11.31 1.82
C THR A 108 2.02 -10.39 0.69
N LEU A 109 1.82 -9.09 0.82
CA LEU A 109 2.24 -8.10 -0.18
C LEU A 109 3.73 -8.16 -0.37
N ASP A 110 4.42 -8.55 0.69
CA ASP A 110 5.86 -8.75 0.71
C ASP A 110 6.26 -9.75 -0.37
N ALA A 111 5.39 -10.71 -0.62
CA ALA A 111 5.63 -11.73 -1.63
C ALA A 111 4.92 -11.37 -2.94
N LEU A 112 3.89 -10.55 -2.83
CA LEU A 112 3.14 -10.10 -4.00
C LEU A 112 3.99 -9.14 -4.82
N LEU A 113 4.76 -8.29 -4.15
CA LEU A 113 5.69 -7.40 -4.83
C LEU A 113 6.84 -8.16 -5.46
N GLU A 114 7.10 -9.34 -4.91
CA GLU A 114 8.14 -10.22 -5.40
C GLU A 114 7.75 -10.85 -6.73
N MET A 115 6.47 -11.05 -6.90
CA MET A 115 5.97 -11.71 -8.10
C MET A 115 5.65 -10.74 -9.21
N ASP A 116 5.57 -11.25 -10.42
CA ASP A 116 5.21 -10.43 -11.56
C ASP A 116 3.75 -10.27 -11.53
N GLU A 117 3.25 -9.34 -12.28
CA GLU A 117 1.84 -9.17 -12.42
C GLU A 117 1.26 -10.43 -13.09
N ALA A 118 2.06 -11.05 -13.97
CA ALA A 118 1.66 -12.27 -14.66
C ALA A 118 1.39 -13.36 -13.65
N LYS A 119 2.18 -13.39 -12.59
CA LYS A 119 1.97 -14.40 -11.56
C LYS A 119 1.01 -13.91 -10.49
N ALA A 120 0.89 -12.65 -10.36
CA ALA A 120 0.05 -12.09 -9.32
C ALA A 120 -1.39 -12.19 -9.75
N LYS A 121 -1.58 -12.11 -11.05
CA LYS A 121 -2.83 -12.28 -11.68
C LYS A 121 -3.36 -13.67 -11.40
N GLU A 122 -2.48 -14.67 -11.54
CA GLU A 122 -2.90 -16.07 -11.37
C GLU A 122 -3.17 -16.36 -9.92
N MET A 123 -2.48 -15.66 -9.05
CA MET A 123 -2.65 -15.85 -7.62
C MET A 123 -3.97 -15.30 -7.17
N LEU A 124 -4.24 -14.05 -7.49
CA LEU A 124 -5.46 -13.41 -7.07
C LEU A 124 -6.68 -14.10 -7.71
N ARG A 125 -6.51 -14.51 -8.97
CA ARG A 125 -7.57 -15.17 -9.74
C ARG A 125 -7.88 -16.55 -9.08
N ARG A 126 -6.91 -17.05 -8.36
CA ARG A 126 -6.98 -18.33 -7.71
C ARG A 126 -7.66 -18.19 -6.35
N TRP A 127 -7.78 -16.98 -5.88
CA TRP A 127 -8.36 -16.76 -4.58
C TRP A 127 -9.80 -16.31 -4.66
N GLY A 128 -10.33 -16.20 -5.86
CA GLY A 128 -11.71 -15.83 -6.01
C GLY A 128 -11.93 -14.75 -7.03
N ALA A 129 -10.90 -13.99 -7.31
CA ALA A 129 -11.00 -12.90 -8.27
C ALA A 129 -11.14 -13.45 -9.70
N SER A 130 -12.02 -12.85 -10.48
CA SER A 130 -12.17 -13.26 -11.86
C SER A 130 -11.00 -12.69 -12.65
N THR A 131 -10.80 -13.16 -13.85
CA THR A 131 -9.71 -12.71 -14.67
C THR A 131 -9.87 -11.20 -15.00
N GLU A 132 -11.11 -10.75 -15.13
CA GLU A 132 -11.36 -9.39 -15.49
C GLU A 132 -11.27 -8.52 -14.27
N GLU A 133 -11.78 -9.05 -13.17
CA GLU A 133 -11.72 -8.39 -11.91
C GLU A 133 -10.28 -8.20 -11.52
N CYS A 134 -9.49 -9.27 -11.63
CA CYS A 134 -8.08 -9.26 -11.30
C CYS A 134 -7.37 -8.16 -12.08
N SER A 135 -7.70 -8.03 -13.37
CA SER A 135 -7.09 -7.04 -14.25
C SER A 135 -7.33 -5.59 -13.77
N ARG A 136 -8.36 -5.39 -12.96
CA ARG A 136 -8.64 -4.09 -12.40
C ARG A 136 -7.62 -3.83 -11.29
N LEU A 137 -7.48 -4.81 -10.42
CA LEU A 137 -6.60 -4.70 -9.28
C LEU A 137 -5.16 -4.71 -9.71
N GLN A 138 -4.85 -5.48 -10.76
CA GLN A 138 -3.50 -5.55 -11.35
C GLN A 138 -2.93 -4.17 -11.57
N GLN A 139 -3.76 -3.27 -12.07
CA GLN A 139 -3.35 -1.91 -12.38
C GLN A 139 -2.91 -1.16 -11.10
N ALA A 140 -3.58 -1.46 -10.02
CA ALA A 140 -3.29 -0.84 -8.73
C ALA A 140 -2.08 -1.51 -8.08
N LEU A 141 -1.98 -2.83 -8.23
CA LEU A 141 -0.87 -3.59 -7.63
C LEU A 141 0.44 -3.21 -8.35
N THR A 142 0.30 -2.82 -9.64
CA THR A 142 1.42 -2.38 -10.48
C THR A 142 2.17 -1.18 -9.88
N CYS A 143 1.46 -0.44 -9.00
CA CYS A 143 2.03 0.72 -8.31
C CYS A 143 3.36 0.37 -7.65
N LEU A 144 3.50 -0.87 -7.14
CA LEU A 144 4.74 -1.34 -6.49
C LEU A 144 5.97 -1.18 -7.38
N ARG A 145 5.79 -1.41 -8.66
CA ARG A 145 6.91 -1.36 -9.58
C ARG A 145 7.07 0.01 -10.19
N LYS A 146 6.07 0.86 -10.04
CA LYS A 146 6.10 2.15 -10.63
C LYS A 146 6.36 3.26 -9.62
N VAL A 147 6.35 2.93 -8.36
CA VAL A 147 6.68 3.90 -7.33
C VAL A 147 8.19 3.83 -7.06
N THR A 148 8.92 4.27 -8.03
CA THR A 148 10.35 4.20 -8.03
C THR A 148 10.98 5.47 -7.49
N GLY A 149 12.17 5.33 -6.96
CA GLY A 149 12.92 6.45 -6.49
C GLY A 149 14.13 6.61 -7.36
N GLY A 1 16.40 8.95 -6.24
CA GLY A 1 17.06 9.35 -5.01
C GLY A 1 18.46 8.81 -4.94
N HIS A 2 19.28 9.39 -4.09
CA HIS A 2 20.68 9.01 -3.99
C HIS A 2 21.25 9.28 -2.59
N MET A 3 20.45 9.03 -1.59
CA MET A 3 20.88 9.19 -0.20
C MET A 3 20.85 7.85 0.51
N ASP A 4 20.87 6.81 -0.30
CA ASP A 4 20.92 5.43 0.16
C ASP A 4 22.22 5.18 0.88
N GLY A 5 22.13 4.96 2.17
CA GLY A 5 23.30 4.76 2.96
C GLY A 5 23.49 5.86 3.97
N GLY A 6 22.45 6.10 4.73
CA GLY A 6 22.51 7.11 5.73
C GLY A 6 21.22 7.87 5.82
N ALA A 7 20.25 7.29 6.49
CA ALA A 7 18.93 7.86 6.65
C ALA A 7 18.87 8.82 7.83
N GLY A 8 20.03 9.23 8.29
CA GLY A 8 20.21 10.09 9.49
C GLY A 8 19.17 11.21 9.66
N ALA A 9 18.92 11.98 8.62
CA ALA A 9 17.93 13.04 8.70
C ALA A 9 16.71 12.73 7.84
N ALA A 10 16.80 11.66 7.09
CA ALA A 10 15.75 11.32 6.15
C ALA A 10 14.78 10.29 6.70
N VAL A 11 15.24 9.48 7.63
CA VAL A 11 14.44 8.41 8.21
C VAL A 11 13.18 8.97 8.90
N SER A 12 13.27 10.21 9.36
CA SER A 12 12.19 10.87 10.04
C SER A 12 10.93 10.92 9.18
N ARG A 13 11.13 11.19 7.91
CA ARG A 13 10.02 11.39 6.99
C ARG A 13 9.42 10.05 6.62
N ALA A 14 10.12 9.01 6.98
CA ALA A 14 9.70 7.68 6.66
C ALA A 14 9.21 6.94 7.90
N LEU A 15 9.54 7.43 9.06
CA LEU A 15 9.29 6.64 10.25
C LEU A 15 8.31 7.31 11.14
N GLN A 16 8.37 8.61 11.19
CA GLN A 16 7.53 9.34 12.13
C GLN A 16 6.06 9.21 11.81
N GLN A 17 5.75 8.75 10.62
CA GLN A 17 4.36 8.60 10.29
C GLN A 17 3.93 7.17 10.53
N CYS A 18 4.88 6.29 10.64
CA CYS A 18 4.63 4.90 10.83
C CYS A 18 4.65 4.50 12.28
N GLY A 19 5.66 4.92 12.98
CA GLY A 19 5.86 4.42 14.31
C GLY A 19 5.61 5.48 15.33
N GLN A 20 4.92 6.50 14.94
CA GLN A 20 4.66 7.58 15.81
C GLN A 20 3.33 8.25 15.49
N LEU A 21 3.24 8.89 14.34
CA LEU A 21 2.02 9.66 14.03
C LEU A 21 0.87 8.76 13.61
N GLN A 22 1.07 7.97 12.54
CA GLN A 22 0.06 7.05 11.98
C GLN A 22 -1.16 7.81 11.48
N LYS A 23 -0.97 9.06 11.27
CA LYS A 23 -2.04 9.94 10.90
C LYS A 23 -2.18 9.94 9.39
N LEU A 24 -1.09 9.73 8.78
CA LEU A 24 -1.02 9.75 7.35
C LEU A 24 -1.47 8.45 6.72
N ILE A 25 -1.35 7.39 7.46
CA ILE A 25 -1.74 6.10 6.97
C ILE A 25 -3.08 5.68 7.57
N ASP A 26 -3.33 6.05 8.80
CA ASP A 26 -4.60 5.62 9.46
C ASP A 26 -5.65 6.67 9.34
N ILE A 27 -5.29 7.85 9.64
CA ILE A 27 -6.23 8.94 9.64
C ILE A 27 -6.65 9.26 8.21
N SER A 28 -5.69 9.28 7.30
CA SER A 28 -5.98 9.50 5.90
C SER A 28 -6.73 8.31 5.27
N ILE A 29 -6.57 7.12 5.84
CA ILE A 29 -7.28 5.96 5.33
C ILE A 29 -8.66 5.94 5.94
N GLY A 30 -8.81 6.63 7.07
CA GLY A 30 -10.05 6.68 7.81
C GLY A 30 -11.18 7.20 6.97
N SER A 31 -10.85 8.11 6.10
CA SER A 31 -11.77 8.69 5.18
C SER A 31 -12.31 7.61 4.22
N LEU A 32 -11.43 6.84 3.62
CA LEU A 32 -11.85 5.76 2.72
C LEU A 32 -12.36 4.56 3.50
N ARG A 33 -11.92 4.43 4.73
CA ARG A 33 -12.38 3.39 5.60
C ARG A 33 -13.86 3.60 5.87
N GLY A 34 -14.20 4.82 6.23
CA GLY A 34 -15.59 5.18 6.43
C GLY A 34 -16.35 5.09 5.12
N LEU A 35 -15.67 5.42 4.03
CA LEU A 35 -16.23 5.33 2.68
C LEU A 35 -16.59 3.88 2.30
N ARG A 36 -15.99 2.90 2.95
CA ARG A 36 -16.33 1.52 2.65
C ARG A 36 -17.60 1.10 3.37
N THR A 37 -18.08 1.95 4.23
CA THR A 37 -19.30 1.74 4.92
C THR A 37 -20.36 2.71 4.37
N LYS A 38 -19.92 3.94 4.14
CA LYS A 38 -20.74 5.00 3.60
C LYS A 38 -20.11 5.39 2.28
N CYS A 39 -20.46 4.67 1.24
CA CYS A 39 -19.78 4.74 -0.04
C CYS A 39 -20.23 5.89 -0.94
N SER A 40 -21.38 6.43 -0.71
CA SER A 40 -21.83 7.52 -1.52
C SER A 40 -22.51 8.55 -0.67
N VAL A 41 -21.81 9.62 -0.43
CA VAL A 41 -22.30 10.72 0.35
C VAL A 41 -22.31 11.96 -0.57
N SER A 42 -23.14 12.94 -0.27
CA SER A 42 -23.24 14.16 -1.06
C SER A 42 -22.19 15.19 -0.58
N ASN A 43 -21.21 14.73 0.17
CA ASN A 43 -20.09 15.53 0.67
C ASN A 43 -19.03 15.53 -0.42
N ASP A 44 -19.45 16.01 -1.57
CA ASP A 44 -18.73 16.03 -2.85
C ASP A 44 -17.28 16.46 -2.74
N LEU A 45 -17.03 17.49 -1.97
CA LEU A 45 -15.69 18.05 -1.85
C LEU A 45 -14.71 17.04 -1.24
N THR A 46 -15.22 16.23 -0.37
CA THR A 46 -14.45 15.29 0.32
C THR A 46 -14.43 13.97 -0.43
N GLN A 47 -15.54 13.66 -1.11
CA GLN A 47 -15.67 12.43 -1.91
C GLN A 47 -14.57 12.39 -2.99
N GLN A 48 -14.13 13.57 -3.43
CA GLN A 48 -13.06 13.64 -4.41
C GLN A 48 -11.69 13.67 -3.76
N GLU A 49 -11.55 14.29 -2.60
CA GLU A 49 -10.25 14.34 -1.95
C GLU A 49 -9.87 12.96 -1.43
N ILE A 50 -10.89 12.12 -1.17
CA ILE A 50 -10.67 10.74 -0.77
C ILE A 50 -9.92 9.99 -1.87
N ARG A 51 -10.26 10.31 -3.12
CA ARG A 51 -9.59 9.72 -4.29
C ARG A 51 -8.11 10.11 -4.27
N THR A 52 -7.84 11.31 -3.74
CA THR A 52 -6.50 11.82 -3.61
C THR A 52 -5.79 11.09 -2.47
N LEU A 53 -6.51 10.83 -1.39
CA LEU A 53 -5.97 10.14 -0.24
C LEU A 53 -5.51 8.77 -0.66
N GLU A 54 -6.34 8.08 -1.43
CA GLU A 54 -6.02 6.74 -1.96
C GLU A 54 -4.65 6.73 -2.61
N ALA A 55 -4.42 7.66 -3.52
CA ALA A 55 -3.13 7.73 -4.20
C ALA A 55 -2.04 8.16 -3.23
N LYS A 56 -2.40 9.00 -2.27
CA LYS A 56 -1.46 9.57 -1.31
C LYS A 56 -0.93 8.54 -0.31
N LEU A 57 -1.79 7.69 0.22
CA LEU A 57 -1.35 6.69 1.21
C LEU A 57 -0.37 5.70 0.62
N VAL A 58 -0.45 5.47 -0.69
CA VAL A 58 0.50 4.61 -1.38
C VAL A 58 1.93 5.14 -1.16
N LYS A 59 2.06 6.44 -1.06
CA LYS A 59 3.35 7.10 -0.85
C LYS A 59 3.90 6.81 0.55
N TYR A 60 3.04 6.44 1.46
CA TYR A 60 3.46 6.26 2.82
C TYR A 60 3.69 4.82 3.09
N ILE A 61 3.06 3.99 2.32
CA ILE A 61 3.20 2.60 2.54
C ILE A 61 4.25 2.00 1.59
N CYS A 62 4.24 2.42 0.35
CA CYS A 62 5.12 1.89 -0.67
C CYS A 62 6.39 2.71 -0.77
N LYS A 63 6.68 3.42 0.28
CA LYS A 63 7.86 4.23 0.33
C LYS A 63 9.08 3.40 0.72
N GLN A 64 8.87 2.14 1.05
CA GLN A 64 9.99 1.29 1.48
C GLN A 64 10.86 0.98 0.28
N GLN A 65 10.24 0.99 -0.87
CA GLN A 65 10.89 0.73 -2.12
C GLN A 65 11.24 2.04 -2.86
N GLN A 66 10.54 3.12 -2.56
CA GLN A 66 10.82 4.40 -3.21
C GLN A 66 11.68 5.32 -2.34
N SER A 67 11.23 5.58 -1.13
CA SER A 67 11.90 6.50 -0.24
C SER A 67 13.10 5.81 0.44
N LYS A 68 13.36 4.54 0.05
CA LYS A 68 14.53 3.82 0.53
C LYS A 68 15.77 4.43 -0.08
N LEU A 69 15.56 5.28 -1.05
CA LEU A 69 16.63 5.98 -1.65
C LEU A 69 17.06 7.15 -0.78
N SER A 70 16.32 7.39 0.28
CA SER A 70 16.68 8.36 1.26
C SER A 70 16.89 7.66 2.62
N VAL A 71 16.28 6.48 2.78
CA VAL A 71 16.35 5.74 4.01
C VAL A 71 16.90 4.35 3.76
N THR A 72 18.02 4.06 4.37
CA THR A 72 18.64 2.78 4.24
C THR A 72 17.70 1.70 4.88
N PRO A 73 17.54 0.51 4.24
CA PRO A 73 16.66 -0.56 4.75
C PRO A 73 17.00 -1.03 6.18
N SER A 74 18.21 -0.79 6.59
CA SER A 74 18.69 -1.15 7.89
C SER A 74 18.58 0.02 8.90
N ASP A 75 18.26 1.21 8.39
CA ASP A 75 18.17 2.39 9.19
C ASP A 75 16.77 2.57 9.73
N ARG A 76 15.82 1.91 9.11
CA ARG A 76 14.46 1.90 9.52
C ARG A 76 14.34 0.79 10.57
N THR A 77 13.19 0.28 10.71
CA THR A 77 12.93 -0.78 11.65
C THR A 77 12.33 -1.96 10.95
N ALA A 78 12.20 -3.06 11.67
CA ALA A 78 11.53 -4.24 11.17
C ALA A 78 10.06 -3.92 10.94
N GLU A 79 9.52 -3.02 11.77
CA GLU A 79 8.17 -2.50 11.63
C GLU A 79 8.03 -1.84 10.26
N LEU A 80 8.96 -0.92 9.96
CA LEU A 80 8.97 -0.22 8.67
C LEU A 80 9.10 -1.21 7.53
N ASN A 81 10.05 -2.13 7.64
CA ASN A 81 10.23 -3.19 6.63
C ASN A 81 9.02 -4.11 6.43
N SER A 82 8.06 -4.06 7.35
CA SER A 82 6.86 -4.87 7.21
C SER A 82 5.87 -4.20 6.24
N TYR A 83 6.11 -2.94 5.96
CA TYR A 83 5.29 -2.19 5.06
C TYR A 83 5.74 -2.30 3.62
N PRO A 84 4.80 -2.14 2.67
CA PRO A 84 3.40 -1.91 2.97
C PRO A 84 2.70 -3.18 3.43
N ARG A 85 1.84 -3.03 4.37
CA ARG A 85 1.15 -4.15 4.85
C ARG A 85 0.00 -4.40 3.98
N PHE A 86 -0.19 -5.65 3.60
CA PHE A 86 -1.20 -6.03 2.64
C PHE A 86 -2.57 -5.50 3.07
N SER A 87 -2.93 -5.74 4.33
CA SER A 87 -4.19 -5.30 4.89
C SER A 87 -4.30 -3.76 4.85
N ASP A 88 -3.18 -3.06 4.97
CA ASP A 88 -3.18 -1.60 4.91
C ASP A 88 -2.72 -1.09 3.56
N TRP A 89 -2.74 -1.98 2.60
CA TRP A 89 -2.35 -1.69 1.24
C TRP A 89 -3.51 -1.93 0.32
N LEU A 90 -4.10 -3.11 0.39
CA LEU A 90 -5.21 -3.42 -0.47
C LEU A 90 -6.44 -2.61 -0.14
N TYR A 91 -6.44 -2.02 1.02
CA TYR A 91 -7.57 -1.29 1.47
C TYR A 91 -7.55 0.09 0.83
N ILE A 92 -6.34 0.50 0.44
CA ILE A 92 -6.10 1.79 -0.14
C ILE A 92 -6.85 1.91 -1.48
N PHE A 93 -6.72 0.87 -2.30
CA PHE A 93 -7.33 0.89 -3.63
C PHE A 93 -8.62 0.09 -3.63
N ASN A 94 -8.84 -0.64 -2.54
CA ASN A 94 -9.96 -1.61 -2.39
C ASN A 94 -9.76 -2.80 -3.33
N VAL A 95 -8.75 -3.60 -3.01
CA VAL A 95 -8.42 -4.78 -3.76
C VAL A 95 -8.93 -6.03 -3.04
N ARG A 96 -10.24 -6.29 -3.19
CA ARG A 96 -10.91 -7.55 -2.75
C ARG A 96 -10.32 -8.13 -1.44
N PRO A 97 -10.62 -7.54 -0.28
CA PRO A 97 -10.01 -7.97 0.98
C PRO A 97 -10.52 -9.37 1.37
N GLU A 98 -11.70 -9.65 0.88
CA GLU A 98 -12.38 -10.92 1.02
C GLU A 98 -11.60 -12.03 0.33
N VAL A 99 -10.88 -11.66 -0.70
CA VAL A 99 -10.08 -12.57 -1.50
C VAL A 99 -8.72 -12.75 -0.84
N VAL A 100 -8.24 -11.71 -0.21
CA VAL A 100 -6.99 -11.76 0.48
C VAL A 100 -7.05 -12.59 1.77
N GLN A 101 -8.23 -12.68 2.37
CA GLN A 101 -8.41 -13.57 3.50
C GLN A 101 -8.44 -15.04 3.08
N GLU A 102 -8.43 -15.28 1.78
CA GLU A 102 -8.39 -16.62 1.24
C GLU A 102 -6.94 -17.05 1.03
N ILE A 103 -6.06 -16.05 0.95
CA ILE A 103 -4.65 -16.27 0.72
C ILE A 103 -4.04 -16.94 1.96
N PRO A 104 -3.14 -17.94 1.78
CA PRO A 104 -2.45 -18.56 2.91
C PRO A 104 -1.61 -17.49 3.58
N GLN A 105 -1.50 -17.55 4.89
CA GLN A 105 -0.86 -16.47 5.64
C GLN A 105 0.61 -16.28 5.32
N GLU A 106 1.25 -17.34 4.83
CA GLU A 106 2.62 -17.28 4.39
C GLU A 106 2.79 -16.31 3.24
N LEU A 107 1.81 -16.30 2.38
CA LEU A 107 1.82 -15.47 1.22
C LEU A 107 1.14 -14.18 1.58
N THR A 108 1.82 -13.13 1.37
CA THR A 108 1.30 -11.84 1.67
C THR A 108 1.81 -10.90 0.57
N LEU A 109 1.59 -9.62 0.72
CA LEU A 109 2.03 -8.61 -0.23
C LEU A 109 3.54 -8.66 -0.39
N ASP A 110 4.22 -9.10 0.67
CA ASP A 110 5.67 -9.26 0.71
C ASP A 110 6.13 -10.15 -0.45
N ALA A 111 5.28 -11.09 -0.81
CA ALA A 111 5.56 -12.00 -1.90
C ALA A 111 4.86 -11.54 -3.16
N LEU A 112 3.71 -10.92 -3.01
CA LEU A 112 2.93 -10.41 -4.14
C LEU A 112 3.70 -9.33 -4.91
N LEU A 113 4.42 -8.49 -4.18
CA LEU A 113 5.22 -7.42 -4.77
C LEU A 113 6.47 -7.96 -5.42
N GLU A 114 6.87 -9.11 -4.97
CA GLU A 114 8.03 -9.76 -5.40
C GLU A 114 7.73 -10.58 -6.68
N MET A 115 6.53 -11.07 -6.78
CA MET A 115 6.14 -11.88 -7.92
C MET A 115 5.74 -11.01 -9.08
N ASP A 116 5.91 -11.54 -10.25
CA ASP A 116 5.56 -10.86 -11.50
C ASP A 116 4.09 -10.62 -11.55
N GLU A 117 3.68 -9.62 -12.27
CA GLU A 117 2.28 -9.24 -12.36
C GLU A 117 1.44 -10.37 -12.99
N ALA A 118 1.99 -11.00 -14.01
CA ALA A 118 1.32 -12.12 -14.70
C ALA A 118 1.24 -13.33 -13.80
N LYS A 119 2.21 -13.42 -12.91
CA LYS A 119 2.37 -14.50 -11.97
C LYS A 119 1.48 -14.26 -10.74
N ALA A 120 0.97 -13.06 -10.64
CA ALA A 120 0.21 -12.63 -9.49
C ALA A 120 -1.26 -12.58 -9.83
N LYS A 121 -1.52 -12.20 -11.07
CA LYS A 121 -2.85 -12.15 -11.63
C LYS A 121 -3.52 -13.50 -11.54
N GLU A 122 -2.75 -14.52 -11.82
CA GLU A 122 -3.25 -15.88 -11.79
C GLU A 122 -3.54 -16.31 -10.35
N MET A 123 -2.73 -15.83 -9.42
CA MET A 123 -2.91 -16.15 -8.01
C MET A 123 -4.18 -15.53 -7.49
N LEU A 124 -4.33 -14.25 -7.76
CA LEU A 124 -5.51 -13.49 -7.36
C LEU A 124 -6.78 -14.10 -7.95
N ARG A 125 -6.67 -14.54 -9.20
CA ARG A 125 -7.78 -15.14 -9.93
C ARG A 125 -8.21 -16.47 -9.22
N ARG A 126 -7.28 -17.11 -8.58
CA ARG A 126 -7.54 -18.39 -7.91
C ARG A 126 -8.04 -18.20 -6.49
N TRP A 127 -8.17 -16.98 -6.06
CA TRP A 127 -8.67 -16.72 -4.73
C TRP A 127 -10.08 -16.14 -4.78
N GLY A 128 -10.69 -16.17 -5.94
CA GLY A 128 -12.05 -15.71 -6.06
C GLY A 128 -12.20 -14.49 -6.92
N ALA A 129 -11.12 -13.97 -7.42
CA ALA A 129 -11.18 -12.82 -8.30
C ALA A 129 -11.35 -13.31 -9.72
N SER A 130 -12.17 -12.66 -10.50
CA SER A 130 -12.37 -13.06 -11.86
C SER A 130 -11.21 -12.53 -12.68
N THR A 131 -10.94 -13.13 -13.82
CA THR A 131 -9.87 -12.71 -14.70
C THR A 131 -10.14 -11.27 -15.23
N GLU A 132 -11.42 -10.90 -15.23
CA GLU A 132 -11.87 -9.65 -15.75
C GLU A 132 -11.60 -8.60 -14.71
N GLU A 133 -11.78 -9.01 -13.48
CA GLU A 133 -11.64 -8.14 -12.37
C GLU A 133 -10.21 -8.02 -11.97
N CYS A 134 -9.50 -9.15 -11.92
CA CYS A 134 -8.12 -9.19 -11.52
C CYS A 134 -7.30 -8.16 -12.28
N SER A 135 -7.54 -8.06 -13.59
CA SER A 135 -6.85 -7.11 -14.46
C SER A 135 -7.06 -5.65 -13.97
N ARG A 136 -8.21 -5.38 -13.36
CA ARG A 136 -8.54 -4.07 -12.83
C ARG A 136 -7.73 -3.79 -11.56
N LEU A 137 -7.52 -4.82 -10.76
CA LEU A 137 -6.74 -4.68 -9.54
C LEU A 137 -5.27 -4.66 -9.87
N GLN A 138 -4.88 -5.43 -10.88
CA GLN A 138 -3.50 -5.50 -11.35
C GLN A 138 -2.94 -4.15 -11.68
N GLN A 139 -3.77 -3.27 -12.21
CA GLN A 139 -3.36 -1.91 -12.54
C GLN A 139 -2.83 -1.20 -11.28
N ALA A 140 -3.46 -1.49 -10.16
CA ALA A 140 -3.09 -0.91 -8.90
C ALA A 140 -1.94 -1.68 -8.24
N LEU A 141 -1.98 -3.01 -8.31
CA LEU A 141 -0.95 -3.84 -7.65
C LEU A 141 0.41 -3.59 -8.32
N THR A 142 0.38 -3.48 -9.63
CA THR A 142 1.56 -3.32 -10.49
C THR A 142 2.26 -1.97 -10.24
N CYS A 143 1.55 -1.04 -9.62
CA CYS A 143 2.10 0.26 -9.26
C CYS A 143 3.30 0.05 -8.29
N LEU A 144 3.33 -1.13 -7.66
CA LEU A 144 4.40 -1.56 -6.77
C LEU A 144 5.73 -1.60 -7.54
N ARG A 145 5.65 -1.98 -8.78
CA ARG A 145 6.83 -2.19 -9.61
C ARG A 145 7.30 -0.85 -10.20
N LYS A 146 6.48 0.17 -10.01
CA LYS A 146 6.77 1.49 -10.51
C LYS A 146 7.37 2.38 -9.42
N VAL A 147 6.95 2.15 -8.20
CA VAL A 147 7.28 2.97 -7.08
C VAL A 147 8.71 2.72 -6.57
N THR A 148 9.63 3.35 -7.23
CA THR A 148 11.02 3.34 -6.90
C THR A 148 11.57 4.75 -7.11
N GLY A 149 12.49 5.18 -6.28
CA GLY A 149 12.98 6.52 -6.39
C GLY A 149 14.18 6.64 -7.31
N GLY A 1 28.66 5.05 -1.74
CA GLY A 1 27.61 5.03 -0.71
C GLY A 1 26.72 6.23 -0.82
N HIS A 2 26.07 6.39 -1.96
CA HIS A 2 25.21 7.55 -2.20
C HIS A 2 23.73 7.17 -2.17
N MET A 3 23.47 5.90 -1.90
CA MET A 3 22.12 5.40 -1.77
C MET A 3 22.15 4.09 -1.00
N ASP A 4 21.04 3.81 -0.30
CA ASP A 4 20.80 2.56 0.45
C ASP A 4 21.72 2.38 1.63
N GLY A 5 22.45 3.38 1.97
CA GLY A 5 23.41 3.20 3.00
C GLY A 5 23.51 4.36 3.94
N GLY A 6 22.56 4.47 4.82
CA GLY A 6 22.59 5.53 5.78
C GLY A 6 21.29 6.27 5.85
N ALA A 7 20.42 5.85 6.73
CA ALA A 7 19.12 6.49 6.89
C ALA A 7 19.14 7.58 7.97
N GLY A 8 20.34 8.04 8.32
CA GLY A 8 20.58 8.95 9.46
C GLY A 8 19.53 10.04 9.66
N ALA A 9 19.28 10.84 8.66
CA ALA A 9 18.31 11.92 8.78
C ALA A 9 17.14 11.70 7.83
N ALA A 10 17.13 10.56 7.18
CA ALA A 10 16.12 10.27 6.18
C ALA A 10 15.10 9.25 6.65
N VAL A 11 15.47 8.46 7.64
CA VAL A 11 14.62 7.40 8.21
C VAL A 11 13.28 7.94 8.64
N SER A 12 13.33 9.12 9.15
CA SER A 12 12.23 9.79 9.67
C SER A 12 11.14 9.96 8.63
N ARG A 13 11.50 10.22 7.38
CA ARG A 13 10.52 10.53 6.35
C ARG A 13 9.79 9.26 5.95
N ALA A 14 10.35 8.14 6.30
CA ALA A 14 9.80 6.89 5.90
C ALA A 14 9.39 6.08 7.09
N LEU A 15 9.43 6.68 8.26
CA LEU A 15 9.07 5.94 9.45
C LEU A 15 8.13 6.75 10.32
N GLN A 16 8.30 8.06 10.34
CA GLN A 16 7.50 8.92 11.20
C GLN A 16 6.05 8.73 10.96
N GLN A 17 5.69 8.50 9.75
CA GLN A 17 4.29 8.39 9.44
C GLN A 17 3.81 6.97 9.43
N CYS A 18 4.73 6.09 9.55
CA CYS A 18 4.47 4.69 9.46
C CYS A 18 4.12 4.06 10.80
N GLY A 19 4.46 4.73 11.89
CA GLY A 19 4.14 4.17 13.19
C GLY A 19 4.07 5.22 14.26
N GLN A 20 5.07 6.07 14.28
CA GLN A 20 5.20 7.14 15.24
C GLN A 20 4.01 8.10 15.18
N LEU A 21 3.71 8.58 13.99
CA LEU A 21 2.61 9.49 13.82
C LEU A 21 1.36 8.76 13.38
N GLN A 22 1.44 8.05 12.23
CA GLN A 22 0.30 7.30 11.67
C GLN A 22 -0.88 8.23 11.33
N LYS A 23 -0.60 9.47 11.28
CA LYS A 23 -1.63 10.47 11.14
C LYS A 23 -1.73 10.90 9.70
N LEU A 24 -0.98 10.23 8.90
CA LEU A 24 -0.98 10.44 7.50
C LEU A 24 -1.65 9.29 6.81
N ILE A 25 -1.42 8.13 7.33
CA ILE A 25 -1.95 6.93 6.74
C ILE A 25 -3.28 6.57 7.41
N ASP A 26 -3.34 6.67 8.71
CA ASP A 26 -4.57 6.21 9.43
C ASP A 26 -5.60 7.27 9.39
N ILE A 27 -5.16 8.44 9.68
CA ILE A 27 -6.03 9.58 9.72
C ILE A 27 -6.63 9.89 8.35
N SER A 28 -5.85 9.74 7.30
CA SER A 28 -6.35 9.98 5.97
C SER A 28 -7.13 8.75 5.46
N ILE A 29 -6.89 7.58 6.07
CA ILE A 29 -7.58 6.37 5.67
C ILE A 29 -8.95 6.34 6.29
N GLY A 30 -9.15 7.10 7.36
CA GLY A 30 -10.43 7.14 8.04
C GLY A 30 -11.53 7.64 7.12
N SER A 31 -11.16 8.54 6.23
CA SER A 31 -12.05 9.07 5.25
C SER A 31 -12.51 7.96 4.29
N LEU A 32 -11.56 7.21 3.72
CA LEU A 32 -11.93 6.11 2.82
C LEU A 32 -12.51 4.95 3.58
N ARG A 33 -12.18 4.86 4.85
CA ARG A 33 -12.71 3.82 5.71
C ARG A 33 -14.22 3.95 5.78
N GLY A 34 -14.68 5.19 5.74
CA GLY A 34 -16.09 5.47 5.66
C GLY A 34 -16.63 5.08 4.29
N LEU A 35 -15.97 5.55 3.23
CA LEU A 35 -16.36 5.27 1.82
C LEU A 35 -16.42 3.76 1.50
N ARG A 36 -15.42 3.01 1.98
CA ARG A 36 -15.37 1.55 1.77
C ARG A 36 -16.62 0.90 2.35
N THR A 37 -17.06 1.42 3.46
CA THR A 37 -18.18 0.89 4.19
C THR A 37 -19.50 1.43 3.63
N LYS A 38 -19.57 2.72 3.49
CA LYS A 38 -20.74 3.41 3.06
C LYS A 38 -20.41 4.26 1.85
N CYS A 39 -20.83 3.83 0.71
CA CYS A 39 -20.58 4.56 -0.50
C CYS A 39 -21.86 5.26 -0.97
N SER A 40 -22.81 5.35 -0.06
CA SER A 40 -24.11 5.92 -0.34
C SER A 40 -24.24 7.29 0.32
N VAL A 41 -23.11 7.92 0.53
CA VAL A 41 -23.06 9.19 1.21
C VAL A 41 -23.35 10.29 0.21
N SER A 42 -24.18 11.22 0.58
CA SER A 42 -24.58 12.32 -0.28
C SER A 42 -23.60 13.50 -0.14
N ASN A 43 -22.44 13.23 0.41
CA ASN A 43 -21.39 14.23 0.58
C ASN A 43 -20.38 14.01 -0.55
N ASP A 44 -20.94 13.87 -1.75
CA ASP A 44 -20.22 13.53 -3.01
C ASP A 44 -18.97 14.35 -3.25
N LEU A 45 -19.00 15.60 -2.86
CA LEU A 45 -17.87 16.50 -3.06
C LEU A 45 -16.64 15.99 -2.31
N THR A 46 -16.87 15.41 -1.16
CA THR A 46 -15.84 14.89 -0.35
C THR A 46 -15.58 13.45 -0.72
N GLN A 47 -16.61 12.78 -1.22
CA GLN A 47 -16.48 11.41 -1.67
C GLN A 47 -15.61 11.34 -2.92
N GLN A 48 -15.43 12.51 -3.54
CA GLN A 48 -14.50 12.67 -4.63
C GLN A 48 -13.10 12.98 -4.06
N GLU A 49 -13.05 13.87 -3.04
CA GLU A 49 -11.78 14.24 -2.36
C GLU A 49 -11.12 13.02 -1.78
N ILE A 50 -11.93 12.11 -1.30
CA ILE A 50 -11.48 10.87 -0.72
C ILE A 50 -10.62 10.08 -1.70
N ARG A 51 -10.93 10.16 -2.99
CA ARG A 51 -10.15 9.43 -3.97
C ARG A 51 -8.76 10.07 -4.12
N THR A 52 -8.70 11.37 -3.82
CA THR A 52 -7.46 12.10 -3.82
C THR A 52 -6.63 11.63 -2.61
N LEU A 53 -7.33 11.41 -1.49
CA LEU A 53 -6.71 10.89 -0.28
C LEU A 53 -6.17 9.50 -0.56
N GLU A 54 -7.02 8.64 -1.13
CA GLU A 54 -6.65 7.27 -1.49
C GLU A 54 -5.33 7.24 -2.24
N ALA A 55 -5.26 7.96 -3.35
CA ALA A 55 -4.04 8.02 -4.14
C ALA A 55 -2.87 8.57 -3.32
N LYS A 56 -3.18 9.46 -2.40
CA LYS A 56 -2.18 10.12 -1.55
C LYS A 56 -1.56 9.19 -0.50
N LEU A 57 -2.37 8.31 0.11
CA LEU A 57 -1.84 7.37 1.12
C LEU A 57 -0.81 6.42 0.53
N VAL A 58 -0.94 6.14 -0.77
CA VAL A 58 0.01 5.29 -1.47
C VAL A 58 1.41 5.91 -1.42
N LYS A 59 1.46 7.23 -1.42
CA LYS A 59 2.74 7.94 -1.39
C LYS A 59 3.29 8.00 0.00
N TYR A 60 2.58 7.44 0.96
CA TYR A 60 3.04 7.42 2.30
C TYR A 60 3.51 6.03 2.63
N ILE A 61 2.83 5.06 2.06
CA ILE A 61 3.10 3.68 2.36
C ILE A 61 4.15 3.08 1.42
N CYS A 62 4.05 3.37 0.14
CA CYS A 62 4.92 2.75 -0.84
C CYS A 62 6.19 3.54 -1.02
N LYS A 63 6.33 4.64 -0.33
CA LYS A 63 7.49 5.46 -0.52
C LYS A 63 8.70 4.93 0.21
N GLN A 64 8.55 3.92 1.02
CA GLN A 64 9.68 3.44 1.77
C GLN A 64 10.55 2.51 0.93
N GLN A 65 10.07 2.17 -0.25
CA GLN A 65 10.83 1.36 -1.21
C GLN A 65 11.40 2.29 -2.28
N GLN A 66 11.01 3.54 -2.19
CA GLN A 66 11.54 4.61 -3.01
C GLN A 66 12.57 5.30 -2.20
N SER A 67 12.14 5.77 -1.07
CA SER A 67 12.99 6.40 -0.13
C SER A 67 13.81 5.38 0.65
N LYS A 68 13.80 4.10 0.22
CA LYS A 68 14.75 3.09 0.74
C LYS A 68 16.15 3.47 0.27
N LEU A 69 16.19 4.28 -0.77
CA LEU A 69 17.41 4.83 -1.28
C LEU A 69 18.00 5.78 -0.25
N SER A 70 17.13 6.37 0.56
CA SER A 70 17.55 7.27 1.58
C SER A 70 17.56 6.53 2.93
N VAL A 71 16.74 5.50 3.04
CA VAL A 71 16.63 4.73 4.26
C VAL A 71 17.05 3.31 4.06
N THR A 72 18.14 2.96 4.66
CA THR A 72 18.63 1.63 4.57
C THR A 72 17.71 0.62 5.28
N PRO A 73 17.52 -0.58 4.68
CA PRO A 73 16.70 -1.66 5.25
C PRO A 73 17.14 -2.08 6.66
N SER A 74 18.37 -1.77 7.01
CA SER A 74 18.91 -2.12 8.30
C SER A 74 18.64 -1.03 9.36
N ASP A 75 18.30 0.19 8.92
CA ASP A 75 18.10 1.30 9.87
C ASP A 75 16.65 1.38 10.28
N ARG A 76 15.78 0.85 9.42
CA ARG A 76 14.41 0.82 9.66
C ARG A 76 14.12 -0.35 10.57
N THR A 77 12.91 -0.65 10.66
CA THR A 77 12.42 -1.68 11.54
C THR A 77 11.95 -2.86 10.72
N ALA A 78 11.67 -3.96 11.39
CA ALA A 78 11.15 -5.13 10.70
C ALA A 78 9.74 -4.82 10.22
N GLU A 79 9.07 -3.96 10.96
CA GLU A 79 7.75 -3.49 10.64
C GLU A 79 7.84 -2.68 9.35
N LEU A 80 8.81 -1.77 9.30
CA LEU A 80 9.04 -0.89 8.15
C LEU A 80 9.40 -1.72 6.92
N ASN A 81 10.21 -2.76 7.12
CA ASN A 81 10.52 -3.73 6.03
C ASN A 81 9.28 -4.46 5.51
N SER A 82 8.20 -4.44 6.26
CA SER A 82 6.99 -5.11 5.87
C SER A 82 6.01 -4.12 5.20
N TYR A 83 6.39 -2.83 5.17
CA TYR A 83 5.62 -1.84 4.45
C TYR A 83 5.85 -1.89 2.95
N PRO A 84 4.86 -1.45 2.16
CA PRO A 84 3.56 -1.00 2.67
C PRO A 84 2.76 -2.15 3.29
N ARG A 85 2.00 -1.82 4.29
CA ARG A 85 1.22 -2.82 4.98
C ARG A 85 0.10 -3.24 4.12
N PHE A 86 -0.03 -4.54 3.88
CA PHE A 86 -1.05 -5.08 2.98
C PHE A 86 -2.44 -4.59 3.38
N SER A 87 -2.76 -4.69 4.66
CA SER A 87 -4.05 -4.25 5.16
C SER A 87 -4.21 -2.73 4.94
N ASP A 88 -3.13 -2.00 5.10
CA ASP A 88 -3.16 -0.55 4.94
C ASP A 88 -2.76 -0.16 3.52
N TRP A 89 -2.88 -1.12 2.62
CA TRP A 89 -2.52 -0.92 1.23
C TRP A 89 -3.67 -1.31 0.35
N LEU A 90 -4.18 -2.52 0.50
CA LEU A 90 -5.28 -2.96 -0.33
C LEU A 90 -6.57 -2.21 -0.02
N TYR A 91 -6.60 -1.56 1.12
CA TYR A 91 -7.78 -0.87 1.56
C TYR A 91 -7.81 0.49 0.90
N ILE A 92 -6.64 0.92 0.48
CA ILE A 92 -6.43 2.21 -0.13
C ILE A 92 -7.13 2.26 -1.48
N PHE A 93 -6.86 1.28 -2.32
CA PHE A 93 -7.43 1.27 -3.67
C PHE A 93 -8.70 0.43 -3.69
N ASN A 94 -8.90 -0.35 -2.61
CA ASN A 94 -9.94 -1.38 -2.53
C ASN A 94 -9.58 -2.53 -3.48
N VAL A 95 -8.62 -3.31 -3.06
CA VAL A 95 -8.15 -4.45 -3.82
C VAL A 95 -8.62 -5.74 -3.19
N ARG A 96 -9.89 -6.06 -3.48
CA ARG A 96 -10.55 -7.32 -3.13
C ARG A 96 -10.11 -7.91 -1.78
N PRO A 97 -10.52 -7.30 -0.66
CA PRO A 97 -10.11 -7.76 0.67
C PRO A 97 -10.77 -9.10 1.00
N GLU A 98 -11.85 -9.37 0.28
CA GLU A 98 -12.61 -10.60 0.32
C GLU A 98 -11.68 -11.75 -0.09
N VAL A 99 -10.87 -11.44 -1.08
CA VAL A 99 -9.99 -12.39 -1.73
C VAL A 99 -8.71 -12.53 -0.91
N VAL A 100 -8.23 -11.42 -0.43
CA VAL A 100 -7.03 -11.38 0.36
C VAL A 100 -7.16 -12.15 1.70
N GLN A 101 -8.37 -12.34 2.15
CA GLN A 101 -8.59 -13.12 3.34
C GLN A 101 -8.44 -14.61 3.11
N GLU A 102 -8.26 -15.01 1.85
CA GLU A 102 -8.00 -16.40 1.53
C GLU A 102 -6.50 -16.63 1.37
N ILE A 103 -5.74 -15.55 1.38
CA ILE A 103 -4.30 -15.67 1.24
C ILE A 103 -3.73 -16.22 2.53
N PRO A 104 -2.78 -17.18 2.48
CA PRO A 104 -2.13 -17.68 3.68
C PRO A 104 -1.34 -16.54 4.29
N GLN A 105 -1.34 -16.41 5.61
CA GLN A 105 -0.71 -15.26 6.30
C GLN A 105 0.81 -15.17 6.05
N GLU A 106 1.36 -16.27 5.59
CA GLU A 106 2.75 -16.36 5.22
C GLU A 106 3.01 -15.49 3.99
N LEU A 107 2.01 -15.39 3.15
CA LEU A 107 2.10 -14.61 1.97
C LEU A 107 1.36 -13.32 2.27
N THR A 108 1.99 -12.24 2.01
CA THR A 108 1.40 -10.96 2.29
C THR A 108 1.89 -10.02 1.21
N LEU A 109 1.73 -8.73 1.38
CA LEU A 109 2.17 -7.76 0.39
C LEU A 109 3.67 -7.87 0.23
N ASP A 110 4.34 -8.30 1.30
CA ASP A 110 5.77 -8.56 1.34
C ASP A 110 6.18 -9.46 0.19
N ALA A 111 5.31 -10.40 -0.12
CA ALA A 111 5.56 -11.37 -1.16
C ALA A 111 4.89 -10.94 -2.45
N LEU A 112 3.81 -10.22 -2.34
CA LEU A 112 3.09 -9.73 -3.49
C LEU A 112 3.95 -8.68 -4.23
N LEU A 113 4.71 -7.91 -3.48
CA LEU A 113 5.63 -6.94 -4.03
C LEU A 113 6.89 -7.61 -4.55
N GLU A 114 7.15 -8.80 -4.08
CA GLU A 114 8.34 -9.50 -4.51
C GLU A 114 8.07 -10.22 -5.83
N MET A 115 6.82 -10.51 -6.07
CA MET A 115 6.43 -11.18 -7.31
C MET A 115 6.13 -10.17 -8.41
N ASP A 116 5.82 -10.67 -9.57
CA ASP A 116 5.56 -9.85 -10.73
C ASP A 116 4.08 -9.66 -10.89
N GLU A 117 3.68 -8.74 -11.75
CA GLU A 117 2.26 -8.40 -11.88
C GLU A 117 1.45 -9.53 -12.49
N ALA A 118 1.93 -10.10 -13.57
CA ALA A 118 1.20 -11.16 -14.23
C ALA A 118 1.26 -12.43 -13.38
N LYS A 119 2.28 -12.50 -12.57
CA LYS A 119 2.53 -13.62 -11.70
C LYS A 119 1.68 -13.48 -10.44
N ALA A 120 1.23 -12.28 -10.20
CA ALA A 120 0.45 -11.97 -9.02
C ALA A 120 -1.00 -12.00 -9.39
N LYS A 121 -1.26 -11.72 -10.65
CA LYS A 121 -2.56 -11.78 -11.24
C LYS A 121 -3.12 -13.16 -11.07
N GLU A 122 -2.31 -14.14 -11.31
CA GLU A 122 -2.74 -15.51 -11.19
C GLU A 122 -2.95 -15.91 -9.75
N MET A 123 -2.11 -15.38 -8.87
CA MET A 123 -2.21 -15.65 -7.45
C MET A 123 -3.53 -15.16 -6.92
N LEU A 124 -3.83 -13.89 -7.16
CA LEU A 124 -5.04 -13.28 -6.71
C LEU A 124 -6.27 -13.95 -7.34
N ARG A 125 -6.15 -14.32 -8.62
CA ARG A 125 -7.23 -14.97 -9.37
C ARG A 125 -7.58 -16.29 -8.68
N ARG A 126 -6.55 -16.95 -8.16
CA ARG A 126 -6.69 -18.23 -7.48
C ARG A 126 -7.27 -18.07 -6.07
N TRP A 127 -7.43 -16.85 -5.62
CA TRP A 127 -7.98 -16.62 -4.31
C TRP A 127 -9.39 -16.09 -4.39
N GLY A 128 -9.98 -16.14 -5.56
CA GLY A 128 -11.35 -15.72 -5.68
C GLY A 128 -11.53 -14.52 -6.55
N ALA A 129 -10.44 -13.91 -6.99
CA ALA A 129 -10.55 -12.77 -7.87
C ALA A 129 -10.79 -13.24 -9.30
N SER A 130 -11.58 -12.49 -10.03
CA SER A 130 -11.84 -12.77 -11.41
C SER A 130 -10.63 -12.31 -12.21
N THR A 131 -10.41 -12.90 -13.35
CA THR A 131 -9.33 -12.51 -14.22
C THR A 131 -9.56 -11.05 -14.69
N GLU A 132 -10.81 -10.62 -14.67
CA GLU A 132 -11.18 -9.31 -15.12
C GLU A 132 -10.92 -8.32 -14.03
N GLU A 133 -11.38 -8.68 -12.84
CA GLU A 133 -11.19 -7.86 -11.69
C GLU A 133 -9.74 -7.80 -11.32
N CYS A 134 -9.06 -8.92 -11.33
CA CYS A 134 -7.66 -8.99 -10.95
C CYS A 134 -6.84 -8.03 -11.80
N SER A 135 -6.97 -8.13 -13.12
CA SER A 135 -6.24 -7.29 -14.07
C SER A 135 -6.53 -5.78 -13.86
N ARG A 136 -7.68 -5.50 -13.28
CA ARG A 136 -8.09 -4.16 -12.95
C ARG A 136 -7.27 -3.64 -11.75
N LEU A 137 -7.11 -4.49 -10.74
CA LEU A 137 -6.34 -4.09 -9.55
C LEU A 137 -4.87 -4.14 -9.82
N GLN A 138 -4.45 -5.07 -10.70
CA GLN A 138 -3.04 -5.19 -11.08
C GLN A 138 -2.47 -3.88 -11.54
N GLN A 139 -3.27 -3.12 -12.27
CA GLN A 139 -2.87 -1.80 -12.75
C GLN A 139 -2.54 -0.86 -11.58
N ALA A 140 -3.28 -1.01 -10.51
CA ALA A 140 -3.06 -0.20 -9.32
C ALA A 140 -1.88 -0.76 -8.54
N LEU A 141 -1.72 -2.08 -8.52
CA LEU A 141 -0.63 -2.70 -7.78
C LEU A 141 0.69 -2.49 -8.52
N THR A 142 0.60 -2.19 -9.80
CA THR A 142 1.76 -1.90 -10.63
C THR A 142 2.48 -0.64 -10.11
N CYS A 143 1.70 0.28 -9.52
CA CYS A 143 2.21 1.54 -8.97
C CYS A 143 3.30 1.25 -7.92
N LEU A 144 3.11 0.15 -7.20
CA LEU A 144 4.00 -0.32 -6.18
C LEU A 144 5.40 -0.58 -6.75
N ARG A 145 5.46 -1.24 -7.90
CA ARG A 145 6.73 -1.62 -8.49
C ARG A 145 7.29 -0.48 -9.33
N LYS A 146 6.49 0.55 -9.51
CA LYS A 146 6.86 1.69 -10.28
C LYS A 146 7.30 2.84 -9.39
N VAL A 147 7.32 2.64 -8.09
CA VAL A 147 7.73 3.68 -7.18
C VAL A 147 9.01 3.24 -6.47
N THR A 148 9.72 2.39 -7.10
CA THR A 148 10.95 1.92 -6.55
C THR A 148 12.10 2.82 -7.00
N GLY A 149 12.15 3.95 -6.39
CA GLY A 149 13.14 4.92 -6.71
C GLY A 149 12.48 6.22 -7.06
N GLY A 1 25.10 10.70 -1.47
CA GLY A 1 25.24 9.95 -2.71
C GLY A 1 24.86 8.51 -2.51
N HIS A 2 25.03 7.70 -3.55
CA HIS A 2 24.74 6.25 -3.65
C HIS A 2 23.29 5.84 -3.30
N MET A 3 22.86 6.14 -2.08
CA MET A 3 21.55 5.81 -1.53
C MET A 3 21.41 4.34 -1.13
N ASP A 4 20.47 4.09 -0.21
CA ASP A 4 20.26 2.78 0.44
C ASP A 4 21.51 2.37 1.17
N GLY A 5 21.60 2.81 2.39
CA GLY A 5 22.74 2.45 3.19
C GLY A 5 22.88 3.32 4.40
N GLY A 6 22.36 4.52 4.32
CA GLY A 6 22.44 5.42 5.44
C GLY A 6 21.11 6.04 5.80
N ALA A 7 20.32 5.33 6.61
CA ALA A 7 19.02 5.85 7.05
C ALA A 7 19.09 6.67 8.33
N GLY A 8 20.30 6.88 8.83
CA GLY A 8 20.55 7.50 10.14
C GLY A 8 19.65 8.69 10.51
N ALA A 9 19.59 9.68 9.67
CA ALA A 9 18.76 10.83 9.95
C ALA A 9 17.59 10.91 8.97
N ALA A 10 17.45 9.90 8.16
CA ALA A 10 16.43 9.92 7.12
C ALA A 10 15.32 8.92 7.36
N VAL A 11 15.56 8.00 8.29
CA VAL A 11 14.59 6.96 8.65
C VAL A 11 13.29 7.57 9.12
N SER A 12 13.38 8.76 9.62
CA SER A 12 12.28 9.50 10.12
C SER A 12 11.16 9.69 9.07
N ARG A 13 11.56 9.89 7.84
CA ARG A 13 10.57 10.16 6.76
C ARG A 13 9.80 8.91 6.44
N ALA A 14 10.31 7.78 6.88
CA ALA A 14 9.73 6.50 6.60
C ALA A 14 9.24 5.85 7.88
N LEU A 15 9.45 6.51 9.01
CA LEU A 15 9.15 5.88 10.29
C LEU A 15 8.21 6.73 11.09
N GLN A 16 8.26 8.04 10.92
CA GLN A 16 7.39 8.91 11.68
C GLN A 16 5.95 8.61 11.41
N GLN A 17 5.65 8.21 10.19
CA GLN A 17 4.29 7.95 9.87
C GLN A 17 3.90 6.52 10.09
N CYS A 18 4.86 5.72 10.47
CA CYS A 18 4.66 4.31 10.79
C CYS A 18 3.75 4.16 12.00
N GLY A 19 4.10 4.83 13.08
CA GLY A 19 3.32 4.65 14.28
C GLY A 19 3.13 5.93 15.04
N GLN A 20 4.11 6.81 14.98
CA GLN A 20 4.07 8.06 15.67
C GLN A 20 2.97 8.99 15.15
N LEU A 21 2.99 9.31 13.88
CA LEU A 21 1.96 10.16 13.32
C LEU A 21 0.69 9.35 13.08
N GLN A 22 0.72 8.49 12.04
CA GLN A 22 -0.38 7.58 11.68
C GLN A 22 -1.68 8.32 11.29
N LYS A 23 -1.57 9.58 11.17
CA LYS A 23 -2.72 10.42 10.86
C LYS A 23 -2.89 10.42 9.37
N LEU A 24 -1.81 10.31 8.74
CA LEU A 24 -1.73 10.37 7.33
C LEU A 24 -2.21 9.07 6.70
N ILE A 25 -1.92 7.99 7.35
CA ILE A 25 -2.27 6.70 6.82
C ILE A 25 -3.59 6.22 7.39
N ASP A 26 -3.86 6.50 8.65
CA ASP A 26 -5.10 5.96 9.26
C ASP A 26 -6.22 6.94 9.17
N ILE A 27 -5.93 8.13 9.52
CA ILE A 27 -6.94 9.18 9.56
C ILE A 27 -7.42 9.49 8.13
N SER A 28 -6.49 9.50 7.20
CA SER A 28 -6.82 9.71 5.83
C SER A 28 -7.42 8.46 5.17
N ILE A 29 -7.17 7.29 5.75
CA ILE A 29 -7.77 6.06 5.24
C ILE A 29 -9.17 5.94 5.77
N GLY A 30 -9.43 6.56 6.92
CA GLY A 30 -10.74 6.52 7.56
C GLY A 30 -11.84 7.00 6.65
N SER A 31 -11.51 7.94 5.82
CA SER A 31 -12.42 8.48 4.86
C SER A 31 -12.85 7.40 3.83
N LEU A 32 -11.87 6.74 3.21
CA LEU A 32 -12.18 5.66 2.28
C LEU A 32 -12.69 4.43 2.99
N ARG A 33 -12.25 4.26 4.22
CA ARG A 33 -12.62 3.12 5.07
C ARG A 33 -14.13 3.10 5.32
N GLY A 34 -14.75 4.24 5.21
CA GLY A 34 -16.18 4.30 5.29
C GLY A 34 -16.80 3.89 3.96
N LEU A 35 -16.29 4.48 2.88
CA LEU A 35 -16.82 4.26 1.53
C LEU A 35 -16.56 2.85 1.01
N ARG A 36 -15.50 2.20 1.52
CA ARG A 36 -15.17 0.82 1.16
C ARG A 36 -16.31 -0.11 1.49
N THR A 37 -16.90 0.10 2.64
CA THR A 37 -17.95 -0.76 3.07
C THR A 37 -19.33 -0.12 2.88
N LYS A 38 -19.76 0.70 3.83
CA LYS A 38 -21.08 1.33 3.77
C LYS A 38 -21.00 2.74 4.30
N CYS A 39 -21.15 3.69 3.41
CA CYS A 39 -21.16 5.11 3.75
C CYS A 39 -21.46 5.89 2.49
N SER A 40 -22.06 7.03 2.64
CA SER A 40 -22.35 7.92 1.56
C SER A 40 -22.35 9.32 2.09
N VAL A 41 -21.71 10.21 1.37
CA VAL A 41 -21.68 11.60 1.77
C VAL A 41 -22.26 12.38 0.61
N SER A 42 -23.12 13.32 0.91
CA SER A 42 -23.79 14.09 -0.13
C SER A 42 -22.90 15.24 -0.60
N ASN A 43 -21.75 15.36 0.00
CA ASN A 43 -20.82 16.37 -0.38
C ASN A 43 -19.87 15.83 -1.43
N ASP A 44 -20.15 16.18 -2.66
CA ASP A 44 -19.42 15.68 -3.83
C ASP A 44 -17.96 16.11 -3.78
N LEU A 45 -17.73 17.31 -3.30
CA LEU A 45 -16.39 17.86 -3.26
C LEU A 45 -15.53 17.07 -2.29
N THR A 46 -16.17 16.56 -1.24
CA THR A 46 -15.51 15.76 -0.29
C THR A 46 -15.27 14.39 -0.89
N GLN A 47 -16.24 13.86 -1.64
CA GLN A 47 -16.10 12.56 -2.30
C GLN A 47 -14.87 12.57 -3.20
N GLN A 48 -14.67 13.69 -3.84
CA GLN A 48 -13.58 13.83 -4.76
C GLN A 48 -12.24 14.05 -4.04
N GLU A 49 -12.26 14.67 -2.86
CA GLU A 49 -11.02 14.84 -2.11
C GLU A 49 -10.68 13.52 -1.41
N ILE A 50 -11.69 12.71 -1.16
CA ILE A 50 -11.51 11.40 -0.62
C ILE A 50 -10.75 10.54 -1.63
N ARG A 51 -11.09 10.71 -2.90
CA ARG A 51 -10.39 10.01 -3.97
C ARG A 51 -8.95 10.52 -4.02
N THR A 52 -8.78 11.78 -3.70
CA THR A 52 -7.47 12.39 -3.63
C THR A 52 -6.67 11.75 -2.50
N LEU A 53 -7.35 11.48 -1.38
CA LEU A 53 -6.76 10.82 -0.23
C LEU A 53 -6.23 9.47 -0.64
N GLU A 54 -7.05 8.70 -1.36
CA GLU A 54 -6.67 7.36 -1.83
C GLU A 54 -5.33 7.40 -2.54
N ALA A 55 -5.19 8.29 -3.49
CA ALA A 55 -3.95 8.42 -4.23
C ALA A 55 -2.83 8.89 -3.30
N LYS A 56 -3.20 9.76 -2.38
CA LYS A 56 -2.25 10.35 -1.43
C LYS A 56 -1.67 9.34 -0.43
N LEU A 57 -2.49 8.45 0.12
CA LEU A 57 -2.01 7.45 1.08
C LEU A 57 -0.97 6.54 0.48
N VAL A 58 -1.04 6.32 -0.83
CA VAL A 58 -0.06 5.51 -1.53
C VAL A 58 1.33 6.12 -1.36
N LYS A 59 1.39 7.44 -1.26
CA LYS A 59 2.66 8.13 -1.10
C LYS A 59 3.23 7.96 0.30
N TYR A 60 2.42 7.48 1.22
CA TYR A 60 2.85 7.35 2.58
C TYR A 60 3.21 5.94 2.86
N ILE A 61 2.59 5.05 2.14
CA ILE A 61 2.85 3.67 2.35
C ILE A 61 3.92 3.16 1.39
N CYS A 62 3.90 3.65 0.17
CA CYS A 62 4.79 3.16 -0.86
C CYS A 62 6.10 3.92 -0.90
N LYS A 63 6.36 4.68 0.13
CA LYS A 63 7.63 5.36 0.25
C LYS A 63 8.72 4.38 0.67
N GLN A 64 8.34 3.15 0.87
CA GLN A 64 9.23 2.09 1.21
C GLN A 64 9.98 1.59 -0.02
N GLN A 65 9.49 1.91 -1.18
CA GLN A 65 10.17 1.55 -2.41
C GLN A 65 10.71 2.78 -3.12
N GLN A 66 10.15 3.92 -2.79
CA GLN A 66 10.57 5.18 -3.36
C GLN A 66 11.61 5.85 -2.47
N SER A 67 11.24 6.08 -1.25
CA SER A 67 12.09 6.76 -0.32
C SER A 67 12.99 5.79 0.44
N LYS A 68 13.05 4.53 -0.04
CA LYS A 68 13.95 3.53 0.56
C LYS A 68 15.38 3.87 0.22
N LEU A 69 15.53 4.80 -0.69
CA LEU A 69 16.82 5.30 -1.06
C LEU A 69 17.42 6.04 0.14
N SER A 70 16.57 6.66 0.93
CA SER A 70 17.04 7.38 2.07
C SER A 70 17.05 6.46 3.29
N VAL A 71 16.32 5.35 3.22
CA VAL A 71 16.23 4.46 4.35
C VAL A 71 16.60 3.05 3.96
N THR A 72 17.71 2.60 4.45
CA THR A 72 18.17 1.31 4.16
C THR A 72 17.39 0.24 4.97
N PRO A 73 17.16 -0.95 4.37
CA PRO A 73 16.50 -2.09 5.03
C PRO A 73 17.14 -2.46 6.38
N SER A 74 18.44 -2.30 6.45
CA SER A 74 19.20 -2.68 7.61
C SER A 74 19.29 -1.59 8.70
N ASP A 75 18.65 -0.45 8.50
CA ASP A 75 18.71 0.60 9.54
C ASP A 75 17.35 0.86 10.13
N ARG A 76 16.32 0.49 9.39
CA ARG A 76 15.00 0.61 9.82
C ARG A 76 14.70 -0.58 10.74
N THR A 77 13.50 -0.77 10.99
CA THR A 77 13.04 -1.84 11.85
C THR A 77 12.40 -2.92 11.02
N ALA A 78 12.12 -4.05 11.62
CA ALA A 78 11.49 -5.15 10.92
C ALA A 78 10.07 -4.78 10.58
N GLU A 79 9.46 -3.95 11.43
CA GLU A 79 8.11 -3.49 11.20
C GLU A 79 8.12 -2.52 10.03
N LEU A 80 9.20 -1.76 9.94
CA LEU A 80 9.38 -0.81 8.88
C LEU A 80 9.60 -1.58 7.56
N ASN A 81 10.42 -2.63 7.63
CA ASN A 81 10.61 -3.57 6.47
C ASN A 81 9.33 -4.29 6.06
N SER A 82 8.31 -4.24 6.90
CA SER A 82 7.06 -4.90 6.60
C SER A 82 6.15 -3.98 5.75
N TYR A 83 6.55 -2.71 5.62
CA TYR A 83 5.80 -1.77 4.83
C TYR A 83 6.10 -1.84 3.35
N PRO A 84 5.12 -1.46 2.52
CA PRO A 84 3.81 -1.09 3.01
C PRO A 84 2.98 -2.31 3.38
N ARG A 85 2.20 -2.17 4.42
CA ARG A 85 1.34 -3.23 4.87
C ARG A 85 0.38 -3.59 3.82
N PHE A 86 0.29 -4.86 3.51
CA PHE A 86 -0.56 -5.34 2.46
C PHE A 86 -2.00 -4.95 2.79
N SER A 87 -2.38 -5.17 4.05
CA SER A 87 -3.71 -4.84 4.53
C SER A 87 -3.96 -3.33 4.39
N ASP A 88 -2.94 -2.54 4.65
CA ASP A 88 -3.11 -1.07 4.54
C ASP A 88 -2.66 -0.54 3.19
N TRP A 89 -2.49 -1.44 2.25
CA TRP A 89 -2.10 -1.09 0.90
C TRP A 89 -3.23 -1.41 -0.03
N LEU A 90 -3.71 -2.62 0.02
CA LEU A 90 -4.78 -3.00 -0.84
C LEU A 90 -6.11 -2.39 -0.45
N TYR A 91 -6.15 -1.80 0.71
CA TYR A 91 -7.36 -1.18 1.16
C TYR A 91 -7.49 0.19 0.51
N ILE A 92 -6.35 0.73 0.09
CA ILE A 92 -6.24 2.05 -0.50
C ILE A 92 -6.99 2.07 -1.84
N PHE A 93 -6.69 1.10 -2.69
CA PHE A 93 -7.30 1.05 -4.02
C PHE A 93 -8.48 0.09 -4.00
N ASN A 94 -8.60 -0.66 -2.90
CA ASN A 94 -9.62 -1.69 -2.71
C ASN A 94 -9.35 -2.91 -3.61
N VAL A 95 -8.43 -3.74 -3.15
CA VAL A 95 -8.05 -4.94 -3.86
C VAL A 95 -8.46 -6.19 -3.08
N ARG A 96 -9.76 -6.49 -3.13
CA ARG A 96 -10.39 -7.74 -2.62
C ARG A 96 -9.82 -8.26 -1.31
N PRO A 97 -10.23 -7.68 -0.17
CA PRO A 97 -9.69 -8.07 1.14
C PRO A 97 -10.18 -9.47 1.55
N GLU A 98 -11.26 -9.86 0.93
CA GLU A 98 -11.92 -11.14 1.11
C GLU A 98 -10.97 -12.24 0.65
N VAL A 99 -10.22 -11.92 -0.37
CA VAL A 99 -9.32 -12.83 -1.04
C VAL A 99 -7.99 -12.90 -0.28
N VAL A 100 -7.70 -11.85 0.44
CA VAL A 100 -6.46 -11.74 1.20
C VAL A 100 -6.47 -12.71 2.36
N GLN A 101 -7.64 -12.96 2.86
CA GLN A 101 -7.81 -13.91 3.93
C GLN A 101 -7.66 -15.36 3.45
N GLU A 102 -7.49 -15.52 2.16
CA GLU A 102 -7.23 -16.82 1.56
C GLU A 102 -5.76 -16.99 1.34
N ILE A 103 -5.06 -15.87 1.36
CA ILE A 103 -3.65 -15.89 1.17
C ILE A 103 -3.03 -16.44 2.45
N PRO A 104 -2.02 -17.32 2.36
CA PRO A 104 -1.30 -17.74 3.55
C PRO A 104 -0.67 -16.50 4.14
N GLN A 105 -0.78 -16.32 5.45
CA GLN A 105 -0.40 -15.04 6.07
C GLN A 105 1.09 -14.71 5.93
N GLU A 106 1.89 -15.70 5.55
CA GLU A 106 3.28 -15.45 5.27
C GLU A 106 3.44 -14.69 3.95
N LEU A 107 2.51 -14.91 3.04
CA LEU A 107 2.57 -14.27 1.75
C LEU A 107 1.85 -12.95 1.87
N THR A 108 2.58 -11.92 1.68
CA THR A 108 2.09 -10.60 1.85
C THR A 108 2.55 -9.73 0.71
N LEU A 109 2.34 -8.42 0.83
CA LEU A 109 2.72 -7.46 -0.17
C LEU A 109 4.22 -7.53 -0.39
N ASP A 110 4.92 -7.78 0.72
CA ASP A 110 6.37 -7.99 0.78
C ASP A 110 6.84 -9.00 -0.27
N ALA A 111 5.98 -9.98 -0.55
CA ALA A 111 6.28 -10.98 -1.56
C ALA A 111 5.54 -10.69 -2.87
N LEU A 112 4.39 -10.03 -2.77
CA LEU A 112 3.60 -9.68 -3.95
C LEU A 112 4.37 -8.68 -4.83
N LEU A 113 5.07 -7.76 -4.20
CA LEU A 113 5.88 -6.79 -4.93
C LEU A 113 7.12 -7.41 -5.55
N GLU A 114 7.48 -8.55 -5.06
CA GLU A 114 8.59 -9.32 -5.61
C GLU A 114 8.17 -10.06 -6.86
N MET A 115 6.92 -10.45 -6.92
CA MET A 115 6.44 -11.25 -8.03
C MET A 115 6.00 -10.40 -9.20
N ASP A 116 5.99 -11.00 -10.36
CA ASP A 116 5.57 -10.32 -11.58
C ASP A 116 4.08 -10.22 -11.64
N GLU A 117 3.57 -9.27 -12.41
CA GLU A 117 2.12 -9.04 -12.53
C GLU A 117 1.40 -10.29 -13.04
N ALA A 118 2.05 -10.96 -13.98
CA ALA A 118 1.49 -12.16 -14.58
C ALA A 118 1.29 -13.25 -13.54
N LYS A 119 2.21 -13.33 -12.61
CA LYS A 119 2.13 -14.36 -11.58
C LYS A 119 1.21 -13.91 -10.46
N ALA A 120 1.13 -12.64 -10.27
CA ALA A 120 0.43 -12.06 -9.14
C ALA A 120 -1.04 -12.07 -9.42
N LYS A 121 -1.33 -11.94 -10.69
CA LYS A 121 -2.64 -12.08 -11.24
C LYS A 121 -3.18 -13.43 -10.88
N GLU A 122 -2.46 -14.45 -11.34
CA GLU A 122 -2.87 -15.82 -11.11
C GLU A 122 -2.83 -16.19 -9.64
N MET A 123 -1.94 -15.55 -8.89
CA MET A 123 -1.90 -15.71 -7.45
C MET A 123 -3.20 -15.31 -6.83
N LEU A 124 -3.59 -14.08 -7.06
CA LEU A 124 -4.80 -13.55 -6.50
C LEU A 124 -6.02 -14.30 -7.03
N ARG A 125 -5.98 -14.65 -8.31
CA ARG A 125 -7.07 -15.36 -8.97
C ARG A 125 -7.27 -16.72 -8.28
N ARG A 126 -6.17 -17.30 -7.85
CA ARG A 126 -6.11 -18.61 -7.20
C ARG A 126 -6.69 -18.55 -5.77
N TRP A 127 -6.93 -17.36 -5.30
CA TRP A 127 -7.46 -17.18 -3.99
C TRP A 127 -8.93 -16.78 -4.02
N GLY A 128 -9.48 -16.69 -5.20
CA GLY A 128 -10.88 -16.37 -5.30
C GLY A 128 -11.16 -15.18 -6.17
N ALA A 129 -10.14 -14.40 -6.47
CA ALA A 129 -10.30 -13.23 -7.33
C ALA A 129 -10.73 -13.69 -8.72
N SER A 130 -11.68 -12.99 -9.29
CA SER A 130 -12.23 -13.34 -10.56
C SER A 130 -11.23 -12.97 -11.65
N THR A 131 -11.34 -13.59 -12.80
CA THR A 131 -10.46 -13.31 -13.92
C THR A 131 -10.59 -11.85 -14.36
N GLU A 132 -11.77 -11.29 -14.20
CA GLU A 132 -12.01 -9.94 -14.62
C GLU A 132 -11.53 -9.02 -13.53
N GLU A 133 -11.63 -9.50 -12.32
CA GLU A 133 -11.23 -8.75 -11.19
C GLU A 133 -9.73 -8.65 -11.11
N CYS A 134 -9.03 -9.77 -11.33
CA CYS A 134 -7.58 -9.80 -11.22
C CYS A 134 -6.93 -8.73 -12.09
N SER A 135 -7.30 -8.68 -13.37
CA SER A 135 -6.76 -7.73 -14.33
C SER A 135 -7.06 -6.27 -13.91
N ARG A 136 -8.23 -6.08 -13.32
CA ARG A 136 -8.70 -4.79 -12.87
C ARG A 136 -7.87 -4.29 -11.67
N LEU A 137 -7.47 -5.24 -10.85
CA LEU A 137 -6.68 -4.98 -9.65
C LEU A 137 -5.24 -4.79 -10.00
N GLN A 138 -4.77 -5.58 -10.95
CA GLN A 138 -3.40 -5.46 -11.46
C GLN A 138 -3.06 -4.03 -11.85
N GLN A 139 -4.02 -3.32 -12.43
CA GLN A 139 -3.83 -1.92 -12.81
C GLN A 139 -3.43 -1.08 -11.60
N ALA A 140 -3.99 -1.41 -10.45
CA ALA A 140 -3.73 -0.71 -9.23
C ALA A 140 -2.43 -1.18 -8.58
N LEU A 141 -2.18 -2.50 -8.60
CA LEU A 141 -0.97 -3.05 -7.95
C LEU A 141 0.30 -2.55 -8.68
N THR A 142 0.18 -2.41 -9.99
CA THR A 142 1.26 -1.96 -10.88
C THR A 142 1.77 -0.55 -10.52
N CYS A 143 0.94 0.22 -9.82
CA CYS A 143 1.29 1.57 -9.35
C CYS A 143 2.56 1.53 -8.46
N LEU A 144 2.87 0.33 -7.97
CA LEU A 144 4.05 0.01 -7.17
C LEU A 144 5.33 0.46 -7.91
N ARG A 145 5.31 0.31 -9.21
CA ARG A 145 6.48 0.58 -10.03
C ARG A 145 6.56 2.04 -10.40
N LYS A 146 5.45 2.73 -10.29
CA LYS A 146 5.39 4.14 -10.57
C LYS A 146 5.92 4.93 -9.40
N VAL A 147 5.89 4.32 -8.25
CA VAL A 147 6.37 4.94 -7.06
C VAL A 147 7.80 4.44 -6.74
N THR A 148 8.70 4.84 -7.59
CA THR A 148 10.08 4.46 -7.47
C THR A 148 10.97 5.66 -7.21
N GLY A 149 12.20 5.41 -6.84
CA GLY A 149 13.12 6.46 -6.56
C GLY A 149 13.76 6.99 -7.81
#